data_4R1J
# 
_entry.id   4R1J 
# 
_audit_conform.dict_name       mmcif_pdbx.dic 
_audit_conform.dict_version    5.379 
_audit_conform.dict_location   http://mmcif.pdb.org/dictionaries/ascii/mmcif_pdbx.dic 
# 
loop_
_database_2.database_id 
_database_2.database_code 
_database_2.pdbx_database_accession 
_database_2.pdbx_DOI 
PDB   4R1J         pdb_00004r1j 10.2210/pdb4r1j/pdb 
RCSB  RCSB086782   ?            ?                   
WWPDB D_1000086782 ?            ?                   
# 
_pdbx_database_status.status_code                     REL 
_pdbx_database_status.entry_id                        4R1J 
_pdbx_database_status.recvd_initial_deposition_date   2014-08-06 
_pdbx_database_status.deposit_site                    RCSB 
_pdbx_database_status.process_site                    RCSB 
_pdbx_database_status.status_code_sf                  REL 
_pdbx_database_status.status_code_mr                  ? 
_pdbx_database_status.SG_entry                        ? 
_pdbx_database_status.status_code_cs                  ? 
_pdbx_database_status.methods_development_category    ? 
_pdbx_database_status.pdb_format_compatible           Y 
_pdbx_database_status.status_code_nmr_data            ? 
# 
loop_
_audit_author.name 
_audit_author.pdbx_ordinal 
'Altegoer, F.' 1 
'Bange, G.'    2 
# 
_citation.id                        primary 
_citation.title                     'A Synthetic Adenylation-Domain-Based tRNA-Aminoacylation Catalyst.' 
_citation.journal_abbrev            Angew.Chem.Int.Ed.Engl. 
_citation.journal_volume            54 
_citation.page_first                2492 
_citation.page_last                 2496 
_citation.year                      2015 
_citation.journal_id_ASTM           ? 
_citation.country                   GE 
_citation.journal_id_ISSN           1433-7851 
_citation.journal_id_CSD            9999 
_citation.book_publisher            ? 
_citation.pdbx_database_id_PubMed   25583137 
_citation.pdbx_database_id_DOI      10.1002/anie.201410047 
# 
loop_
_citation_author.citation_id 
_citation_author.name 
_citation_author.ordinal 
_citation_author.identifier_ORCID 
primary 'Giessen, T.W.'   1 ? 
primary 'Altegoer, F.'    2 ? 
primary 'Nebel, A.J.'     3 ? 
primary 'Steinbach, R.M.' 4 ? 
primary 'Bange, G.'       5 ? 
primary 'Marahiel, M.A.'  6 ? 
# 
_cell.entry_id           4R1J 
_cell.length_a           42.658 
_cell.length_b           49.961 
_cell.length_c           82.941 
_cell.angle_alpha        90.00 
_cell.angle_beta         90.00 
_cell.angle_gamma        90.00 
_cell.Z_PDB              4 
_cell.pdbx_unique_axis   ? 
_cell.length_a_esd       ? 
_cell.length_b_esd       ? 
_cell.length_c_esd       ? 
_cell.angle_alpha_esd    ? 
_cell.angle_beta_esd     ? 
_cell.angle_gamma_esd    ? 
# 
_symmetry.entry_id                         4R1J 
_symmetry.space_group_name_H-M             'P 21 21 21' 
_symmetry.pdbx_full_space_group_name_H-M   ? 
_symmetry.cell_setting                     ? 
_symmetry.Int_Tables_number                19 
_symmetry.space_group_name_Hall            ? 
# 
loop_
_entity.id 
_entity.type 
_entity.src_method 
_entity.pdbx_description 
_entity.formula_weight 
_entity.pdbx_number_of_molecules 
_entity.pdbx_ec 
_entity.pdbx_mutation 
_entity.pdbx_fragment 
_entity.details 
1 polymer     man 'GU4 nucleic-binding protein 1' 22055.178 1   ? ? 'unp residues 201-376' ? 
2 non-polymer syn GLYCEROL                        92.094    1   ? ? ?                      ? 
3 water       nat water                           18.015    267 ? ? ?                      ? 
# 
_entity_name_com.entity_id   1 
_entity_name_com.name        'G4p1 protein, P42, Protein ARC1' 
# 
_entity_poly.entity_id                      1 
_entity_poly.type                           'polypeptide(L)' 
_entity_poly.nstd_linkage                   no 
_entity_poly.nstd_monomer                   no 
_entity_poly.pdbx_seq_one_letter_code       
;MGSSHHHHHHSSGLVPRGSHMPEKPKPSAIDFRVGFIQKAIKHPDADSLYVSTIDVGDEEGPRTVCSGLVKHFPLDAMQE
RYVVVVCNLKPVNMRGIKSTAMVLCGSNDDKVEFVEPPKDSKAGDKVFFEGFGDEAPMKQLNPKKKIWEHLQPHFTTNDG
LEVIFKDEEEKDHPVRKLTNAKGERFKVASIANAQVR
;
_entity_poly.pdbx_seq_one_letter_code_can   
;MGSSHHHHHHSSGLVPRGSHMPEKPKPSAIDFRVGFIQKAIKHPDADSLYVSTIDVGDEEGPRTVCSGLVKHFPLDAMQE
RYVVVVCNLKPVNMRGIKSTAMVLCGSNDDKVEFVEPPKDSKAGDKVFFEGFGDEAPMKQLNPKKKIWEHLQPHFTTNDG
LEVIFKDEEEKDHPVRKLTNAKGERFKVASIANAQVR
;
_entity_poly.pdbx_strand_id                 A 
_entity_poly.pdbx_target_identifier         ? 
# 
loop_
_entity_poly_seq.entity_id 
_entity_poly_seq.num 
_entity_poly_seq.mon_id 
_entity_poly_seq.hetero 
1 1   MET n 
1 2   GLY n 
1 3   SER n 
1 4   SER n 
1 5   HIS n 
1 6   HIS n 
1 7   HIS n 
1 8   HIS n 
1 9   HIS n 
1 10  HIS n 
1 11  SER n 
1 12  SER n 
1 13  GLY n 
1 14  LEU n 
1 15  VAL n 
1 16  PRO n 
1 17  ARG n 
1 18  GLY n 
1 19  SER n 
1 20  HIS n 
1 21  MET n 
1 22  PRO n 
1 23  GLU n 
1 24  LYS n 
1 25  PRO n 
1 26  LYS n 
1 27  PRO n 
1 28  SER n 
1 29  ALA n 
1 30  ILE n 
1 31  ASP n 
1 32  PHE n 
1 33  ARG n 
1 34  VAL n 
1 35  GLY n 
1 36  PHE n 
1 37  ILE n 
1 38  GLN n 
1 39  LYS n 
1 40  ALA n 
1 41  ILE n 
1 42  LYS n 
1 43  HIS n 
1 44  PRO n 
1 45  ASP n 
1 46  ALA n 
1 47  ASP n 
1 48  SER n 
1 49  LEU n 
1 50  TYR n 
1 51  VAL n 
1 52  SER n 
1 53  THR n 
1 54  ILE n 
1 55  ASP n 
1 56  VAL n 
1 57  GLY n 
1 58  ASP n 
1 59  GLU n 
1 60  GLU n 
1 61  GLY n 
1 62  PRO n 
1 63  ARG n 
1 64  THR n 
1 65  VAL n 
1 66  CYS n 
1 67  SER n 
1 68  GLY n 
1 69  LEU n 
1 70  VAL n 
1 71  LYS n 
1 72  HIS n 
1 73  PHE n 
1 74  PRO n 
1 75  LEU n 
1 76  ASP n 
1 77  ALA n 
1 78  MET n 
1 79  GLN n 
1 80  GLU n 
1 81  ARG n 
1 82  TYR n 
1 83  VAL n 
1 84  VAL n 
1 85  VAL n 
1 86  VAL n 
1 87  CYS n 
1 88  ASN n 
1 89  LEU n 
1 90  LYS n 
1 91  PRO n 
1 92  VAL n 
1 93  ASN n 
1 94  MET n 
1 95  ARG n 
1 96  GLY n 
1 97  ILE n 
1 98  LYS n 
1 99  SER n 
1 100 THR n 
1 101 ALA n 
1 102 MET n 
1 103 VAL n 
1 104 LEU n 
1 105 CYS n 
1 106 GLY n 
1 107 SER n 
1 108 ASN n 
1 109 ASP n 
1 110 ASP n 
1 111 LYS n 
1 112 VAL n 
1 113 GLU n 
1 114 PHE n 
1 115 VAL n 
1 116 GLU n 
1 117 PRO n 
1 118 PRO n 
1 119 LYS n 
1 120 ASP n 
1 121 SER n 
1 122 LYS n 
1 123 ALA n 
1 124 GLY n 
1 125 ASP n 
1 126 LYS n 
1 127 VAL n 
1 128 PHE n 
1 129 PHE n 
1 130 GLU n 
1 131 GLY n 
1 132 PHE n 
1 133 GLY n 
1 134 ASP n 
1 135 GLU n 
1 136 ALA n 
1 137 PRO n 
1 138 MET n 
1 139 LYS n 
1 140 GLN n 
1 141 LEU n 
1 142 ASN n 
1 143 PRO n 
1 144 LYS n 
1 145 LYS n 
1 146 LYS n 
1 147 ILE n 
1 148 TRP n 
1 149 GLU n 
1 150 HIS n 
1 151 LEU n 
1 152 GLN n 
1 153 PRO n 
1 154 HIS n 
1 155 PHE n 
1 156 THR n 
1 157 THR n 
1 158 ASN n 
1 159 ASP n 
1 160 GLY n 
1 161 LEU n 
1 162 GLU n 
1 163 VAL n 
1 164 ILE n 
1 165 PHE n 
1 166 LYS n 
1 167 ASP n 
1 168 GLU n 
1 169 GLU n 
1 170 GLU n 
1 171 LYS n 
1 172 ASP n 
1 173 HIS n 
1 174 PRO n 
1 175 VAL n 
1 176 ARG n 
1 177 LYS n 
1 178 LEU n 
1 179 THR n 
1 180 ASN n 
1 181 ALA n 
1 182 LYS n 
1 183 GLY n 
1 184 GLU n 
1 185 ARG n 
1 186 PHE n 
1 187 LYS n 
1 188 VAL n 
1 189 ALA n 
1 190 SER n 
1 191 ILE n 
1 192 ALA n 
1 193 ASN n 
1 194 ALA n 
1 195 GLN n 
1 196 VAL n 
1 197 ARG n 
# 
_entity_src_gen.entity_id                          1 
_entity_src_gen.pdbx_src_id                        1 
_entity_src_gen.pdbx_alt_source_flag               sample 
_entity_src_gen.pdbx_seq_type                      ? 
_entity_src_gen.pdbx_beg_seq_num                   ? 
_entity_src_gen.pdbx_end_seq_num                   ? 
_entity_src_gen.gene_src_common_name               
;Baker's yeast
;
_entity_src_gen.gene_src_genus                     ? 
_entity_src_gen.pdbx_gene_src_gene                 'ARC1, G4P1, YGL105W, G3085' 
_entity_src_gen.gene_src_species                   ? 
_entity_src_gen.gene_src_strain                    'ATCC 204508 / S288c' 
_entity_src_gen.gene_src_tissue                    ? 
_entity_src_gen.gene_src_tissue_fraction           ? 
_entity_src_gen.gene_src_details                   ? 
_entity_src_gen.pdbx_gene_src_fragment             ? 
_entity_src_gen.pdbx_gene_src_scientific_name      'Saccharomyces cerevisiae' 
_entity_src_gen.pdbx_gene_src_ncbi_taxonomy_id     559292 
_entity_src_gen.pdbx_gene_src_variant              ? 
_entity_src_gen.pdbx_gene_src_cell_line            ? 
_entity_src_gen.pdbx_gene_src_atcc                 ? 
_entity_src_gen.pdbx_gene_src_organ                ? 
_entity_src_gen.pdbx_gene_src_organelle            ? 
_entity_src_gen.pdbx_gene_src_cell                 ? 
_entity_src_gen.pdbx_gene_src_cellular_location    ? 
_entity_src_gen.host_org_common_name               ? 
_entity_src_gen.pdbx_host_org_scientific_name      'Escherichia coli' 
_entity_src_gen.pdbx_host_org_ncbi_taxonomy_id     562 
_entity_src_gen.host_org_genus                     ? 
_entity_src_gen.pdbx_host_org_gene                 ? 
_entity_src_gen.pdbx_host_org_organ                ? 
_entity_src_gen.host_org_species                   ? 
_entity_src_gen.pdbx_host_org_tissue               ? 
_entity_src_gen.pdbx_host_org_tissue_fraction      ? 
_entity_src_gen.pdbx_host_org_strain               ? 
_entity_src_gen.pdbx_host_org_variant              ? 
_entity_src_gen.pdbx_host_org_cell_line            ? 
_entity_src_gen.pdbx_host_org_atcc                 ? 
_entity_src_gen.pdbx_host_org_culture_collection   ? 
_entity_src_gen.pdbx_host_org_cell                 ? 
_entity_src_gen.pdbx_host_org_organelle            ? 
_entity_src_gen.pdbx_host_org_cellular_location    ? 
_entity_src_gen.pdbx_host_org_vector_type          ? 
_entity_src_gen.pdbx_host_org_vector               ? 
_entity_src_gen.host_org_details                   ? 
_entity_src_gen.expression_system_id               ? 
_entity_src_gen.plasmid_name                       ? 
_entity_src_gen.plasmid_details                    ? 
_entity_src_gen.pdbx_description                   ? 
# 
_struct_ref.id                         1 
_struct_ref.db_name                    UNP 
_struct_ref.db_code                    G4P1_YEAST 
_struct_ref.pdbx_db_accession          P46672 
_struct_ref.entity_id                  1 
_struct_ref.pdbx_seq_one_letter_code   
;PEKPKPSAIDFRVGFIQKAIKHPDADSLYVSTIDVGDEEGPRTVCSGLVKHFPLDAMQERYVVVVCNLKPVNMRGIKSTA
MVLCGSNDDKVEFVEPPKDSKAGDKVFFEGFGDEAPMKQLNPKKKIWEHLQPHFTTNDGLEVIFKDEEEKDHPVRKLTNA
KGESFKVASIANAQVR
;
_struct_ref.pdbx_align_begin           201 
_struct_ref.pdbx_db_isoform            ? 
# 
_struct_ref_seq.align_id                      1 
_struct_ref_seq.ref_id                        1 
_struct_ref_seq.pdbx_PDB_id_code              4R1J 
_struct_ref_seq.pdbx_strand_id                A 
_struct_ref_seq.seq_align_beg                 22 
_struct_ref_seq.pdbx_seq_align_beg_ins_code   ? 
_struct_ref_seq.seq_align_end                 197 
_struct_ref_seq.pdbx_seq_align_end_ins_code   ? 
_struct_ref_seq.pdbx_db_accession             P46672 
_struct_ref_seq.db_align_beg                  201 
_struct_ref_seq.pdbx_db_align_beg_ins_code    ? 
_struct_ref_seq.db_align_end                  376 
_struct_ref_seq.pdbx_db_align_end_ins_code    ? 
_struct_ref_seq.pdbx_auth_seq_align_beg       1 
_struct_ref_seq.pdbx_auth_seq_align_end       176 
# 
loop_
_struct_ref_seq_dif.align_id 
_struct_ref_seq_dif.pdbx_pdb_id_code 
_struct_ref_seq_dif.mon_id 
_struct_ref_seq_dif.pdbx_pdb_strand_id 
_struct_ref_seq_dif.seq_num 
_struct_ref_seq_dif.pdbx_pdb_ins_code 
_struct_ref_seq_dif.pdbx_seq_db_name 
_struct_ref_seq_dif.pdbx_seq_db_accession_code 
_struct_ref_seq_dif.db_mon_id 
_struct_ref_seq_dif.pdbx_seq_db_seq_num 
_struct_ref_seq_dif.details 
_struct_ref_seq_dif.pdbx_auth_seq_num 
_struct_ref_seq_dif.pdbx_ordinal 
1 4R1J MET A 1   ? UNP P46672 ?   ?   'initiating methionine' -20 1  
1 4R1J GLY A 2   ? UNP P46672 ?   ?   'expression tag'        -19 2  
1 4R1J SER A 3   ? UNP P46672 ?   ?   'expression tag'        -18 3  
1 4R1J SER A 4   ? UNP P46672 ?   ?   'expression tag'        -17 4  
1 4R1J HIS A 5   ? UNP P46672 ?   ?   'expression tag'        -16 5  
1 4R1J HIS A 6   ? UNP P46672 ?   ?   'expression tag'        -15 6  
1 4R1J HIS A 7   ? UNP P46672 ?   ?   'expression tag'        -14 7  
1 4R1J HIS A 8   ? UNP P46672 ?   ?   'expression tag'        -13 8  
1 4R1J HIS A 9   ? UNP P46672 ?   ?   'expression tag'        -12 9  
1 4R1J HIS A 10  ? UNP P46672 ?   ?   'expression tag'        -11 10 
1 4R1J SER A 11  ? UNP P46672 ?   ?   'expression tag'        -10 11 
1 4R1J SER A 12  ? UNP P46672 ?   ?   'expression tag'        -9  12 
1 4R1J GLY A 13  ? UNP P46672 ?   ?   'expression tag'        -8  13 
1 4R1J LEU A 14  ? UNP P46672 ?   ?   'expression tag'        -7  14 
1 4R1J VAL A 15  ? UNP P46672 ?   ?   'expression tag'        -6  15 
1 4R1J PRO A 16  ? UNP P46672 ?   ?   'expression tag'        -5  16 
1 4R1J ARG A 17  ? UNP P46672 ?   ?   'expression tag'        -4  17 
1 4R1J GLY A 18  ? UNP P46672 ?   ?   'expression tag'        -3  18 
1 4R1J SER A 19  ? UNP P46672 ?   ?   'expression tag'        -2  19 
1 4R1J HIS A 20  ? UNP P46672 ?   ?   'expression tag'        -1  20 
1 4R1J MET A 21  ? UNP P46672 ?   ?   'expression tag'        0   21 
1 4R1J ARG A 185 ? UNP P46672 SER 364 conflict                164 22 
# 
loop_
_chem_comp.id 
_chem_comp.type 
_chem_comp.mon_nstd_flag 
_chem_comp.name 
_chem_comp.pdbx_synonyms 
_chem_comp.formula 
_chem_comp.formula_weight 
ALA 'L-peptide linking' y ALANINE         ?                               'C3 H7 N O2'     89.093  
ARG 'L-peptide linking' y ARGININE        ?                               'C6 H15 N4 O2 1' 175.209 
ASN 'L-peptide linking' y ASPARAGINE      ?                               'C4 H8 N2 O3'    132.118 
ASP 'L-peptide linking' y 'ASPARTIC ACID' ?                               'C4 H7 N O4'     133.103 
CYS 'L-peptide linking' y CYSTEINE        ?                               'C3 H7 N O2 S'   121.158 
GLN 'L-peptide linking' y GLUTAMINE       ?                               'C5 H10 N2 O3'   146.144 
GLU 'L-peptide linking' y 'GLUTAMIC ACID' ?                               'C5 H9 N O4'     147.129 
GLY 'peptide linking'   y GLYCINE         ?                               'C2 H5 N O2'     75.067  
GOL non-polymer         . GLYCEROL        'GLYCERIN; PROPANE-1,2,3-TRIOL' 'C3 H8 O3'       92.094  
HIS 'L-peptide linking' y HISTIDINE       ?                               'C6 H10 N3 O2 1' 156.162 
HOH non-polymer         . WATER           ?                               'H2 O'           18.015  
ILE 'L-peptide linking' y ISOLEUCINE      ?                               'C6 H13 N O2'    131.173 
LEU 'L-peptide linking' y LEUCINE         ?                               'C6 H13 N O2'    131.173 
LYS 'L-peptide linking' y LYSINE          ?                               'C6 H15 N2 O2 1' 147.195 
MET 'L-peptide linking' y METHIONINE      ?                               'C5 H11 N O2 S'  149.211 
PHE 'L-peptide linking' y PHENYLALANINE   ?                               'C9 H11 N O2'    165.189 
PRO 'L-peptide linking' y PROLINE         ?                               'C5 H9 N O2'     115.130 
SER 'L-peptide linking' y SERINE          ?                               'C3 H7 N O3'     105.093 
THR 'L-peptide linking' y THREONINE       ?                               'C4 H9 N O3'     119.119 
TRP 'L-peptide linking' y TRYPTOPHAN      ?                               'C11 H12 N2 O2'  204.225 
TYR 'L-peptide linking' y TYROSINE        ?                               'C9 H11 N O3'    181.189 
VAL 'L-peptide linking' y VALINE          ?                               'C5 H11 N O2'    117.146 
# 
_exptl.entry_id          4R1J 
_exptl.method            'X-RAY DIFFRACTION' 
_exptl.crystals_number   1 
# 
_exptl_crystal.id                    1 
_exptl_crystal.density_meas          ? 
_exptl_crystal.density_Matthews      2.00 
_exptl_crystal.density_percent_sol   38.61 
_exptl_crystal.description           ? 
_exptl_crystal.F_000                 ? 
_exptl_crystal.preparation           ? 
# 
_exptl_crystal_grow.crystal_id      1 
_exptl_crystal_grow.method          'VAPOR DIFFUSION, SITTING DROP' 
_exptl_crystal_grow.temp            293 
_exptl_crystal_grow.temp_details    ? 
_exptl_crystal_grow.pH              6.0 
_exptl_crystal_grow.pdbx_details    
'0.1M MES, pH 6.0, 10 % v/v glycerol, 30 % w/v PEG 600 and 5 % w/v PEG 1000, VAPOR DIFFUSION, SITTING DROP, temperature 293K' 
_exptl_crystal_grow.pdbx_pH_range   ? 
# 
_diffrn.id                     1 
_diffrn.ambient_temp           77 
_diffrn.ambient_temp_details   ? 
_diffrn.crystal_id             1 
# 
_diffrn_detector.diffrn_id              1 
_diffrn_detector.detector               PIXEL 
_diffrn_detector.type                   'DECTRIS PILATUS 6M' 
_diffrn_detector.pdbx_collection_date   2014-07-28 
_diffrn_detector.details                ? 
# 
_diffrn_radiation.diffrn_id                        1 
_diffrn_radiation.wavelength_id                    1 
_diffrn_radiation.pdbx_monochromatic_or_laue_m_l   M 
_diffrn_radiation.monochromator                    'Single crystal' 
_diffrn_radiation.pdbx_diffrn_protocol             'SINGLE WAVELENGTH' 
_diffrn_radiation.pdbx_scattering_type             x-ray 
# 
_diffrn_radiation_wavelength.id           1 
_diffrn_radiation_wavelength.wavelength   0.97871 
_diffrn_radiation_wavelength.wt           1.0 
# 
_diffrn_source.diffrn_id                   1 
_diffrn_source.source                      SYNCHROTRON 
_diffrn_source.type                        'ESRF BEAMLINE ID23-1' 
_diffrn_source.pdbx_synchrotron_site       ESRF 
_diffrn_source.pdbx_synchrotron_beamline   ID23-1 
_diffrn_source.pdbx_wavelength             ? 
_diffrn_source.pdbx_wavelength_list        0.97871 
# 
_reflns.entry_id                     4R1J 
_reflns.observed_criterion_sigma_I   0 
_reflns.observed_criterion_sigma_F   0 
_reflns.d_resolution_low             42.8 
_reflns.d_resolution_high            1.4 
_reflns.number_obs                   35696 
_reflns.number_all                   ? 
_reflns.percent_possible_obs         99.8 
_reflns.pdbx_Rmerge_I_obs            0.071 
_reflns.pdbx_Rsym_value              ? 
_reflns.pdbx_netI_over_sigmaI        13.3 
_reflns.B_iso_Wilson_estimate        ? 
_reflns.pdbx_redundancy              6.5 
_reflns.R_free_details               ? 
_reflns.limit_h_max                  ? 
_reflns.limit_h_min                  ? 
_reflns.limit_k_max                  ? 
_reflns.limit_k_min                  ? 
_reflns.limit_l_max                  ? 
_reflns.limit_l_min                  ? 
_reflns.observed_criterion_F_max     ? 
_reflns.observed_criterion_F_min     ? 
_reflns.pdbx_chi_squared             ? 
_reflns.pdbx_scaling_rejects         ? 
_reflns.pdbx_ordinal                 1 
_reflns.pdbx_diffrn_id               1 
# 
_reflns_shell.d_res_high             1.4 
_reflns_shell.d_res_low              1.48 
_reflns_shell.percent_possible_all   99.1 
_reflns_shell.Rmerge_I_obs           0.51 
_reflns_shell.pdbx_Rsym_value        ? 
_reflns_shell.meanI_over_sigI_obs    3.0 
_reflns_shell.pdbx_redundancy        6.4 
_reflns_shell.percent_possible_obs   ? 
_reflns_shell.number_unique_all      ? 
_reflns_shell.number_measured_all    ? 
_reflns_shell.number_measured_obs    ? 
_reflns_shell.number_unique_obs      ? 
_reflns_shell.pdbx_chi_squared       ? 
_reflns_shell.pdbx_ordinal           1 
_reflns_shell.pdbx_diffrn_id         1 
# 
_refine.entry_id                                 4R1J 
_refine.ls_number_reflns_obs                     34792 
_refine.ls_number_reflns_all                     0 
_refine.pdbx_ls_sigma_I                          ? 
_refine.pdbx_ls_sigma_F                          0.00 
_refine.pdbx_data_cutoff_high_absF               ? 
_refine.pdbx_data_cutoff_low_absF                ? 
_refine.pdbx_data_cutoff_high_rms_absF           ? 
_refine.ls_d_res_low                             42.796 
_refine.ls_d_res_high                            1.4 
_refine.ls_percent_reflns_obs                    97.41 
_refine.ls_R_factor_obs                          0.1780 
_refine.ls_R_factor_all                          ? 
_refine.ls_R_factor_R_work                       0.1768 
_refine.ls_R_factor_R_free                       0.2013 
_refine.ls_R_factor_R_free_error                 ? 
_refine.ls_R_factor_R_free_error_details         ? 
_refine.ls_percent_reflns_R_free                 4.85 
_refine.ls_number_reflns_R_free                  1687 
_refine.ls_number_parameters                     ? 
_refine.ls_number_restraints                     ? 
_refine.occupancy_min                            ? 
_refine.occupancy_max                            ? 
_refine.correlation_coeff_Fo_to_Fc               ? 
_refine.correlation_coeff_Fo_to_Fc_free          ? 
_refine.B_iso_mean                               ? 
_refine.aniso_B[1][1]                            ? 
_refine.aniso_B[2][2]                            ? 
_refine.aniso_B[3][3]                            ? 
_refine.aniso_B[1][2]                            ? 
_refine.aniso_B[1][3]                            ? 
_refine.aniso_B[2][3]                            ? 
_refine.solvent_model_details                    'FLAT BULK SOLVENT MODEL' 
_refine.solvent_model_param_ksol                 ? 
_refine.solvent_model_param_bsol                 ? 
_refine.pdbx_solvent_vdw_probe_radii             1.11 
_refine.pdbx_solvent_ion_probe_radii             ? 
_refine.pdbx_solvent_shrinkage_radii             0.90 
_refine.pdbx_ls_cross_valid_method               ? 
_refine.details                                  ? 
_refine.pdbx_starting_model                      1FL0 
_refine.pdbx_method_to_determine_struct          'MOLECULAR REPLACEMENT' 
_refine.pdbx_isotropic_thermal_model             ? 
_refine.pdbx_stereochemistry_target_values       ML 
_refine.pdbx_stereochem_target_val_spec_case     ? 
_refine.pdbx_R_Free_selection_details            RANDOM 
_refine.pdbx_overall_ESU_R                       ? 
_refine.pdbx_overall_ESU_R_Free                  ? 
_refine.overall_SU_ML                            0.12 
_refine.pdbx_overall_phase_error                 20.46 
_refine.overall_SU_B                             ? 
_refine.overall_SU_R_Cruickshank_DPI             ? 
_refine.ls_redundancy_reflns_obs                 ? 
_refine.B_iso_min                                ? 
_refine.B_iso_max                                ? 
_refine.overall_SU_R_free                        ? 
_refine.ls_wR_factor_R_free                      ? 
_refine.ls_wR_factor_R_work                      ? 
_refine.overall_FOM_free_R_set                   ? 
_refine.overall_FOM_work_R_set                   ? 
_refine.pdbx_diffrn_id                           1 
_refine.pdbx_refine_id                           'X-RAY DIFFRACTION' 
_refine.pdbx_TLS_residual_ADP_flag               ? 
_refine.pdbx_overall_SU_R_free_Cruickshank_DPI   ? 
_refine.pdbx_overall_SU_R_Blow_DPI               ? 
_refine.pdbx_overall_SU_R_free_Blow_DPI          ? 
# 
_refine_hist.pdbx_refine_id                   'X-RAY DIFFRACTION' 
_refine_hist.cycle_id                         LAST 
_refine_hist.pdbx_number_atoms_protein        1370 
_refine_hist.pdbx_number_atoms_nucleic_acid   0 
_refine_hist.pdbx_number_atoms_ligand         6 
_refine_hist.number_atoms_solvent             267 
_refine_hist.number_atoms_total               1643 
_refine_hist.d_res_high                       1.4 
_refine_hist.d_res_low                        42.796 
# 
loop_
_refine_ls_restr.type 
_refine_ls_restr.dev_ideal 
_refine_ls_restr.dev_ideal_target 
_refine_ls_restr.weight 
_refine_ls_restr.number 
_refine_ls_restr.pdbx_restraint_function 
_refine_ls_restr.pdbx_refine_id 
f_bond_d           0.006  ? ? 1416 ? 'X-RAY DIFFRACTION' 
f_angle_d          1.148  ? ? 1910 ? 'X-RAY DIFFRACTION' 
f_dihedral_angle_d 12.041 ? ? 549  ? 'X-RAY DIFFRACTION' 
f_chiral_restr     0.078  ? ? 207  ? 'X-RAY DIFFRACTION' 
f_plane_restr      0.005  ? ? 251  ? 'X-RAY DIFFRACTION' 
# 
loop_
_refine_ls_shell.pdbx_total_number_of_bins_used 
_refine_ls_shell.d_res_high 
_refine_ls_shell.d_res_low 
_refine_ls_shell.number_reflns_R_work 
_refine_ls_shell.R_factor_R_work 
_refine_ls_shell.percent_reflns_obs 
_refine_ls_shell.R_factor_R_free 
_refine_ls_shell.R_factor_R_free_error 
_refine_ls_shell.percent_reflns_R_free 
_refine_ls_shell.number_reflns_R_free 
_refine_ls_shell.number_reflns_all 
_refine_ls_shell.R_factor_all 
_refine_ls_shell.number_reflns_obs 
_refine_ls_shell.redundancy_reflns_obs 
_refine_ls_shell.pdbx_refine_id 
. 1.3994 1.4405  2538 0.2439 91.00  0.2691 . . 112 . . . . 'X-RAY DIFFRACTION' 
. 1.4405 1.4870  2649 0.2167 95.00  0.2758 . . 139 . . . . 'X-RAY DIFFRACTION' 
. 1.4870 1.5402  2662 0.2054 96.00  0.2364 . . 133 . . . . 'X-RAY DIFFRACTION' 
. 1.5402 1.6019  2697 0.1892 96.00  0.2066 . . 137 . . . . 'X-RAY DIFFRACTION' 
. 1.6019 1.6748  2687 0.1760 97.00  0.2160 . . 154 . . . . 'X-RAY DIFFRACTION' 
. 1.6748 1.7631  2768 0.1767 98.00  0.2005 . . 113 . . . . 'X-RAY DIFFRACTION' 
. 1.7631 1.8735  2768 0.1724 99.00  0.1960 . . 146 . . . . 'X-RAY DIFFRACTION' 
. 1.8735 2.0182  2776 0.1733 99.00  0.2020 . . 160 . . . . 'X-RAY DIFFRACTION' 
. 2.0182 2.2213  2814 0.1659 99.00  0.2161 . . 135 . . . . 'X-RAY DIFFRACTION' 
. 2.2213 2.5427  2846 0.1794 100.00 0.1969 . . 155 . . . . 'X-RAY DIFFRACTION' 
. 2.5427 3.2033  2871 0.1826 100.00 0.1847 . . 152 . . . . 'X-RAY DIFFRACTION' 
. 3.2033 42.8164 3029 0.1629 100.00 0.1895 . . 151 . . . . 'X-RAY DIFFRACTION' 
# 
_struct.entry_id                  4R1J 
_struct.title                     'Crystal structure of Arc1p-C' 
_struct.pdbx_model_details        ? 
_struct.pdbx_CASP_flag            ? 
_struct.pdbx_model_type_details   ? 
# 
_struct_keywords.entry_id        4R1J 
_struct_keywords.pdbx_keywords   'RNA BINDING PROTEIN' 
_struct_keywords.text            'EMAP, tRNA binding, tRNA, RNA BINDING PROTEIN' 
# 
loop_
_struct_asym.id 
_struct_asym.pdbx_blank_PDB_chainid_flag 
_struct_asym.pdbx_modified 
_struct_asym.entity_id 
_struct_asym.details 
A N N 1 ? 
B N N 2 ? 
C N N 3 ? 
# 
_struct_biol.id        1 
_struct_biol.details   ? 
# 
loop_
_struct_conf.conf_type_id 
_struct_conf.id 
_struct_conf.pdbx_PDB_helix_id 
_struct_conf.beg_label_comp_id 
_struct_conf.beg_label_asym_id 
_struct_conf.beg_label_seq_id 
_struct_conf.pdbx_beg_PDB_ins_code 
_struct_conf.end_label_comp_id 
_struct_conf.end_label_asym_id 
_struct_conf.end_label_seq_id 
_struct_conf.pdbx_end_PDB_ins_code 
_struct_conf.beg_auth_comp_id 
_struct_conf.beg_auth_asym_id 
_struct_conf.beg_auth_seq_id 
_struct_conf.end_auth_comp_id 
_struct_conf.end_auth_asym_id 
_struct_conf.end_auth_seq_id 
_struct_conf.pdbx_PDB_helix_class 
_struct_conf.details 
_struct_conf.pdbx_PDB_helix_length 
HELX_P HELX_P1 1 LYS A 26  ? ILE A 30  ? LYS A 5   ILE A 9   5 ? 5 
HELX_P HELX_P2 2 PRO A 74  ? GLN A 79  ? PRO A 53  GLN A 58  1 ? 6 
HELX_P HELX_P3 3 ASN A 142 ? LYS A 145 ? ASN A 121 LYS A 124 5 ? 4 
HELX_P HELX_P4 4 LYS A 146 ? GLN A 152 ? LYS A 125 GLN A 131 1 ? 7 
# 
_struct_conf_type.id          HELX_P 
_struct_conf_type.criteria    ? 
_struct_conf_type.reference   ? 
# 
loop_
_struct_sheet.id 
_struct_sheet.type 
_struct_sheet.number_strands 
_struct_sheet.details 
A ? 5 ? 
B ? 7 ? 
C ? 2 ? 
D ? 3 ? 
# 
loop_
_struct_sheet_order.sheet_id 
_struct_sheet_order.range_id_1 
_struct_sheet_order.range_id_2 
_struct_sheet_order.offset 
_struct_sheet_order.sense 
A 1 2 ? anti-parallel 
A 2 3 ? anti-parallel 
A 3 4 ? anti-parallel 
A 4 5 ? anti-parallel 
B 1 2 ? anti-parallel 
B 2 3 ? anti-parallel 
B 3 4 ? anti-parallel 
B 4 5 ? anti-parallel 
B 5 6 ? anti-parallel 
B 6 7 ? anti-parallel 
C 1 2 ? anti-parallel 
D 1 2 ? anti-parallel 
D 2 3 ? anti-parallel 
# 
loop_
_struct_sheet_range.sheet_id 
_struct_sheet_range.id 
_struct_sheet_range.beg_label_comp_id 
_struct_sheet_range.beg_label_asym_id 
_struct_sheet_range.beg_label_seq_id 
_struct_sheet_range.pdbx_beg_PDB_ins_code 
_struct_sheet_range.end_label_comp_id 
_struct_sheet_range.end_label_asym_id 
_struct_sheet_range.end_label_seq_id 
_struct_sheet_range.pdbx_end_PDB_ins_code 
_struct_sheet_range.beg_auth_comp_id 
_struct_sheet_range.beg_auth_asym_id 
_struct_sheet_range.beg_auth_seq_id 
_struct_sheet_range.end_auth_comp_id 
_struct_sheet_range.end_auth_asym_id 
_struct_sheet_range.end_auth_seq_id 
A 1 ARG A 63  ? SER A 67  ? ARG A 42  SER A 46  
A 2 TYR A 50  ? ASP A 55  ? TYR A 29  ASP A 34  
A 3 PHE A 32  ? LYS A 42  ? PHE A 11  LYS A 21  
A 4 TYR A 82  ? VAL A 86  ? TYR A 61  VAL A 65  
A 5 MET A 102 ? VAL A 103 ? MET A 81  VAL A 82  
B 1 ARG A 63  ? SER A 67  ? ARG A 42  SER A 46  
B 2 TYR A 50  ? ASP A 55  ? TYR A 29  ASP A 34  
B 3 PHE A 32  ? LYS A 42  ? PHE A 11  LYS A 21  
B 4 LYS A 126 ? PHE A 129 ? LYS A 105 PHE A 108 
B 5 VAL A 175 ? ASN A 180 ? VAL A 154 ASN A 159 
B 6 VAL A 163 ? LYS A 166 ? VAL A 142 LYS A 145 
B 7 PHE A 155 ? THR A 157 ? PHE A 134 THR A 136 
C 1 VAL A 92  ? MET A 94  ? VAL A 71  MET A 73  
C 2 ILE A 97  ? SER A 99  ? ILE A 76  SER A 78  
D 1 VAL A 112 ? PHE A 114 ? VAL A 91  PHE A 93  
D 2 CYS A 105 ? SER A 107 ? CYS A 84  SER A 86  
D 3 GLN A 195 ? ARG A 197 ? GLN A 174 ARG A 176 
# 
loop_
_pdbx_struct_sheet_hbond.sheet_id 
_pdbx_struct_sheet_hbond.range_id_1 
_pdbx_struct_sheet_hbond.range_id_2 
_pdbx_struct_sheet_hbond.range_1_label_atom_id 
_pdbx_struct_sheet_hbond.range_1_label_comp_id 
_pdbx_struct_sheet_hbond.range_1_label_asym_id 
_pdbx_struct_sheet_hbond.range_1_label_seq_id 
_pdbx_struct_sheet_hbond.range_1_PDB_ins_code 
_pdbx_struct_sheet_hbond.range_1_auth_atom_id 
_pdbx_struct_sheet_hbond.range_1_auth_comp_id 
_pdbx_struct_sheet_hbond.range_1_auth_asym_id 
_pdbx_struct_sheet_hbond.range_1_auth_seq_id 
_pdbx_struct_sheet_hbond.range_2_label_atom_id 
_pdbx_struct_sheet_hbond.range_2_label_comp_id 
_pdbx_struct_sheet_hbond.range_2_label_asym_id 
_pdbx_struct_sheet_hbond.range_2_label_seq_id 
_pdbx_struct_sheet_hbond.range_2_PDB_ins_code 
_pdbx_struct_sheet_hbond.range_2_auth_atom_id 
_pdbx_struct_sheet_hbond.range_2_auth_comp_id 
_pdbx_struct_sheet_hbond.range_2_auth_asym_id 
_pdbx_struct_sheet_hbond.range_2_auth_seq_id 
A 1 2 O VAL A 65  ? O VAL A 44  N SER A 52  ? N SER A 31  
A 2 3 O VAL A 51  ? O VAL A 30  N ILE A 41  ? N ILE A 20  
A 3 4 N ARG A 33  ? N ARG A 12  O VAL A 85  ? O VAL A 64  
A 4 5 N VAL A 86  ? N VAL A 65  O MET A 102 ? O MET A 81  
B 1 2 O VAL A 65  ? O VAL A 44  N SER A 52  ? N SER A 31  
B 2 3 O VAL A 51  ? O VAL A 30  N ILE A 41  ? N ILE A 20  
B 3 4 N PHE A 32  ? N PHE A 11  O VAL A 127 ? O VAL A 106 
B 4 5 N PHE A 128 ? N PHE A 107 O THR A 179 ? O THR A 158 
B 5 6 O LEU A 178 ? O LEU A 157 N VAL A 163 ? N VAL A 142 
B 6 7 O ILE A 164 ? O ILE A 143 N THR A 156 ? N THR A 135 
C 1 2 N VAL A 92  ? N VAL A 71  O SER A 99  ? O SER A 78  
D 1 2 O GLU A 113 ? O GLU A 92  N GLY A 106 ? N GLY A 85  
D 2 3 N SER A 107 ? N SER A 86  O GLN A 195 ? O GLN A 174 
# 
_struct_site.id                   AC1 
_struct_site.pdbx_evidence_code   Software 
_struct_site.pdbx_auth_asym_id    A 
_struct_site.pdbx_auth_comp_id    GOL 
_struct_site.pdbx_auth_seq_id     201 
_struct_site.pdbx_auth_ins_code   ? 
_struct_site.pdbx_num_residues    7 
_struct_site.details              'BINDING SITE FOR RESIDUE GOL A 201' 
# 
loop_
_struct_site_gen.id 
_struct_site_gen.site_id 
_struct_site_gen.pdbx_num_res 
_struct_site_gen.label_comp_id 
_struct_site_gen.label_asym_id 
_struct_site_gen.label_seq_id 
_struct_site_gen.pdbx_auth_ins_code 
_struct_site_gen.auth_comp_id 
_struct_site_gen.auth_asym_id 
_struct_site_gen.auth_seq_id 
_struct_site_gen.label_atom_id 
_struct_site_gen.label_alt_id 
_struct_site_gen.symmetry 
_struct_site_gen.details 
1 AC1 7 GLY A 68 ? GLY A 47  . ? 1_555 ? 
2 AC1 7 LEU A 69 ? LEU A 48  . ? 1_555 ? 
3 AC1 7 ASP A 76 ? ASP A 55  . ? 4_545 ? 
4 AC1 7 HOH C .  ? HOH A 314 . ? 4_545 ? 
5 AC1 7 HOH C .  ? HOH A 319 . ? 1_555 ? 
6 AC1 7 HOH C .  ? HOH A 334 . ? 1_555 ? 
7 AC1 7 HOH C .  ? HOH A 527 . ? 1_555 ? 
# 
_atom_sites.entry_id                    4R1J 
_atom_sites.fract_transf_matrix[1][1]   0.01550428 
_atom_sites.fract_transf_matrix[1][2]   -0.00980864 
_atom_sites.fract_transf_matrix[1][3]   -0.01459230 
_atom_sites.fract_transf_matrix[2][1]   0.01470816 
_atom_sites.fract_transf_matrix[2][2]   0.01056519 
_atom_sites.fract_transf_matrix[2][3]   0.00852568 
_atom_sites.fract_transf_matrix[3][1]   0.00181274 
_atom_sites.fract_transf_matrix[3][2]   -0.00891168 
_atom_sites.fract_transf_matrix[3][3]   0.00791627 
_atom_sites.fract_transf_vector[1]      -0.233470 
_atom_sites.fract_transf_vector[2]      -0.052516 
_atom_sites.fract_transf_vector[3]      0.095281 
# 
loop_
_atom_type.symbol 
C 
H 
N 
O 
S 
# 
loop_
_atom_site.group_PDB 
_atom_site.id 
_atom_site.type_symbol 
_atom_site.label_atom_id 
_atom_site.label_alt_id 
_atom_site.label_comp_id 
_atom_site.label_asym_id 
_atom_site.label_entity_id 
_atom_site.label_seq_id 
_atom_site.pdbx_PDB_ins_code 
_atom_site.Cartn_x 
_atom_site.Cartn_y 
_atom_site.Cartn_z 
_atom_site.occupancy 
_atom_site.B_iso_or_equiv 
_atom_site.pdbx_formal_charge 
_atom_site.auth_seq_id 
_atom_site.auth_comp_id 
_atom_site.auth_asym_id 
_atom_site.auth_atom_id 
_atom_site.pdbx_PDB_model_num 
ATOM   1    N N   . LYS A 1 24  ? 18.572  -9.318  -7.310  1.00 35.91 ? 3   LYS A N   1 
ATOM   2    C CA  . LYS A 1 24  ? 17.175  -9.737  -7.330  1.00 29.37 ? 3   LYS A CA  1 
ATOM   3    C C   . LYS A 1 24  ? 16.280  -8.719  -6.632  1.00 30.58 ? 3   LYS A C   1 
ATOM   4    O O   . LYS A 1 24  ? 16.604  -8.237  -5.546  1.00 30.11 ? 3   LYS A O   1 
ATOM   5    C CB  . LYS A 1 24  ? 17.010  -11.105 -6.661  1.00 35.06 ? 3   LYS A CB  1 
ATOM   6    C CG  . LYS A 1 24  ? 17.656  -12.262 -7.411  1.00 41.45 ? 3   LYS A CG  1 
ATOM   7    C CD  . LYS A 1 24  ? 17.563  -13.561 -6.616  1.00 44.51 ? 3   LYS A CD  1 
ATOM   8    C CE  . LYS A 1 24  ? 16.117  -13.927 -6.293  1.00 48.55 ? 3   LYS A CE  1 
ATOM   9    N NZ  . LYS A 1 24  ? 16.014  -15.233 -5.575  1.00 50.82 ? 3   LYS A NZ  1 
ATOM   10   N N   . PRO A 1 25  ? 15.149  -8.375  -7.266  1.00 25.43 ? 4   PRO A N   1 
ATOM   11   C CA  . PRO A 1 25  ? 14.128  -7.562  -6.598  1.00 23.25 ? 4   PRO A CA  1 
ATOM   12   C C   . PRO A 1 25  ? 13.549  -8.311  -5.396  1.00 19.24 ? 4   PRO A C   1 
ATOM   13   O O   . PRO A 1 25  ? 13.196  -9.487  -5.502  1.00 21.75 ? 4   PRO A O   1 
ATOM   14   C CB  . PRO A 1 25  ? 13.055  -7.389  -7.679  1.00 24.31 ? 4   PRO A CB  1 
ATOM   15   C CG  . PRO A 1 25  ? 13.775  -7.621  -8.977  1.00 29.65 ? 4   PRO A CG  1 
ATOM   16   C CD  . PRO A 1 25  ? 14.800  -8.665  -8.667  1.00 27.17 ? 4   PRO A CD  1 
ATOM   17   N N   . LYS A 1 26  ? 13.457  -7.632  -4.259  1.00 18.28 ? 5   LYS A N   1 
ATOM   18   C CA  . LYS A 1 26  ? 12.921  -8.241  -3.043  1.00 15.98 ? 5   LYS A CA  1 
ATOM   19   C C   . LYS A 1 26  ? 12.026  -7.226  -2.348  1.00 16.17 ? 5   LYS A C   1 
ATOM   20   O O   . LYS A 1 26  ? 12.278  -6.030  -2.426  1.00 16.01 ? 5   LYS A O   1 
ATOM   21   C CB  . LYS A 1 26  ? 14.059  -8.643  -2.107  1.00 21.82 ? 5   LYS A CB  1 
ATOM   22   C CG  . LYS A 1 26  ? 15.049  -9.619  -2.720  1.00 22.45 ? 5   LYS A CG  1 
ATOM   23   C CD  . LYS A 1 26  ? 16.266  -9.823  -1.829  1.00 28.19 ? 5   LYS A CD  1 
ATOM   24   C CE  . LYS A 1 26  ? 17.160  -8.594  -1.808  1.00 27.26 ? 5   LYS A CE  1 
ATOM   25   N NZ  . LYS A 1 26  ? 18.527  -8.919  -1.306  1.00 32.84 ? 5   LYS A NZ  1 
ATOM   26   N N   . PRO A 1 27  ? 10.976  -7.699  -1.656  1.00 15.14 ? 6   PRO A N   1 
ATOM   27   C CA  . PRO A 1 27  ? 10.018  -6.760  -1.053  1.00 15.66 ? 6   PRO A CA  1 
ATOM   28   C C   . PRO A 1 27  ? 10.630  -5.833  -0.006  1.00 14.19 ? 6   PRO A C   1 
ATOM   29   O O   . PRO A 1 27  ? 10.056  -4.779  0.279   1.00 14.55 ? 6   PRO A O   1 
ATOM   30   C CB  . PRO A 1 27  ? 8.977   -7.674  -0.405  1.00 19.26 ? 6   PRO A CB  1 
ATOM   31   C CG  . PRO A 1 27  ? 9.104   -8.985  -1.105  1.00 18.24 ? 6   PRO A CG  1 
ATOM   32   C CD  . PRO A 1 27  ? 10.541  -9.101  -1.537  1.00 16.84 ? 6   PRO A CD  1 
ATOM   33   N N   . SER A 1 28  ? 11.773  -6.217  0.562   1.00 13.28 ? 7   SER A N   1 
ATOM   34   C CA  . SER A 1 28  ? 12.448  -5.377  1.541   1.00 13.86 ? 7   SER A CA  1 
ATOM   35   C C   . SER A 1 28  ? 12.881  -4.028  0.964   1.00 15.17 ? 7   SER A C   1 
ATOM   36   O O   . SER A 1 28  ? 13.089  -3.074  1.704   1.00 16.28 ? 7   SER A O   1 
ATOM   37   C CB  . SER A 1 28  ? 13.655  -6.122  2.107   1.00 15.95 ? 7   SER A CB  1 
ATOM   38   O OG  . SER A 1 28  ? 14.399  -6.717  1.060   1.00 16.70 ? 7   SER A OG  1 
ATOM   39   N N   . ALA A 1 29  ? 13.007  -3.949  -0.356  1.00 13.91 ? 8   ALA A N   1 
ATOM   40   C CA  . ALA A 1 29  ? 13.390  -2.699  -0.997  1.00 14.37 ? 8   ALA A CA  1 
ATOM   41   C C   . ALA A 1 29  ? 12.271  -1.668  -0.922  1.00 14.34 ? 8   ALA A C   1 
ATOM   42   O O   . ALA A 1 29  ? 12.531  -0.466  -1.015  1.00 14.47 ? 8   ALA A O   1 
ATOM   43   C CB  . ALA A 1 29  ? 13.762  -2.950  -2.436  1.00 16.75 ? 8   ALA A CB  1 
ATOM   44   N N   . ILE A 1 30  ? 11.036  -2.144  -0.777  1.00 14.90 ? 9   ILE A N   1 
ATOM   45   C CA  . ILE A 1 30  ? 9.862   -1.274  -0.750  1.00 13.19 ? 9   ILE A CA  1 
ATOM   46   C C   . ILE A 1 30  ? 9.575   -0.780  0.666   1.00 14.32 ? 9   ILE A C   1 
ATOM   47   O O   . ILE A 1 30  ? 9.641   -1.547  1.631   1.00 13.70 ? 9   ILE A O   1 
ATOM   48   C CB  . ILE A 1 30  ? 8.612   -2.019  -1.272  1.00 12.43 ? 9   ILE A CB  1 
ATOM   49   C CG1 . ILE A 1 30  ? 8.894   -2.680  -2.623  1.00 15.71 ? 9   ILE A CG1 1 
ATOM   50   C CG2 . ILE A 1 30  ? 7.395   -1.097  -1.322  1.00 11.35 ? 9   ILE A CG2 1 
ATOM   51   C CD1 . ILE A 1 30  ? 9.292   -1.732  -3.700  1.00 21.20 ? 9   ILE A CD1 1 
ATOM   52   N N   . ASP A 1 31  ? 9.242   0.500   0.779   1.00 12.74 ? 10  ASP A N   1 
ATOM   53   C CA  . ASP A 1 31  ? 8.920   1.144   2.040   1.00 13.87 ? 10  ASP A CA  1 
ATOM   54   C C   . ASP A 1 31  ? 7.403   1.093   2.223   1.00 13.07 ? 10  ASP A C   1 
ATOM   55   O O   . ASP A 1 31  ? 6.685   1.930   1.674   1.00 13.00 ? 10  ASP A O   1 
ATOM   56   C CB  . ASP A 1 31  ? 9.403   2.601   1.975   1.00 15.82 ? 10  ASP A CB  1 
ATOM   57   C CG  . ASP A 1 31  ? 9.317   3.335   3.306   1.00 17.93 ? 10  ASP A CG  1 
ATOM   58   O OD1 . ASP A 1 31  ? 8.531   2.943   4.192   1.00 16.00 ? 10  ASP A OD1 1 
ATOM   59   O OD2 . ASP A 1 31  ? 10.041  4.344   3.452   1.00 21.27 ? 10  ASP A OD2 1 
ATOM   60   N N   . PHE A 1 32  ? 6.911   0.095   2.950   1.00 10.90 ? 11  PHE A N   1 
ATOM   61   C CA  . PHE A 1 32  ? 5.492   0.013   3.290   1.00 11.59 ? 11  PHE A CA  1 
ATOM   62   C C   . PHE A 1 32  ? 5.297   0.519   4.711   1.00 11.08 ? 11  PHE A C   1 
ATOM   63   O O   . PHE A 1 32  ? 6.050   0.141   5.622   1.00 11.63 ? 11  PHE A O   1 
ATOM   64   C CB  . PHE A 1 32  ? 4.953   -1.428  3.300   1.00 10.90 ? 11  PHE A CB  1 
ATOM   65   C CG  . PHE A 1 32  ? 5.055   -2.177  2.000   1.00 10.97 ? 11  PHE A CG  1 
ATOM   66   C CD1 . PHE A 1 32  ? 4.068   -2.073  1.035   1.00 10.99 ? 11  PHE A CD1 1 
ATOM   67   C CD2 . PHE A 1 32  ? 6.079   -3.097  1.801   1.00 10.44 ? 11  PHE A CD2 1 
ATOM   68   C CE1 . PHE A 1 32  ? 4.140   -2.815  -0.131  1.00 12.10 ? 11  PHE A CE1 1 
ATOM   69   C CE2 . PHE A 1 32  ? 6.154   -3.841  0.640   1.00 12.32 ? 11  PHE A CE2 1 
ATOM   70   C CZ  . PHE A 1 32  ? 5.185   -3.704  -0.324  1.00 11.62 ? 11  PHE A CZ  1 
ATOM   71   N N   . ARG A 1 33  ? 4.245   1.297   4.929   1.00 10.94 ? 12  ARG A N   1 
ATOM   72   C CA  . ARG A 1 33  ? 3.920   1.801   6.254   1.00 12.20 ? 12  ARG A CA  1 
ATOM   73   C C   . ARG A 1 33  ? 2.433   1.878   6.450   1.00 10.96 ? 12  ARG A C   1 
ATOM   74   O O   . ARG A 1 33  ? 1.672   1.918   5.481   1.00 11.30 ? 12  ARG A O   1 
ATOM   75   C CB  . ARG A 1 33  ? 4.458   3.214   6.449   1.00 13.05 ? 12  ARG A CB  1 
ATOM   76   C CG  . ARG A 1 33  ? 5.917   3.392   6.141   1.00 14.73 ? 12  ARG A CG  1 
ATOM   77   C CD  . ARG A 1 33  ? 6.320   4.825   6.407   1.00 16.35 ? 12  ARG A CD  1 
ATOM   78   N NE  . ARG A 1 33  ? 7.540   5.166   5.695   1.00 13.76 ? 12  ARG A NE  1 
ATOM   79   C CZ  . ARG A 1 33  ? 8.037   6.395   5.628   1.00 17.70 ? 12  ARG A CZ  1 
ATOM   80   N NH1 . ARG A 1 33  ? 7.417   7.387   6.246   1.00 16.92 ? 12  ARG A NH1 1 
ATOM   81   N NH2 . ARG A 1 33  ? 9.145   6.625   4.938   1.00 19.06 ? 12  ARG A NH2 1 
ATOM   82   N N   . VAL A 1 34  ? 2.015   1.964   7.704   1.00 10.53 ? 13  VAL A N   1 
ATOM   83   C CA  . VAL A 1 34  ? 0.645   2.322   7.990   1.00 10.08 ? 13  VAL A CA  1 
ATOM   84   C C   . VAL A 1 34  ? 0.518   3.823   7.813   1.00 11.36 ? 13  VAL A C   1 
ATOM   85   O O   . VAL A 1 34  ? 1.390   4.592   8.236   1.00 12.80 ? 13  VAL A O   1 
ATOM   86   C CB  . VAL A 1 34  ? 0.239   1.927   9.411   1.00 11.50 ? 13  VAL A CB  1 
ATOM   87   C CG1 . VAL A 1 34  ? -1.102  2.536   9.781   1.00 12.69 ? 13  VAL A CG1 1 
ATOM   88   C CG2 . VAL A 1 34  ? 0.185   0.409   9.529   1.00 10.70 ? 13  VAL A CG2 1 
ATOM   89   N N   . GLY A 1 35  ? -0.555  4.238   7.150   1.00 9.91  ? 14  GLY A N   1 
ATOM   90   C CA  . GLY A 1 35  ? -0.846  5.652   7.020   1.00 10.64 ? 14  GLY A CA  1 
ATOM   91   C C   . GLY A 1 35  ? -2.209  5.939   7.607   1.00 10.85 ? 14  GLY A C   1 
ATOM   92   O O   . GLY A 1 35  ? -3.045  5.043   7.735   1.00 11.36 ? 14  GLY A O   1 
ATOM   93   N N   . PHE A 1 36  ? -2.426  7.191   7.997   1.00 11.57 ? 15  PHE A N   1 
ATOM   94   C CA  . PHE A 1 36  ? -3.723  7.634   8.482   1.00 11.21 ? 15  PHE A CA  1 
ATOM   95   C C   . PHE A 1 36  ? -4.221  8.755   7.577   1.00 11.36 ? 15  PHE A C   1 
ATOM   96   O O   . PHE A 1 36  ? -3.563  9.789   7.423   1.00 12.54 ? 15  PHE A O   1 
ATOM   97   C CB  . PHE A 1 36  ? -3.632  8.111   9.939   1.00 13.34 ? 15  PHE A CB  1 
ATOM   98   C CG  . PHE A 1 36  ? -4.926  8.629   10.490  1.00 12.75 ? 15  PHE A CG  1 
ATOM   99   C CD1 . PHE A 1 36  ? -5.930  7.759   10.881  1.00 14.79 ? 15  PHE A CD1 1 
ATOM   100  C CD2 . PHE A 1 36  ? -5.143  9.993   10.617  1.00 15.18 ? 15  PHE A CD2 1 
ATOM   101  C CE1 . PHE A 1 36  ? -7.122  8.233   11.401  1.00 14.61 ? 15  PHE A CE1 1 
ATOM   102  C CE2 . PHE A 1 36  ? -6.338  10.478  11.134  1.00 15.03 ? 15  PHE A CE2 1 
ATOM   103  C CZ  . PHE A 1 36  ? -7.324  9.594   11.529  1.00 17.37 ? 15  PHE A CZ  1 
ATOM   104  N N   . ILE A 1 37  ? -5.380  8.548   6.970   1.00 10.50 ? 16  ILE A N   1 
ATOM   105  C CA  . ILE A 1 37  ? -5.924  9.568   6.085   1.00 10.74 ? 16  ILE A CA  1 
ATOM   106  C C   . ILE A 1 37  ? -6.617  10.629  6.937   1.00 11.36 ? 16  ILE A C   1 
ATOM   107  O O   . ILE A 1 37  ? -7.711  10.413  7.455   1.00 12.96 ? 16  ILE A O   1 
ATOM   108  C CB  . ILE A 1 37  ? -6.912  8.986   5.057   1.00 10.24 ? 16  ILE A CB  1 
ATOM   109  C CG1 . ILE A 1 37  ? -6.220  7.929   4.186   1.00 10.50 ? 16  ILE A CG1 1 
ATOM   110  C CG2 . ILE A 1 37  ? -7.487  10.106  4.190   1.00 11.31 ? 16  ILE A CG2 1 
ATOM   111  C CD1 . ILE A 1 37  ? -7.096  7.409   3.043   1.00 12.28 ? 16  ILE A CD1 1 
ATOM   112  N N   . GLN A 1 38  ? -5.974  11.780  7.069   1.00 12.66 ? 17  GLN A N   1 
ATOM   113  C CA  . GLN A 1 38  ? -6.524  12.860  7.880   1.00 14.82 ? 17  GLN A CA  1 
ATOM   114  C C   . GLN A 1 38  ? -7.746  13.449  7.198   1.00 15.65 ? 17  GLN A C   1 
ATOM   115  O O   . GLN A 1 38  ? -8.732  13.803  7.858   1.00 16.82 ? 17  GLN A O   1 
ATOM   116  C CB  . GLN A 1 38  ? -5.469  13.950  8.093   1.00 15.50 ? 17  GLN A CB  1 
ATOM   117  C CG  . GLN A 1 38  ? -4.298  13.494  8.949   1.00 17.08 ? 17  GLN A CG  1 
ATOM   118  C CD  . GLN A 1 38  ? -3.145  14.479  8.957   1.00 23.27 ? 17  GLN A CD  1 
ATOM   119  O OE1 . GLN A 1 38  ? -3.062  15.365  8.107   1.00 32.47 ? 17  GLN A OE1 1 
ATOM   120  N NE2 . GLN A 1 38  ? -2.245  14.324  9.923   1.00 24.80 ? 17  GLN A NE2 1 
ATOM   121  N N   . LYS A 1 39  ? -7.673  13.535  5.872   1.00 14.14 ? 18  LYS A N   1 
ATOM   122  C CA  . LYS A 1 39  ? -8.714  14.161  5.071   1.00 14.12 ? 18  LYS A CA  1 
ATOM   123  C C   . LYS A 1 39  ? -8.571  13.693  3.637   1.00 12.58 ? 18  LYS A C   1 
ATOM   124  O O   . LYS A 1 39  ? -7.464  13.459  3.169   1.00 12.55 ? 18  LYS A O   1 
ATOM   125  C CB  . LYS A 1 39  ? -8.555  15.681  5.136   1.00 16.07 ? 18  LYS A CB  1 
ATOM   126  C CG  . LYS A 1 39  ? -9.579  16.484  4.344   1.00 18.64 ? 18  LYS A CG  1 
ATOM   127  C CD  . LYS A 1 39  ? -9.313  17.973  4.539   1.00 21.49 ? 18  LYS A CD  1 
ATOM   128  C CE  . LYS A 1 39  ? -10.275 18.837  3.749   1.00 29.23 ? 18  LYS A CE  1 
ATOM   129  N NZ  . LYS A 1 39  ? -9.938  20.285  3.900   1.00 34.32 ? 18  LYS A NZ  1 
ATOM   130  N N   . ALA A 1 40  ? -9.693  13.537  2.947   1.00 10.67 ? 19  ALA A N   1 
ATOM   131  C CA  . ALA A 1 40  ? -9.664  13.257  1.521   1.00 9.83  ? 19  ALA A CA  1 
ATOM   132  C C   . ALA A 1 40  ? -10.709 14.117  0.851   1.00 12.10 ? 19  ALA A C   1 
ATOM   133  O O   . ALA A 1 40  ? -11.823 14.254  1.359   1.00 11.45 ? 19  ALA A O   1 
ATOM   134  C CB  . ALA A 1 40  ? -9.934  11.780  1.250   1.00 10.99 ? 19  ALA A CB  1 
ATOM   135  N N   . ILE A 1 41  ? -10.344 14.688  -0.287  1.00 10.67 ? 20  ILE A N   1 
ATOM   136  C CA  . ILE A 1 41  ? -11.255 15.510  -1.064  1.00 10.39 ? 20  ILE A CA  1 
ATOM   137  C C   . ILE A 1 41  ? -11.271 15.033  -2.508  1.00 9.64  ? 20  ILE A C   1 
ATOM   138  O O   . ILE A 1 41  ? -10.391 14.284  -2.940  1.00 10.38 ? 20  ILE A O   1 
ATOM   139  C CB  . ILE A 1 41  ? -10.865 17.008  -1.012  1.00 11.88 ? 20  ILE A CB  1 
ATOM   140  C CG1 . ILE A 1 41  ? -9.488  17.201  -1.656  1.00 10.79 ? 20  ILE A CG1 1 
ATOM   141  C CG2 . ILE A 1 41  ? -10.881 17.506  0.434   1.00 12.12 ? 20  ILE A CG2 1 
ATOM   142  C CD1 . ILE A 1 41  ? -9.044  18.669  -1.793  1.00 13.35 ? 20  ILE A CD1 1 
ATOM   143  N N   . LYS A 1 42  ? -12.274 15.470  -3.254  1.00 10.13 ? 21  LYS A N   1 
ATOM   144  C CA  . LYS A 1 42  ? -12.267 15.281  -4.700  1.00 10.04 ? 21  LYS A CA  1 
ATOM   145  C C   . LYS A 1 42  ? -11.096 16.034  -5.315  1.00 10.12 ? 21  LYS A C   1 
ATOM   146  O O   . LYS A 1 42  ? -10.830 17.178  -4.948  1.00 12.07 ? 21  LYS A O   1 
ATOM   147  C CB  . LYS A 1 42  ? -13.574 15.800  -5.312  1.00 11.15 ? 21  LYS A CB  1 
ATOM   148  C CG  . LYS A 1 42  ? -14.743 14.846  -5.104  1.00 10.43 ? 21  LYS A CG  1 
ATOM   149  C CD  . LYS A 1 42  ? -16.064 15.473  -5.551  1.00 10.18 ? 21  LYS A CD  1 
ATOM   150  C CE  . LYS A 1 42  ? -16.032 15.965  -7.000  1.00 11.31 ? 21  LYS A CE  1 
ATOM   151  N NZ  . LYS A 1 42  ? -17.354 16.509  -7.434  1.00 14.93 ? 21  LYS A NZ  1 
ATOM   152  N N   . HIS A 1 43  ? -10.402 15.401  -6.256  1.00 9.69  ? 22  HIS A N   1 
ATOM   153  C CA  . HIS A 1 43  ? -9.426  16.099  -7.082  1.00 10.42 ? 22  HIS A CA  1 
ATOM   154  C C   . HIS A 1 43  ? -10.227 17.073  -7.932  1.00 13.27 ? 22  HIS A C   1 
ATOM   155  O O   . HIS A 1 43  ? -11.129 16.659  -8.658  1.00 13.37 ? 22  HIS A O   1 
ATOM   156  C CB  . HIS A 1 43  ? -8.711  15.089  -7.968  1.00 10.91 ? 22  HIS A CB  1 
ATOM   157  C CG  . HIS A 1 43  ? -7.518  15.630  -8.691  1.00 9.27  ? 22  HIS A CG  1 
ATOM   158  N ND1 . HIS A 1 43  ? -7.546  16.794  -9.432  1.00 11.49 ? 22  HIS A ND1 1 
ATOM   159  C CD2 . HIS A 1 43  ? -6.269  15.125  -8.823  1.00 11.60 ? 22  HIS A CD2 1 
ATOM   160  C CE1 . HIS A 1 43  ? -6.354  16.989  -9.974  1.00 12.62 ? 22  HIS A CE1 1 
ATOM   161  N NE2 . HIS A 1 43  ? -5.566  15.986  -9.626  1.00 10.66 ? 22  HIS A NE2 1 
ATOM   162  N N   . PRO A 1 44  ? -9.907  18.372  -7.846  1.00 11.61 ? 23  PRO A N   1 
ATOM   163  C CA  . PRO A 1 44  ? -10.763 19.345  -8.535  1.00 13.65 ? 23  PRO A CA  1 
ATOM   164  C C   . PRO A 1 44  ? -10.707 19.251  -10.053 1.00 14.42 ? 23  PRO A C   1 
ATOM   165  O O   . PRO A 1 44  ? -11.638 19.728  -10.711 1.00 14.39 ? 23  PRO A O   1 
ATOM   166  C CB  . PRO A 1 44  ? -10.223 20.693  -8.049  1.00 17.29 ? 23  PRO A CB  1 
ATOM   167  C CG  . PRO A 1 44  ? -8.821  20.419  -7.619  1.00 16.73 ? 23  PRO A CG  1 
ATOM   168  C CD  . PRO A 1 44  ? -8.836  19.012  -7.069  1.00 13.13 ? 23  PRO A CD  1 
ATOM   169  N N   . ASP A 1 45  ? -9.667  18.628  -10.596 1.00 12.60 ? 24  ASP A N   1 
ATOM   170  C CA  . ASP A 1 45  ? -9.506  18.569  -12.052 1.00 15.13 ? 24  ASP A CA  1 
ATOM   171  C C   . ASP A 1 45  ? -9.609  17.147  -12.610 1.00 16.28 ? 24  ASP A C   1 
ATOM   172  O O   . ASP A 1 45  ? -9.384  16.912  -13.794 1.00 19.49 ? 24  ASP A O   1 
ATOM   173  C CB  . ASP A 1 45  ? -8.165  19.182  -12.481 1.00 13.32 ? 24  ASP A CB  1 
ATOM   174  C CG  . ASP A 1 45  ? -8.016  20.636  -12.055 1.00 16.10 ? 24  ASP A CG  1 
ATOM   175  O OD1 . ASP A 1 45  ? -9.022  21.380  -12.054 1.00 16.32 ? 24  ASP A OD1 1 
ATOM   176  O OD2 . ASP A 1 45  ? -6.888  21.032  -11.688 1.00 15.40 ? 24  ASP A OD2 1 
ATOM   177  N N   . ALA A 1 46  ? -9.942  16.188  -11.758 1.00 12.40 ? 25  ALA A N   1 
ATOM   178  C CA  . ALA A 1 46  ? -9.938  14.791  -12.175 1.00 13.68 ? 25  ALA A CA  1 
ATOM   179  C C   . ALA A 1 46  ? -10.984 14.009  -11.392 1.00 12.49 ? 25  ALA A C   1 
ATOM   180  O O   . ALA A 1 46  ? -10.746 13.606  -10.250 1.00 13.37 ? 25  ALA A O   1 
ATOM   181  C CB  . ALA A 1 46  ? -8.546  14.180  -11.992 1.00 13.53 ? 25  ALA A CB  1 
ATOM   182  N N   . ASP A 1 47  ? -12.137 13.803  -12.021 1.00 12.92 ? 26  ASP A N   1 
ATOM   183  C CA  . ASP A 1 47  ? -13.291 13.157  -11.392 1.00 12.21 ? 26  ASP A CA  1 
ATOM   184  C C   . ASP A 1 47  ? -13.006 11.786  -10.814 1.00 11.73 ? 26  ASP A C   1 
ATOM   185  O O   . ASP A 1 47  ? -13.682 11.352  -9.873  1.00 13.35 ? 26  ASP A O   1 
ATOM   186  C CB  . ASP A 1 47  ? -14.438 12.993  -12.394 1.00 16.32 ? 26  ASP A CB  1 
ATOM   187  C CG  . ASP A 1 47  ? -15.195 14.260  -12.630 1.00 20.72 ? 26  ASP A CG  1 
ATOM   188  O OD1 . ASP A 1 47  ? -14.971 15.248  -11.898 1.00 16.31 ? 26  ASP A OD1 1 
ATOM   189  O OD2 . ASP A 1 47  ? -16.036 14.247  -13.556 1.00 18.36 ? 26  ASP A OD2 1 
ATOM   190  N N   . SER A 1 48  ? -12.040 11.080  -11.384 1.00 11.45 ? 27  SER A N   1 
ATOM   191  C CA  . SER A 1 48  ? -11.769 9.708   -10.956 1.00 11.62 ? 27  SER A CA  1 
ATOM   192  C C   . SER A 1 48  ? -10.898 9.621   -9.708  1.00 10.48 ? 27  SER A C   1 
ATOM   193  O O   . SER A 1 48  ? -10.736 8.535   -9.137  1.00 11.58 ? 27  SER A O   1 
ATOM   194  C CB  . SER A 1 48  ? -11.088 8.915   -12.075 1.00 16.54 ? 27  SER A CB  1 
ATOM   195  O OG  . SER A 1 48  ? -9.816  9.465   -12.357 1.00 19.43 ? 27  SER A OG  1 
ATOM   196  N N   . LEU A 1 49  ? -10.331 10.749  -9.288  1.00 10.55 ? 28  LEU A N   1 
ATOM   197  C CA  . LEU A 1 49  ? -9.321  10.760  -8.229  1.00 10.71 ? 28  LEU A CA  1 
ATOM   198  C C   . LEU A 1 49  ? -9.747  11.465  -6.945  1.00 9.90  ? 28  LEU A C   1 
ATOM   199  O O   . LEU A 1 49  ? -10.378 12.523  -6.988  1.00 9.56  ? 28  LEU A O   1 
ATOM   200  C CB  . LEU A 1 49  ? -8.049  11.446  -8.732  1.00 11.37 ? 28  LEU A CB  1 
ATOM   201  C CG  . LEU A 1 49  ? -7.347  10.829  -9.947  1.00 11.03 ? 28  LEU A CG  1 
ATOM   202  C CD1 . LEU A 1 49  ? -6.180  11.705  -10.381 1.00 12.44 ? 28  LEU A CD1 1 
ATOM   203  C CD2 . LEU A 1 49  ? -6.853  9.415   -9.645  1.00 14.52 ? 28  LEU A CD2 1 
ATOM   204  N N   . TYR A 1 50  ? -9.361  10.890  -5.810  1.00 9.29  ? 29  TYR A N   1 
ATOM   205  C CA  . TYR A 1 50  ? -9.363  11.602  -4.535  1.00 8.16  ? 29  TYR A CA  1 
ATOM   206  C C   . TYR A 1 50  ? -7.965  12.125  -4.260  1.00 9.39  ? 29  TYR A C   1 
ATOM   207  O O   . TYR A 1 50  ? -6.970  11.536  -4.704  1.00 10.64 ? 29  TYR A O   1 
ATOM   208  C CB  . TYR A 1 50  ? -9.741  10.679  -3.383  1.00 8.92  ? 29  TYR A CB  1 
ATOM   209  C CG  . TYR A 1 50  ? -11.194 10.308  -3.309  1.00 8.63  ? 29  TYR A CG  1 
ATOM   210  C CD1 . TYR A 1 50  ? -12.169 11.283  -3.292  1.00 9.88  ? 29  TYR A CD1 1 
ATOM   211  C CD2 . TYR A 1 50  ? -11.590 8.977   -3.213  1.00 9.07  ? 29  TYR A CD2 1 
ATOM   212  C CE1 . TYR A 1 50  ? -13.500 10.954  -3.215  1.00 9.91  ? 29  TYR A CE1 1 
ATOM   213  C CE2 . TYR A 1 50  ? -12.926 8.637   -3.140  1.00 9.67  ? 29  TYR A CE2 1 
ATOM   214  C CZ  . TYR A 1 50  ? -13.876 9.636   -3.134  1.00 8.44  ? 29  TYR A CZ  1 
ATOM   215  O OH  . TYR A 1 50  ? -15.207 9.327   -3.059  1.00 9.74  ? 29  TYR A OH  1 
ATOM   216  N N   . VAL A 1 51  ? -7.892  13.233  -3.534  1.00 9.68  ? 30  VAL A N   1 
ATOM   217  C CA  . VAL A 1 51  ? -6.634  13.742  -3.024  1.00 9.66  ? 30  VAL A CA  1 
ATOM   218  C C   . VAL A 1 51  ? -6.681  13.546  -1.512  1.00 10.06 ? 30  VAL A C   1 
ATOM   219  O O   . VAL A 1 51  ? -7.485  14.185  -0.831  1.00 10.62 ? 30  VAL A O   1 
ATOM   220  C CB  . VAL A 1 51  ? -6.464  15.242  -3.339  1.00 9.34  ? 30  VAL A CB  1 
ATOM   221  C CG1 . VAL A 1 51  ? -5.113  15.715  -2.843  1.00 13.81 ? 30  VAL A CG1 1 
ATOM   222  C CG2 . VAL A 1 51  ? -6.584  15.479  -4.821  1.00 10.75 ? 30  VAL A CG2 1 
ATOM   223  N N   . SER A 1 52  ? -5.844  12.648  -0.997  1.00 9.89  ? 31  SER A N   1 
ATOM   224  C CA  . SER A 1 52  ? -5.802  12.366  0.429   1.00 9.36  ? 31  SER A CA  1 
ATOM   225  C C   . SER A 1 52  ? -4.586  13.006  1.086   1.00 10.28 ? 31  SER A C   1 
ATOM   226  O O   . SER A 1 52  ? -3.500  13.048  0.500   1.00 12.49 ? 31  SER A O   1 
ATOM   227  C CB  . SER A 1 52  ? -5.761  10.854  0.666   1.00 11.70 ? 31  SER A CB  1 
ATOM   228  O OG  . SER A 1 52  ? -6.975  10.228  0.287   1.00 10.91 ? 31  SER A OG  1 
ATOM   229  N N   . THR A 1 53  ? -4.775  13.480  2.310   1.00 11.08 ? 32  THR A N   1 
ATOM   230  C CA  . THR A 1 53  ? -3.682  13.973  3.125   1.00 12.50 ? 32  THR A CA  1 
ATOM   231  C C   . THR A 1 53  ? -3.406  12.881  4.159   1.00 12.29 ? 32  THR A C   1 
ATOM   232  O O   . THR A 1 53  ? -4.238  12.603  5.025   1.00 11.79 ? 32  THR A O   1 
ATOM   233  C CB  . THR A 1 53  ? -4.056  15.310  3.794   1.00 12.25 ? 32  THR A CB  1 
ATOM   234  O OG1 . THR A 1 53  ? -4.437  16.260  2.790   1.00 14.18 ? 32  THR A OG1 1 
ATOM   235  C CG2 . THR A 1 53  ? -2.875  15.860  4.568   1.00 14.35 ? 32  THR A CG2 1 
ATOM   236  N N   . ILE A 1 54  ? -2.256  12.229  4.040   1.00 9.87  ? 33  ILE A N   1 
ATOM   237  C CA  . ILE A 1 54  ? -2.029  10.999  4.791   1.00 10.06 ? 33  ILE A CA  1 
ATOM   238  C C   . ILE A 1 54  ? -0.791  11.105  5.679   1.00 12.29 ? 33  ILE A C   1 
ATOM   239  O O   . ILE A 1 54  ? 0.305   11.366  5.198   1.00 12.47 ? 33  ILE A O   1 
ATOM   240  C CB  . ILE A 1 54  ? -1.864  9.773   3.850   1.00 9.30  ? 33  ILE A CB  1 
ATOM   241  C CG1 . ILE A 1 54  ? -2.993  9.721   2.809   1.00 10.70 ? 33  ILE A CG1 1 
ATOM   242  C CG2 . ILE A 1 54  ? -1.802  8.477   4.679   1.00 10.51 ? 33  ILE A CG2 1 
ATOM   243  C CD1 . ILE A 1 54  ? -3.023  8.444   1.977   1.00 10.95 ? 33  ILE A CD1 1 
ATOM   244  N N   . ASP A 1 55  ? -0.981  10.905  6.980   1.00 12.68 ? 34  ASP A N   1 
ATOM   245  C CA  . ASP A 1 55  ? 0.134   10.863  7.921   1.00 13.31 ? 34  ASP A CA  1 
ATOM   246  C C   . ASP A 1 55  ? 0.806   9.500   7.809   1.00 12.54 ? 34  ASP A C   1 
ATOM   247  O O   . ASP A 1 55  ? 0.157   8.471   8.016   1.00 12.83 ? 34  ASP A O   1 
ATOM   248  C CB  . ASP A 1 55  ? -0.384  11.098  9.343   1.00 14.13 ? 34  ASP A CB  1 
ATOM   249  C CG  . ASP A 1 55  ? 0.714   11.055  10.394  1.00 19.79 ? 34  ASP A CG  1 
ATOM   250  O OD1 . ASP A 1 55  ? 1.909   10.948  10.044  1.00 22.02 ? 34  ASP A OD1 1 
ATOM   251  O OD2 . ASP A 1 55  ? 0.364   11.139  11.588  1.00 23.03 ? 34  ASP A OD2 1 
ATOM   252  N N   . VAL A 1 56  ? 2.090   9.506   7.467   1.00 12.84 ? 35  VAL A N   1 
ATOM   253  C CA  . VAL A 1 56  ? 2.872   8.275   7.325   1.00 15.19 ? 35  VAL A CA  1 
ATOM   254  C C   . VAL A 1 56  ? 4.091   8.278   8.248   1.00 15.72 ? 35  VAL A C   1 
ATOM   255  O O   . VAL A 1 56  ? 5.039   7.524   8.040   1.00 15.52 ? 35  VAL A O   1 
ATOM   256  C CB  . VAL A 1 56  ? 3.335   8.053   5.865   1.00 16.86 ? 35  VAL A CB  1 
ATOM   257  C CG1 . VAL A 1 56  ? 2.129   8.035   4.925   1.00 20.76 ? 35  VAL A CG1 1 
ATOM   258  C CG2 . VAL A 1 56  ? 4.324   9.128   5.445   1.00 16.05 ? 35  VAL A CG2 1 
ATOM   259  N N   . GLY A 1 57  ? 4.054   9.132   9.264   1.00 14.50 ? 36  GLY A N   1 
ATOM   260  C CA  . GLY A 1 57  ? 5.149   9.244   10.215  1.00 18.34 ? 36  GLY A CA  1 
ATOM   261  C C   . GLY A 1 57  ? 6.383   10.003  9.747   1.00 20.70 ? 36  GLY A C   1 
ATOM   262  O O   . GLY A 1 57  ? 7.442   9.883   10.362  1.00 24.82 ? 36  GLY A O   1 
ATOM   263  N N   . ASP A 1 58  ? 6.269   10.781  8.673   1.00 19.17 ? 37  ASP A N   1 
ATOM   264  C CA  . ASP A 1 58  ? 7.391   11.620  8.236   1.00 23.15 ? 37  ASP A CA  1 
ATOM   265  C C   . ASP A 1 58  ? 7.566   12.796  9.191   1.00 29.54 ? 37  ASP A C   1 
ATOM   266  O O   . ASP A 1 58  ? 6.581   13.333  9.699   1.00 25.70 ? 37  ASP A O   1 
ATOM   267  C CB  . ASP A 1 58  ? 7.150   12.194  6.839   1.00 23.20 ? 37  ASP A CB  1 
ATOM   268  C CG  . ASP A 1 58  ? 7.146   11.145  5.751   1.00 22.84 ? 37  ASP A CG  1 
ATOM   269  O OD1 . ASP A 1 58  ? 7.913   10.168  5.836   1.00 24.48 ? 37  ASP A OD1 1 
ATOM   270  O OD2 . ASP A 1 58  ? 6.372   11.323  4.786   1.00 28.65 ? 37  ASP A OD2 1 
ATOM   271  N N   . GLU A 1 59  ? 8.809   13.218  9.412   1.00 27.50 ? 38  GLU A N   1 
ATOM   272  C CA  . GLU A 1 59  ? 9.060   14.436  10.178  1.00 33.28 ? 38  GLU A CA  1 
ATOM   273  C C   . GLU A 1 59  ? 8.557   15.649  9.398   1.00 33.20 ? 38  GLU A C   1 
ATOM   274  O O   . GLU A 1 59  ? 8.043   16.605  9.981   1.00 35.31 ? 38  GLU A O   1 
ATOM   275  C CB  . GLU A 1 59  ? 10.544  14.593  10.511  1.00 37.38 ? 38  GLU A CB  1 
ATOM   276  C CG  . GLU A 1 59  ? 10.861  15.911  11.204  1.00 42.99 ? 38  GLU A CG  1 
ATOM   277  C CD  . GLU A 1 59  ? 12.294  15.992  11.691  1.00 45.07 ? 38  GLU A CD  1 
ATOM   278  O OE1 . GLU A 1 59  ? 13.066  15.044  11.434  1.00 51.15 ? 38  GLU A OE1 1 
ATOM   279  O OE2 . GLU A 1 59  ? 12.645  17.004  12.333  1.00 44.23 ? 38  GLU A OE2 1 
ATOM   280  N N   . GLU A 1 60  ? 8.724   15.608  8.078   1.00 32.96 ? 39  GLU A N   1 
ATOM   281  C CA  . GLU A 1 60  ? 7.976   16.489  7.193   1.00 32.44 ? 39  GLU A CA  1 
ATOM   282  C C   . GLU A 1 60  ? 6.558   15.997  7.389   1.00 34.79 ? 39  GLU A C   1 
ATOM   283  O O   . GLU A 1 60  ? 6.369   14.829  7.663   1.00 38.57 ? 39  GLU A O   1 
ATOM   284  C CB  . GLU A 1 60  ? 8.391   16.274  5.738   1.00 31.83 ? 39  GLU A CB  1 
ATOM   285  C CG  . GLU A 1 60  ? 9.891   16.180  5.498   1.00 33.66 ? 39  GLU A CG  1 
ATOM   286  C CD  . GLU A 1 60  ? 10.470  14.821  5.855   1.00 40.37 ? 39  GLU A CD  1 
ATOM   287  O OE1 . GLU A 1 60  ? 9.815   14.068  6.608   1.00 36.43 ? 39  GLU A OE1 1 
ATOM   288  O OE2 . GLU A 1 60  ? 11.582  14.506  5.381   1.00 45.56 ? 39  GLU A OE2 1 
ATOM   289  N N   . GLY A 1 61  ? 5.558   16.853  7.259   1.00 39.20 ? 40  GLY A N   1 
ATOM   290  C CA  . GLY A 1 61  ? 4.206   16.441  7.595   1.00 32.91 ? 40  GLY A CA  1 
ATOM   291  C C   . GLY A 1 61  ? 3.602   15.300  6.787   1.00 24.57 ? 40  GLY A C   1 
ATOM   292  O O   . GLY A 1 61  ? 4.304   14.412  6.285   1.00 20.17 ? 40  GLY A O   1 
ATOM   293  N N   . PRO A 1 62  ? 2.272   15.312  6.670   1.00 22.40 ? 41  PRO A N   1 
ATOM   294  C CA  . PRO A 1 62  ? 1.537   14.310  5.896   1.00 20.14 ? 41  PRO A CA  1 
ATOM   295  C C   . PRO A 1 62  ? 1.834   14.431  4.411   1.00 20.15 ? 41  PRO A C   1 
ATOM   296  O O   . PRO A 1 62  ? 2.223   15.502  3.929   1.00 19.93 ? 41  PRO A O   1 
ATOM   297  C CB  . PRO A 1 62  ? 0.074   14.663  6.171   1.00 19.67 ? 41  PRO A CB  1 
ATOM   298  C CG  . PRO A 1 62  ? 0.100   16.120  6.521   1.00 23.74 ? 41  PRO A CG  1 
ATOM   299  C CD  . PRO A 1 62  ? 1.374   16.302  7.287   1.00 25.29 ? 41  PRO A CD  1 
ATOM   300  N N   . ARG A 1 63  ? 1.652   13.330  3.690   1.00 16.22 ? 42  ARG A N   1 
ATOM   301  C CA  . ARG A 1 63  ? 1.834   13.321  2.252   1.00 15.84 ? 42  ARG A CA  1 
ATOM   302  C C   . ARG A 1 63  ? 0.542   13.545  1.509   1.00 14.83 ? 42  ARG A C   1 
ATOM   303  O O   . ARG A 1 63  ? -0.537  13.253  2.012   1.00 13.32 ? 42  ARG A O   1 
ATOM   304  C CB  . ARG A 1 63  ? 2.415   11.996  1.810   1.00 14.74 ? 42  ARG A CB  1 
ATOM   305  C CG  . ARG A 1 63  ? 3.714   11.700  2.496   1.00 18.37 ? 42  ARG A CG  1 
ATOM   306  C CD  . ARG A 1 63  ? 4.468   10.663  1.747   1.00 17.40 ? 42  ARG A CD  1 
ATOM   307  N NE  . ARG A 1 63  ? 5.711   10.331  2.430   1.00 16.38 ? 42  ARG A NE  1 
ATOM   308  C CZ  . ARG A 1 63  ? 6.638   9.534   1.924   1.00 17.26 ? 42  ARG A CZ  1 
ATOM   309  N NH1 . ARG A 1 63  ? 6.477   9.008   0.718   1.00 16.18 ? 42  ARG A NH1 1 
ATOM   310  N NH2 . ARG A 1 63  ? 7.732   9.269   2.625   1.00 16.48 ? 42  ARG A NH2 1 
ATOM   311  N N   . THR A 1 64  ? 0.673   14.074  0.300   1.00 13.20 ? 43  THR A N   1 
ATOM   312  C CA  . THR A 1 64  ? -0.452  14.208  -0.605  1.00 10.99 ? 43  THR A CA  1 
ATOM   313  C C   . THR A 1 64  ? -0.470  13.015  -1.547  1.00 12.25 ? 43  THR A C   1 
ATOM   314  O O   . THR A 1 64  ? 0.525   12.720  -2.211  1.00 12.78 ? 43  THR A O   1 
ATOM   315  C CB  . THR A 1 64  ? -0.331  15.502  -1.391  1.00 12.37 ? 43  THR A CB  1 
ATOM   316  O OG1 . THR A 1 64  ? -0.388  16.591  -0.465  1.00 14.58 ? 43  THR A OG1 1 
ATOM   317  C CG2 . THR A 1 64  ? -1.465  15.614  -2.389  1.00 12.76 ? 43  THR A CG2 1 
ATOM   318  N N   . VAL A 1 65  ? -1.602  12.320  -1.583  1.00 10.58 ? 44  VAL A N   1 
ATOM   319  C CA  . VAL A 1 65  ? -1.732  11.090  -2.353  1.00 10.57 ? 44  VAL A CA  1 
ATOM   320  C C   . VAL A 1 65  ? -2.992  11.139  -3.218  1.00 10.29 ? 44  VAL A C   1 
ATOM   321  O O   . VAL A 1 65  ? -4.086  11.412  -2.717  1.00 11.52 ? 44  VAL A O   1 
ATOM   322  C CB  . VAL A 1 65  ? -1.839  9.889   -1.394  1.00 10.13 ? 44  VAL A CB  1 
ATOM   323  C CG1 . VAL A 1 65  ? -2.079  8.593   -2.158  1.00 11.90 ? 44  VAL A CG1 1 
ATOM   324  C CG2 . VAL A 1 65  ? -0.578  9.790   -0.549  1.00 11.36 ? 44  VAL A CG2 1 
ATOM   325  N N   . CYS A 1 66  ? -2.844  10.854  -4.507  1.00 9.01  ? 45  CYS A N   1 
ATOM   326  C CA  . CYS A 1 66  ? -3.995  10.828  -5.409  1.00 9.76  ? 45  CYS A CA  1 
ATOM   327  C C   . CYS A 1 66  ? -4.319  9.393   -5.746  1.00 11.98 ? 45  CYS A C   1 
ATOM   328  O O   . CYS A 1 66  ? -3.430  8.639   -6.151  1.00 12.25 ? 45  CYS A O   1 
ATOM   329  C CB  . CYS A 1 66  ? -3.699  11.608  -6.686  1.00 10.32 ? 45  CYS A CB  1 
ATOM   330  S SG  . CYS A 1 66  ? -3.414  13.369  -6.406  1.00 12.75 ? 45  CYS A SG  1 
ATOM   331  N N   . SER A 1 67  ? -5.581  9.013   -5.562  1.00 9.92  ? 46  SER A N   1 
ATOM   332  C CA  . SER A 1 67  ? -5.972  7.617   -5.714  1.00 10.25 ? 46  SER A CA  1 
ATOM   333  C C   . SER A 1 67  ? -7.224  7.496   -6.559  1.00 9.50  ? 46  SER A C   1 
ATOM   334  O O   . SER A 1 67  ? -8.182  8.241   -6.364  1.00 9.77  ? 46  SER A O   1 
ATOM   335  C CB  . SER A 1 67  ? -6.267  6.968   -4.356  1.00 10.24 ? 46  SER A CB  1 
ATOM   336  O OG  . SER A 1 67  ? -5.232  7.185   -3.416  1.00 10.85 ? 46  SER A OG  1 
ATOM   337  N N   . GLY A 1 68  ? -7.228  6.518   -7.460  1.00 11.09 ? 47  GLY A N   1 
ATOM   338  C CA  . GLY A 1 68  ? -8.368  6.263   -8.313  1.00 9.92  ? 47  GLY A CA  1 
ATOM   339  C C   . GLY A 1 68  ? -9.431  5.482   -7.580  1.00 9.35  ? 47  GLY A C   1 
ATOM   340  O O   . GLY A 1 68  ? -9.703  4.315   -7.908  1.00 13.37 ? 47  GLY A O   1 
ATOM   341  N N   . LEU A 1 69  ? -10.033 6.103   -6.568  1.00 8.88  ? 48  LEU A N   1 
ATOM   342  C CA  . LEU A 1 69  ? -10.961 5.383   -5.705  1.00 9.93  ? 48  LEU A CA  1 
ATOM   343  C C   . LEU A 1 69  ? -12.365 5.979   -5.705  1.00 9.31  ? 48  LEU A C   1 
ATOM   344  O O   . LEU A 1 69  ? -13.250 5.464   -5.026  1.00 9.98  ? 48  LEU A O   1 
ATOM   345  C CB  . LEU A 1 69  ? -10.410 5.312   -4.279  1.00 9.89  ? 48  LEU A CB  1 
ATOM   346  C CG  . LEU A 1 69  ? -9.235  4.352   -4.065  1.00 9.81  ? 48  LEU A CG  1 
ATOM   347  C CD1 . LEU A 1 69  ? -8.626  4.558   -2.700  1.00 11.45 ? 48  LEU A CD1 1 
ATOM   348  C CD2 . LEU A 1 69  ? -9.660  2.877   -4.245  1.00 13.16 ? 48  LEU A CD2 1 
ATOM   349  N N   . VAL A 1 70  ? -12.570 7.047   -6.469  1.00 9.23  ? 49  VAL A N   1 
ATOM   350  C CA  . VAL A 1 70  ? -13.856 7.738   -6.475  1.00 9.51  ? 49  VAL A CA  1 
ATOM   351  C C   . VAL A 1 70  ? -15.019 6.852   -6.922  1.00 10.81 ? 49  VAL A C   1 
ATOM   352  O O   . VAL A 1 70  ? -16.133 6.962   -6.389  1.00 10.15 ? 49  VAL A O   1 
ATOM   353  C CB  . VAL A 1 70  ? -13.801 8.995   -7.344  1.00 8.95  ? 49  VAL A CB  1 
ATOM   354  C CG1 . VAL A 1 70  ? -15.173 9.677   -7.399  1.00 10.87 ? 49  VAL A CG1 1 
ATOM   355  C CG2 . VAL A 1 70  ? -12.751 9.963   -6.801  1.00 10.49 ? 49  VAL A CG2 1 
ATOM   356  N N   . LYS A 1 71  ? -14.781 5.965   -7.882  1.00 10.06 ? 50  LYS A N   1 
ATOM   357  C CA  . LYS A 1 71  ? -15.875 5.109   -8.329  1.00 11.91 ? 50  LYS A CA  1 
ATOM   358  C C   . LYS A 1 71  ? -16.147 3.950   -7.373  1.00 11.64 ? 50  LYS A C   1 
ATOM   359  O O   . LYS A 1 71  ? -17.178 3.295   -7.494  1.00 13.39 ? 50  LYS A O   1 
ATOM   360  C CB  . LYS A 1 71  ? -15.664 4.603   -9.759  1.00 16.22 ? 50  LYS A CB  1 
ATOM   361  C CG  . LYS A 1 71  ? -14.532 3.634   -9.924  1.00 16.94 ? 50  LYS A CG  1 
ATOM   362  C CD  . LYS A 1 71  ? -14.378 3.237   -11.388 1.00 19.13 ? 50  LYS A CD  1 
ATOM   363  C CE  . LYS A 1 71  ? -15.642 2.586   -11.912 1.00 28.65 ? 50  LYS A CE  1 
ATOM   364  N NZ  . LYS A 1 71  ? -15.429 1.992   -13.264 1.00 35.45 ? 50  LYS A NZ  1 
ATOM   365  N N   . HIS A 1 72  ? -15.256 3.748   -6.401  1.00 10.45 ? 51  HIS A N   1 
ATOM   366  C CA  . HIS A 1 72  ? -15.317 2.597   -5.507  1.00 12.53 ? 51  HIS A CA  1 
ATOM   367  C C   . HIS A 1 72  ? -15.781 2.924   -4.087  1.00 13.94 ? 51  HIS A C   1 
ATOM   368  O O   . HIS A 1 72  ? -16.393 2.085   -3.422  1.00 14.67 ? 51  HIS A O   1 
ATOM   369  C CB  . HIS A 1 72  ? -13.949 1.913   -5.456  1.00 12.81 ? 51  HIS A CB  1 
ATOM   370  C CG  . HIS A 1 72  ? -13.443 1.496   -6.801  1.00 13.34 ? 51  HIS A CG  1 
ATOM   371  N ND1 . HIS A 1 72  ? -14.031 0.487   -7.533  1.00 15.60 ? 51  HIS A ND1 1 
ATOM   372  C CD2 . HIS A 1 72  ? -12.425 1.968   -7.556  1.00 13.87 ? 51  HIS A CD2 1 
ATOM   373  C CE1 . HIS A 1 72  ? -13.390 0.352   -8.682  1.00 14.28 ? 51  HIS A CE1 1 
ATOM   374  N NE2 . HIS A 1 72  ? -12.413 1.241   -8.722  1.00 13.41 ? 51  HIS A NE2 1 
ATOM   375  N N   . PHE A 1 73  ? -15.475 4.126   -3.610  1.00 11.04 ? 52  PHE A N   1 
ATOM   376  C CA  . PHE A 1 73  ? -15.791 4.512   -2.235  1.00 9.93  ? 52  PHE A CA  1 
ATOM   377  C C   . PHE A 1 73  ? -16.286 5.938   -2.203  1.00 9.92  ? 52  PHE A C   1 
ATOM   378  O O   . PHE A 1 73  ? -15.805 6.762   -2.971  1.00 10.97 ? 52  PHE A O   1 
ATOM   379  C CB  . PHE A 1 73  ? -14.549 4.416   -1.363  1.00 10.29 ? 52  PHE A CB  1 
ATOM   380  C CG  . PHE A 1 73  ? -14.065 3.016   -1.192  1.00 10.88 ? 52  PHE A CG  1 
ATOM   381  C CD1 . PHE A 1 73  ? -14.634 2.198   -0.236  1.00 11.89 ? 52  PHE A CD1 1 
ATOM   382  C CD2 . PHE A 1 73  ? -13.089 2.498   -2.026  1.00 12.11 ? 52  PHE A CD2 1 
ATOM   383  C CE1 . PHE A 1 73  ? -14.214 0.889   -0.092  1.00 14.07 ? 52  PHE A CE1 1 
ATOM   384  C CE2 . PHE A 1 73  ? -12.665 1.195   -1.883  1.00 11.19 ? 52  PHE A CE2 1 
ATOM   385  C CZ  . PHE A 1 73  ? -13.234 0.393   -0.919  1.00 12.29 ? 52  PHE A CZ  1 
ATOM   386  N N   . PRO A 1 74  ? -17.244 6.232   -1.308  1.00 9.66  ? 53  PRO A N   1 
ATOM   387  C CA  . PRO A 1 74  ? -17.701 7.616   -1.142  1.00 11.79 ? 53  PRO A CA  1 
ATOM   388  C C   . PRO A 1 74  ? -16.743 8.379   -0.227  1.00 10.33 ? 53  PRO A C   1 
ATOM   389  O O   . PRO A 1 74  ? -15.917 7.772   0.473   1.00 10.55 ? 53  PRO A O   1 
ATOM   390  C CB  . PRO A 1 74  ? -19.057 7.442   -0.453  1.00 9.49  ? 53  PRO A CB  1 
ATOM   391  C CG  . PRO A 1 74  ? -18.871 6.200   0.401   1.00 11.54 ? 53  PRO A CG  1 
ATOM   392  C CD  . PRO A 1 74  ? -17.994 5.289   -0.449  1.00 11.14 ? 53  PRO A CD  1 
ATOM   393  N N   . LEU A 1 75  ? -16.876 9.699   -0.195  1.00 10.27 ? 54  LEU A N   1 
ATOM   394  C CA  . LEU A 1 75  ? -16.003 10.527  0.625   1.00 10.78 ? 54  LEU A CA  1 
ATOM   395  C C   . LEU A 1 75  ? -15.982 10.116  2.092   1.00 12.37 ? 54  LEU A C   1 
ATOM   396  O O   . LEU A 1 75  ? -14.926 10.112  2.719   1.00 11.74 ? 54  LEU A O   1 
ATOM   397  C CB  . LEU A 1 75  ? -16.411 11.995  0.501   1.00 10.27 ? 54  LEU A CB  1 
ATOM   398  C CG  . LEU A 1 75  ? -15.870 12.726  -0.737  1.00 10.03 ? 54  LEU A CG  1 
ATOM   399  C CD1 . LEU A 1 75  ? -16.595 14.042  -0.902  1.00 11.56 ? 54  LEU A CD1 1 
ATOM   400  C CD2 . LEU A 1 75  ? -14.363 12.957  -0.649  1.00 11.86 ? 54  LEU A CD2 1 
ATOM   401  N N   . ASP A 1 76  ? -17.135 9.759   2.645   1.00 12.00 ? 55  ASP A N   1 
ATOM   402  C CA  . ASP A 1 76  ? -17.151 9.439   4.070   1.00 13.53 ? 55  ASP A CA  1 
ATOM   403  C C   . ASP A 1 76  ? -16.324 8.199   4.411   1.00 14.15 ? 55  ASP A C   1 
ATOM   404  O O   . ASP A 1 76  ? -15.763 8.118   5.501   1.00 18.23 ? 55  ASP A O   1 
ATOM   405  C CB  . ASP A 1 76  ? -18.571 9.424   4.670   1.00 14.41 ? 55  ASP A CB  1 
ATOM   406  C CG  . ASP A 1 76  ? -19.474 8.375   4.066   1.00 19.82 ? 55  ASP A CG  1 
ATOM   407  O OD1 . ASP A 1 76  ? -19.124 7.766   3.035   1.00 23.28 ? 55  ASP A OD1 1 
ATOM   408  O OD2 . ASP A 1 76  ? -20.577 8.180   4.634   1.00 25.25 ? 55  ASP A OD2 1 
ATOM   409  N N   . ALA A 1 77  ? -16.211 7.264   3.469   1.00 11.00 ? 56  ALA A N   1 
ATOM   410  C CA  . ALA A 1 77  ? -15.409 6.058   3.675   1.00 11.54 ? 56  ALA A CA  1 
ATOM   411  C C   . ALA A 1 77  ? -13.905 6.336   3.628   1.00 11.52 ? 56  ALA A C   1 
ATOM   412  O O   . ALA A 1 77  ? -13.109 5.503   4.059   1.00 12.98 ? 56  ALA A O   1 
ATOM   413  C CB  . ALA A 1 77  ? -15.778 4.987   2.659   1.00 12.88 ? 56  ALA A CB  1 
ATOM   414  N N   . MET A 1 78  ? -13.521 7.499   3.106   1.00 10.82 ? 57  MET A N   1 
ATOM   415  C CA  . MET A 1 78  ? -12.116 7.876   3.004   1.00 11.04 ? 57  MET A CA  1 
ATOM   416  C C   . MET A 1 78  ? -11.571 8.547   4.272   1.00 10.72 ? 57  MET A C   1 
ATOM   417  O O   . MET A 1 78  ? -10.372 8.496   4.541   1.00 12.96 ? 57  MET A O   1 
ATOM   418  C CB  . MET A 1 78  ? -11.908 8.822   1.815   1.00 10.38 ? 57  MET A CB  1 
ATOM   419  C CG  . MET A 1 78  ? -12.255 8.233   0.454   1.00 10.26 ? 57  MET A CG  1 
ATOM   420  S SD  . MET A 1 78  ? -11.151 6.910   -0.091  1.00 11.55 ? 57  MET A SD  1 
ATOM   421  C CE  . MET A 1 78  ? -9.615  7.785   -0.213  1.00 13.80 ? 57  MET A CE  1 
ATOM   422  N N   . GLN A 1 79  ? -12.439 9.220   5.026   1.00 12.08 ? 58  GLN A N   1 
ATOM   423  C CA  . GLN A 1 79  ? -11.957 10.080  6.109   1.00 11.74 ? 58  GLN A CA  1 
ATOM   424  C C   . GLN A 1 79  ? -11.507 9.279   7.328   1.00 12.09 ? 58  GLN A C   1 
ATOM   425  O O   . GLN A 1 79  ? -12.175 8.331   7.753   1.00 13.50 ? 58  GLN A O   1 
ATOM   426  C CB  . GLN A 1 79  ? -13.020 11.103  6.541   1.00 12.03 ? 58  GLN A CB  1 
ATOM   427  C CG  . GLN A 1 79  ? -13.777 11.790  5.405   1.00 11.08 ? 58  GLN A CG  1 
ATOM   428  C CD  . GLN A 1 79  ? -12.888 12.577  4.458   1.00 10.52 ? 58  GLN A CD  1 
ATOM   429  O OE1 . GLN A 1 79  ? -11.961 13.283  4.867   1.00 11.60 ? 58  GLN A OE1 1 
ATOM   430  N NE2 . GLN A 1 79  ? -13.185 12.465  3.173   1.00 10.67 ? 58  GLN A NE2 1 
ATOM   431  N N   . GLU A 1 80  ? -10.368 9.682   7.883   1.00 11.47 ? 59  GLU A N   1 
ATOM   432  C CA  . GLU A 1 80  ? -9.865  9.119   9.141   1.00 12.73 ? 59  GLU A CA  1 
ATOM   433  C C   . GLU A 1 80  ? -9.742  7.597   9.070   1.00 15.63 ? 59  GLU A C   1 
ATOM   434  O O   . GLU A 1 80  ? -10.102 6.866   10.004  1.00 18.96 ? 59  GLU A O   1 
ATOM   435  C CB  . GLU A 1 80  ? -10.741 9.573   10.314  1.00 17.00 ? 59  GLU A CB  1 
ATOM   436  C CG  . GLU A 1 80  ? -10.771 11.084  10.452  1.00 19.19 ? 59  GLU A CG  1 
ATOM   437  C CD  . GLU A 1 80  ? -11.312 11.569  11.786  1.00 29.93 ? 59  GLU A CD  1 
ATOM   438  O OE1 . GLU A 1 80  ? -11.970 10.785  12.500  1.00 30.52 ? 59  GLU A OE1 1 
ATOM   439  O OE2 . GLU A 1 80  ? -11.065 12.749  12.117  1.00 34.86 ? 59  GLU A OE2 1 
ATOM   440  N N   . ARG A 1 81  ? -9.221  7.124   7.947   1.00 13.35 ? 60  ARG A N   1 
ATOM   441  C CA  . ARG A 1 81  ? -9.032  5.698   7.709   1.00 11.93 ? 60  ARG A CA  1 
ATOM   442  C C   . ARG A 1 81  ? -7.561  5.347   7.826   1.00 13.07 ? 60  ARG A C   1 
ATOM   443  O O   . ARG A 1 81  ? -6.710  6.082   7.338   1.00 12.07 ? 60  ARG A O   1 
ATOM   444  C CB  . ARG A 1 81  ? -9.509  5.330   6.299   1.00 16.29 ? 60  ARG A CB  1 
ATOM   445  C CG  . ARG A 1 81  ? -9.141  3.910   5.885   1.00 15.06 ? 60  ARG A CG  1 
ATOM   446  C CD  . ARG A 1 81  ? -9.590  3.557   4.481   1.00 14.97 ? 60  ARG A CD  1 
ATOM   447  N NE  . ARG A 1 81  ? -11.039 3.505   4.357   1.00 15.93 ? 60  ARG A NE  1 
ATOM   448  C CZ  . ARG A 1 81  ? -11.759 2.404   4.541   1.00 16.10 ? 60  ARG A CZ  1 
ATOM   449  N NH1 . ARG A 1 81  ? -11.154 1.257   4.858   1.00 15.11 ? 60  ARG A NH1 1 
ATOM   450  N NH2 . ARG A 1 81  ? -13.078 2.452   4.407   1.00 20.30 ? 60  ARG A NH2 1 
ATOM   451  N N   . TYR A 1 82  ? -7.265  4.219   8.467   1.00 12.25 ? 61  TYR A N   1 
ATOM   452  C CA  . TYR A 1 82  ? -5.926  3.658   8.455   1.00 9.85  ? 61  TYR A CA  1 
ATOM   453  C C   . TYR A 1 82  ? -5.756  2.812   7.213   1.00 10.34 ? 61  TYR A C   1 
ATOM   454  O O   . TYR A 1 82  ? -6.631  2.008   6.885   1.00 10.77 ? 61  TYR A O   1 
ATOM   455  C CB  . TYR A 1 82  ? -5.707  2.807   9.707   1.00 12.60 ? 61  TYR A CB  1 
ATOM   456  C CG  . TYR A 1 82  ? -5.501  3.644   10.940  1.00 14.72 ? 61  TYR A CG  1 
ATOM   457  C CD1 . TYR A 1 82  ? -4.240  4.121   11.270  1.00 16.17 ? 61  TYR A CD1 1 
ATOM   458  C CD2 . TYR A 1 82  ? -6.571  4.000   11.745  1.00 16.10 ? 61  TYR A CD2 1 
ATOM   459  C CE1 . TYR A 1 82  ? -4.042  4.907   12.393  1.00 17.92 ? 61  TYR A CE1 1 
ATOM   460  C CE2 . TYR A 1 82  ? -6.385  4.784   12.866  1.00 20.37 ? 61  TYR A CE2 1 
ATOM   461  C CZ  . TYR A 1 82  ? -5.117  5.234   13.181  1.00 19.49 ? 61  TYR A CZ  1 
ATOM   462  O OH  . TYR A 1 82  ? -4.929  6.016   14.300  1.00 26.02 ? 61  TYR A OH  1 
ATOM   463  N N   . VAL A 1 83  ? -4.633  3.005   6.528   1.00 10.01 ? 62  VAL A N   1 
ATOM   464  C CA  . VAL A 1 83  ? -4.339  2.329   5.271   1.00 9.13  ? 62  VAL A CA  1 
ATOM   465  C C   . VAL A 1 83  ? -2.902  1.817   5.288   1.00 9.65  ? 62  VAL A C   1 
ATOM   466  O O   . VAL A 1 83  ? -2.129  2.138   6.200   1.00 9.87  ? 62  VAL A O   1 
ATOM   467  C CB  . VAL A 1 83  ? -4.511  3.295   4.074   1.00 10.14 ? 62  VAL A CB  1 
ATOM   468  C CG1 . VAL A 1 83  ? -5.967  3.699   3.912   1.00 12.32 ? 62  VAL A CG1 1 
ATOM   469  C CG2 . VAL A 1 83  ? -3.642  4.536   4.256   1.00 10.51 ? 62  VAL A CG2 1 
ATOM   470  N N   . VAL A 1 84  ? -2.558  0.999   4.305   1.00 9.14  ? 63  VAL A N   1 
ATOM   471  C CA  . VAL A 1 84  ? -1.162  0.698   4.047   1.00 8.67  ? 63  VAL A CA  1 
ATOM   472  C C   . VAL A 1 84  ? -0.734  1.531   2.847   1.00 8.88  ? 63  VAL A C   1 
ATOM   473  O O   . VAL A 1 84  ? -1.435  1.577   1.835   1.00 8.77  ? 63  VAL A O   1 
ATOM   474  C CB  . VAL A 1 84  ? -0.918  -0.799  3.762   1.00 8.48  ? 63  VAL A CB  1 
ATOM   475  C CG1 . VAL A 1 84  ? 0.544   -1.049  3.408   1.00 11.17 ? 63  VAL A CG1 1 
ATOM   476  C CG2 . VAL A 1 84  ? -1.325  -1.640  4.972   1.00 9.77  ? 63  VAL A CG2 1 
ATOM   477  N N   . VAL A 1 85  ? 0.409   2.194   2.980   1.00 9.94  ? 64  VAL A N   1 
ATOM   478  C CA  A VAL A 1 85  ? 0.933   3.030   1.902   0.68 10.36 ? 64  VAL A CA  1 
ATOM   479  C CA  B VAL A 1 85  ? 0.934   3.047   1.928   0.32 10.37 ? 64  VAL A CA  1 
ATOM   480  C C   . VAL A 1 85  ? 2.333   2.613   1.495   1.00 9.34  ? 64  VAL A C   1 
ATOM   481  O O   . VAL A 1 85  ? 3.158   2.237   2.332   1.00 11.08 ? 64  VAL A O   1 
ATOM   482  C CB  A VAL A 1 85  ? 0.981   4.531   2.274   0.68 12.33 ? 64  VAL A CB  1 
ATOM   483  C CB  B VAL A 1 85  ? 0.996   4.496   2.418   0.32 12.14 ? 64  VAL A CB  1 
ATOM   484  C CG1 A VAL A 1 85  ? -0.374  5.223   1.987   0.68 11.74 ? 64  VAL A CG1 1 
ATOM   485  C CG1 B VAL A 1 85  ? 1.487   5.405   1.316   0.32 10.47 ? 64  VAL A CG1 1 
ATOM   486  C CG2 A VAL A 1 85  ? 1.437   4.720   3.712   0.68 12.99 ? 64  VAL A CG2 1 
ATOM   487  C CG2 B VAL A 1 85  ? -0.379  4.932   2.913   0.32 12.38 ? 64  VAL A CG2 1 
ATOM   488  N N   . VAL A 1 86  ? 2.588   2.663   0.193   1.00 11.32 ? 65  VAL A N   1 
ATOM   489  C CA  . VAL A 1 86  ? 3.921   2.477   -0.359  1.00 9.87  ? 65  VAL A CA  1 
ATOM   490  C C   . VAL A 1 86  ? 4.541   3.867   -0.440  1.00 11.21 ? 65  VAL A C   1 
ATOM   491  O O   . VAL A 1 86  ? 3.952   4.771   -1.049  1.00 11.65 ? 65  VAL A O   1 
ATOM   492  C CB  . VAL A 1 86  ? 3.856   1.850   -1.759  1.00 12.67 ? 65  VAL A CB  1 
ATOM   493  C CG1 . VAL A 1 86  ? 5.253   1.650   -2.324  1.00 14.13 ? 65  VAL A CG1 1 
ATOM   494  C CG2 . VAL A 1 86  ? 3.092   0.533   -1.718  1.00 13.73 ? 65  VAL A CG2 1 
ATOM   495  N N   . CYS A 1 87  ? 5.723   4.040   0.151   1.00 11.53 ? 66  CYS A N   1 
ATOM   496  C CA  . CYS A 1 87  ? 6.252   5.378   0.438   1.00 13.15 ? 66  CYS A CA  1 
ATOM   497  C C   . CYS A 1 87  ? 7.557   5.740   -0.258  1.00 15.07 ? 66  CYS A C   1 
ATOM   498  O O   . CYS A 1 87  ? 8.034   6.865   -0.095  1.00 19.52 ? 66  CYS A O   1 
ATOM   499  C CB  . CYS A 1 87  ? 6.445   5.552   1.952   1.00 15.45 ? 66  CYS A CB  1 
ATOM   500  S SG  . CYS A 1 87  ? 4.912   5.491   2.897   1.00 14.48 ? 66  CYS A SG  1 
ATOM   501  N N   . ASN A 1 88  ? 8.144   4.820   -1.015  1.00 13.16 ? 67  ASN A N   1 
ATOM   502  C CA  . ASN A 1 88  ? 9.411   5.137   -1.676  1.00 13.04 ? 67  ASN A CA  1 
ATOM   503  C C   . ASN A 1 88  ? 9.444   4.990   -3.197  1.00 13.39 ? 67  ASN A C   1 
ATOM   504  O O   . ASN A 1 88  ? 10.519  4.851   -3.787  1.00 14.67 ? 67  ASN A O   1 
ATOM   505  C CB  . ASN A 1 88  ? 10.588  4.399   -1.024  1.00 14.24 ? 67  ASN A CB  1 
ATOM   506  C CG  . ASN A 1 88  ? 10.517  2.905   -1.213  1.00 14.67 ? 67  ASN A CG  1 
ATOM   507  O OD1 . ASN A 1 88  ? 9.452   2.350   -1.491  1.00 14.29 ? 67  ASN A OD1 1 
ATOM   508  N ND2 . ASN A 1 88  ? 11.660  2.240   -1.070  1.00 13.48 ? 67  ASN A ND2 1 
ATOM   509  N N   . LEU A 1 89  ? 8.273   5.012   -3.830  1.00 14.35 ? 68  LEU A N   1 
ATOM   510  C CA  . LEU A 1 89  ? 8.214   5.177   -5.275  1.00 16.97 ? 68  LEU A CA  1 
ATOM   511  C C   . LEU A 1 89  ? 8.436   6.651   -5.611  1.00 15.37 ? 68  LEU A C   1 
ATOM   512  O O   . LEU A 1 89  ? 8.063   7.538   -4.843  1.00 15.35 ? 68  LEU A O   1 
ATOM   513  C CB  . LEU A 1 89  ? 6.856   4.726   -5.813  1.00 19.39 ? 68  LEU A CB  1 
ATOM   514  C CG  . LEU A 1 89  ? 6.589   3.230   -5.979  1.00 23.93 ? 68  LEU A CG  1 
ATOM   515  C CD1 . LEU A 1 89  ? 7.213   2.420   -4.862  1.00 29.05 ? 68  LEU A CD1 1 
ATOM   516  C CD2 . LEU A 1 89  ? 5.090   2.972   -6.048  1.00 25.65 ? 68  LEU A CD2 1 
ATOM   517  N N   . LYS A 1 90  ? 9.065   6.911   -6.750  1.00 17.87 ? 69  LYS A N   1 
ATOM   518  C CA  . LYS A 1 90  ? 9.189   8.280   -7.241  1.00 18.77 ? 69  LYS A CA  1 
ATOM   519  C C   . LYS A 1 90  ? 7.810   8.940   -7.341  1.00 17.38 ? 69  LYS A C   1 
ATOM   520  O O   . LYS A 1 90  ? 6.854   8.309   -7.777  1.00 17.84 ? 69  LYS A O   1 
ATOM   521  C CB  . LYS A 1 90  ? 9.883   8.272   -8.600  1.00 19.50 ? 69  LYS A CB  1 
ATOM   522  C CG  . LYS A 1 90  ? 9.444   9.376   -9.543  1.00 30.65 ? 69  LYS A CG  1 
ATOM   523  C CD  . LYS A 1 90  ? 10.201  9.286   -10.858 1.00 33.07 ? 69  LYS A CD  1 
ATOM   524  C CE  . LYS A 1 90  ? 11.673  9.600   -10.654 1.00 36.27 ? 69  LYS A CE  1 
ATOM   525  N NZ  . LYS A 1 90  ? 11.851  11.017  -10.232 1.00 41.23 ? 69  LYS A NZ  1 
ATOM   526  N N   . PRO A 1 91  ? 7.703   10.200  -6.902  1.00 17.38 ? 70  PRO A N   1 
ATOM   527  C CA  . PRO A 1 91  ? 6.418   10.903  -6.976  1.00 16.73 ? 70  PRO A CA  1 
ATOM   528  C C   . PRO A 1 91  ? 5.909   11.003  -8.414  1.00 17.69 ? 70  PRO A C   1 
ATOM   529  O O   . PRO A 1 91  ? 6.706   11.032  -9.358  1.00 16.30 ? 70  PRO A O   1 
ATOM   530  C CB  . PRO A 1 91  ? 6.750   12.289  -6.435  1.00 18.66 ? 70  PRO A CB  1 
ATOM   531  C CG  . PRO A 1 91  ? 7.899   12.055  -5.500  1.00 23.46 ? 70  PRO A CG  1 
ATOM   532  C CD  . PRO A 1 91  ? 8.714   10.972  -6.158  1.00 23.30 ? 70  PRO A CD  1 
ATOM   533  N N   . VAL A 1 92  ? 4.588   11.032  -8.568  1.00 14.03 ? 71  VAL A N   1 
ATOM   534  C CA  . VAL A 1 92  ? 3.959   11.068  -9.882  1.00 15.85 ? 71  VAL A CA  1 
ATOM   535  C C   . VAL A 1 92  ? 3.067   12.289  -9.987  1.00 13.50 ? 71  VAL A C   1 
ATOM   536  O O   . VAL A 1 92  ? 2.330   12.606  -9.056  1.00 14.68 ? 71  VAL A O   1 
ATOM   537  C CB  . VAL A 1 92  ? 3.074   9.829   -10.099 1.00 17.04 ? 71  VAL A CB  1 
ATOM   538  C CG1 . VAL A 1 92  ? 2.399   9.882   -11.459 1.00 21.17 ? 71  VAL A CG1 1 
ATOM   539  C CG2 . VAL A 1 92  ? 3.899   8.558   -9.956  1.00 21.55 ? 71  VAL A CG2 1 
ATOM   540  N N   . ASN A 1 93  ? 3.143   12.982  -11.121 1.00 14.71 ? 72  ASN A N   1 
ATOM   541  C CA  . ASN A 1 93  ? 2.189   14.034  -11.424 1.00 16.20 ? 72  ASN A CA  1 
ATOM   542  C C   . ASN A 1 93  ? 0.865   13.402  -11.804 1.00 12.74 ? 72  ASN A C   1 
ATOM   543  O O   . ASN A 1 93  ? 0.727   12.833  -12.891 1.00 17.28 ? 72  ASN A O   1 
ATOM   544  C CB  . ASN A 1 93  ? 2.699   14.912  -12.569 1.00 13.60 ? 72  ASN A CB  1 
ATOM   545  C CG  . ASN A 1 93  ? 1.675   15.949  -13.021 1.00 18.48 ? 72  ASN A CG  1 
ATOM   546  O OD1 . ASN A 1 93  ? 0.723   16.258  -12.304 1.00 18.76 ? 72  ASN A OD1 1 
ATOM   547  N ND2 . ASN A 1 93  ? 1.875   16.498  -14.220 1.00 21.09 ? 72  ASN A ND2 1 
ATOM   548  N N   . MET A 1 94  ? -0.100  13.481  -10.895 1.00 11.28 ? 73  MET A N   1 
ATOM   549  C CA  A MET A 1 94  ? -1.412  12.935  -11.182 0.63 13.11 ? 73  MET A CA  1 
ATOM   550  C CA  B MET A 1 94  ? -1.436  12.937  -11.111 0.37 13.13 ? 73  MET A CA  1 
ATOM   551  C C   . MET A 1 94  ? -2.420  14.049  -11.447 1.00 13.95 ? 73  MET A C   1 
ATOM   552  O O   . MET A 1 94  ? -2.969  14.660  -10.533 1.00 11.18 ? 73  MET A O   1 
ATOM   553  C CB  A MET A 1 94  ? -1.847  11.961  -10.086 0.63 13.64 ? 73  MET A CB  1 
ATOM   554  C CB  B MET A 1 94  ? -1.912  12.228  -9.841  0.37 13.24 ? 73  MET A CB  1 
ATOM   555  C CG  A MET A 1 94  ? -0.913  10.755  -10.025 0.63 11.77 ? 73  MET A CG  1 
ATOM   556  C CG  B MET A 1 94  ? -1.070  11.035  -9.461  0.37 12.49 ? 73  MET A CG  1 
ATOM   557  S SD  A MET A 1 94  ? -1.300  9.546   -8.758  0.63 11.73 ? 73  MET A SD  1 
ATOM   558  S SD  B MET A 1 94  ? -1.426  9.646   -10.541 0.37 16.89 ? 73  MET A SD  1 
ATOM   559  C CE  A MET A 1 94  ? -2.844  8.873   -9.371  0.63 16.34 ? 73  MET A CE  1 
ATOM   560  C CE  B MET A 1 94  ? -2.908  8.992   -9.775  0.37 16.55 ? 73  MET A CE  1 
ATOM   561  N N   . ARG A 1 95  ? -2.626  14.302  -12.738 1.00 12.93 ? 74  ARG A N   1 
ATOM   562  C CA  . ARG A 1 95  ? -3.498  15.381  -13.201 1.00 13.01 ? 74  ARG A CA  1 
ATOM   563  C C   . ARG A 1 95  ? -3.166  16.696  -12.502 1.00 12.06 ? 74  ARG A C   1 
ATOM   564  O O   . ARG A 1 95  ? -4.051  17.432  -12.065 1.00 13.02 ? 74  ARG A O   1 
ATOM   565  C CB  . ARG A 1 95  ? -4.974  15.008  -13.020 1.00 15.57 ? 74  ARG A CB  1 
ATOM   566  C CG  . ARG A 1 95  ? -5.459  13.895  -13.943 1.00 17.76 ? 74  ARG A CG  1 
ATOM   567  C CD  . ARG A 1 95  ? -5.392  14.321  -15.411 1.00 19.58 ? 74  ARG A CD  1 
ATOM   568  N NE  . ARG A 1 95  ? -5.925  15.669  -15.605 1.00 27.10 ? 74  ARG A NE  1 
ATOM   569  C CZ  . ARG A 1 95  ? -7.212  15.947  -15.798 1.00 27.93 ? 74  ARG A CZ  1 
ATOM   570  N NH1 . ARG A 1 95  ? -8.106  14.963  -15.828 1.00 29.45 ? 74  ARG A NH1 1 
ATOM   571  N NH2 . ARG A 1 95  ? -7.605  17.207  -15.956 1.00 22.40 ? 74  ARG A NH2 1 
ATOM   572  N N   . GLY A 1 96  ? -1.876  16.982  -12.384 1.00 12.19 ? 75  GLY A N   1 
ATOM   573  C CA  . GLY A 1 96  ? -1.436  18.277  -11.908 1.00 13.23 ? 75  GLY A CA  1 
ATOM   574  C C   . GLY A 1 96  ? -1.150  18.364  -10.427 1.00 14.44 ? 75  GLY A C   1 
ATOM   575  O O   . GLY A 1 96  ? -0.702  19.400  -9.944  1.00 14.29 ? 75  GLY A O   1 
ATOM   576  N N   . ILE A 1 97  ? -1.416  17.283  -9.696  1.00 12.98 ? 76  ILE A N   1 
ATOM   577  C CA  . ILE A 1 97  ? -1.090  17.240  -8.278  1.00 13.21 ? 76  ILE A CA  1 
ATOM   578  C C   . ILE A 1 97  ? -0.025  16.182  -8.024  1.00 10.84 ? 76  ILE A C   1 
ATOM   579  O O   . ILE A 1 97  ? -0.157  15.048  -8.477  1.00 12.86 ? 76  ILE A O   1 
ATOM   580  C CB  . ILE A 1 97  ? -2.348  16.970  -7.432  1.00 11.15 ? 76  ILE A CB  1 
ATOM   581  C CG1 . ILE A 1 97  ? -3.322  18.148  -7.583  1.00 12.80 ? 76  ILE A CG1 1 
ATOM   582  C CG2 . ILE A 1 97  ? -1.982  16.737  -5.964  1.00 14.40 ? 76  ILE A CG2 1 
ATOM   583  C CD1 . ILE A 1 97  ? -4.637  17.928  -6.855  1.00 14.95 ? 76  ILE A CD1 1 
ATOM   584  N N   . LYS A 1 98  ? 1.036   16.576  -7.328  1.00 12.35 ? 77  LYS A N   1 
ATOM   585  C CA  . LYS A 1 98  ? 2.155   15.679  -7.045  1.00 14.22 ? 77  LYS A CA  1 
ATOM   586  C C   . LYS A 1 98  ? 1.774   14.656  -5.970  1.00 12.70 ? 77  LYS A C   1 
ATOM   587  O O   . LYS A 1 98  ? 1.514   15.014  -4.826  1.00 14.94 ? 77  LYS A O   1 
ATOM   588  C CB  . LYS A 1 98  ? 3.376   16.485  -6.598  1.00 14.68 ? 77  LYS A CB  1 
ATOM   589  C CG  . LYS A 1 98  ? 4.645   15.675  -6.435  1.00 19.84 ? 77  LYS A CG  1 
ATOM   590  C CD  . LYS A 1 98  ? 5.732   16.511  -5.770  1.00 24.07 ? 77  LYS A CD  1 
ATOM   591  C CE  . LYS A 1 98  ? 7.060   15.772  -5.709  1.00 28.67 ? 77  LYS A CE  1 
ATOM   592  N NZ  . LYS A 1 98  ? 7.677   15.687  -7.064  1.00 40.36 ? 77  LYS A NZ  1 
ATOM   593  N N   . SER A 1 99  ? 1.716   13.388  -6.359  1.00 11.78 ? 78  SER A N   1 
ATOM   594  C CA  . SER A 1 99  ? 1.334   12.312  -5.450  1.00 10.70 ? 78  SER A CA  1 
ATOM   595  C C   . SER A 1 99  ? 2.599   11.603  -4.971  1.00 10.20 ? 78  SER A C   1 
ATOM   596  O O   . SER A 1 99  ? 3.379   11.115  -5.790  1.00 13.25 ? 78  SER A O   1 
ATOM   597  C CB  . SER A 1 99  ? 0.412   11.338  -6.180  1.00 11.61 ? 78  SER A CB  1 
ATOM   598  O OG  . SER A 1 99  ? -0.051  10.323  -5.303  1.00 10.37 ? 78  SER A OG  1 
ATOM   599  N N   . THR A 1 100 ? 2.797   11.550  -3.655  1.00 10.27 ? 79  THR A N   1 
ATOM   600  C CA  . THR A 1 100 ? 4.069   11.089  -3.104  1.00 12.23 ? 79  THR A CA  1 
ATOM   601  C C   . THR A 1 100 ? 3.966   9.770   -2.343  1.00 12.72 ? 79  THR A C   1 
ATOM   602  O O   . THR A 1 100 ? 4.921   9.360   -1.686  1.00 14.02 ? 79  THR A O   1 
ATOM   603  C CB  . THR A 1 100 ? 4.668   12.132  -2.160  1.00 12.78 ? 79  THR A CB  1 
ATOM   604  O OG1 . THR A 1 100 ? 3.719   12.427  -1.135  1.00 15.03 ? 79  THR A OG1 1 
ATOM   605  C CG2 . THR A 1 100 ? 5.008   13.423  -2.929  1.00 13.77 ? 79  THR A CG2 1 
ATOM   606  N N   . ALA A 1 101 ? 2.810   9.118   -2.412  1.00 10.99 ? 80  ALA A N   1 
ATOM   607  C CA  . ALA A 1 101 ? 2.665   7.768   -1.875  1.00 11.84 ? 80  ALA A CA  1 
ATOM   608  C C   . ALA A 1 101 ? 1.503   7.090   -2.569  1.00 11.89 ? 80  ALA A C   1 
ATOM   609  O O   . ALA A 1 101 ? 0.819   7.702   -3.391  1.00 11.42 ? 80  ALA A O   1 
ATOM   610  C CB  . ALA A 1 101 ? 2.459   7.791   -0.368  1.00 13.52 ? 80  ALA A CB  1 
ATOM   611  N N   . MET A 1 102 ? 1.270   5.828   -2.244  1.00 10.85 ? 81  MET A N   1 
ATOM   612  C CA  . MET A 1 102 ? 0.260   5.051   -2.938  1.00 11.23 ? 81  MET A CA  1 
ATOM   613  C C   . MET A 1 102 ? -0.457  4.157   -1.938  1.00 9.40  ? 81  MET A C   1 
ATOM   614  O O   . MET A 1 102 ? 0.185   3.460   -1.162  1.00 11.21 ? 81  MET A O   1 
ATOM   615  C CB  . MET A 1 102 ? 0.942   4.201   -4.012  1.00 13.10 ? 81  MET A CB  1 
ATOM   616  C CG  . MET A 1 102 ? 0.014   3.507   -4.982  1.00 17.43 ? 81  MET A CG  1 
ATOM   617  S SD  . MET A 1 102 ? 0.987   2.729   -6.295  1.00 18.85 ? 81  MET A SD  1 
ATOM   618  C CE  . MET A 1 102 ? 1.834   1.418   -5.415  1.00 18.83 ? 81  MET A CE  1 
ATOM   619  N N   . VAL A 1 103 ? -1.783  4.184   -1.945  1.00 8.44  ? 82  VAL A N   1 
ATOM   620  C CA  . VAL A 1 103 ? -2.590  3.373   -1.033  1.00 8.90  ? 82  VAL A CA  1 
ATOM   621  C C   . VAL A 1 103 ? -2.766  1.968   -1.581  1.00 8.31  ? 82  VAL A C   1 
ATOM   622  O O   . VAL A 1 103 ? -3.211  1.778   -2.714  1.00 10.15 ? 82  VAL A O   1 
ATOM   623  C CB  . VAL A 1 103 ? -3.985  4.009   -0.779  1.00 9.74  ? 82  VAL A CB  1 
ATOM   624  C CG1 . VAL A 1 103 ? -4.871  3.090   0.040   1.00 10.60 ? 82  VAL A CG1 1 
ATOM   625  C CG2 . VAL A 1 103 ? -3.837  5.362   -0.069  1.00 9.88  ? 82  VAL A CG2 1 
ATOM   626  N N   . LEU A 1 104 ? -2.386  0.984   -0.768  1.00 8.26  ? 83  LEU A N   1 
ATOM   627  C CA  . LEU A 1 104 ? -2.430  -0.418  -1.166  1.00 9.52  ? 83  LEU A CA  1 
ATOM   628  C C   . LEU A 1 104 ? -3.846  -0.990  -1.077  1.00 8.59  ? 83  LEU A C   1 
ATOM   629  O O   . LEU A 1 104 ? -4.504  -0.882  -0.040  1.00 8.94  ? 83  LEU A O   1 
ATOM   630  C CB  . LEU A 1 104 ? -1.463  -1.222  -0.297  1.00 12.18 ? 83  LEU A CB  1 
ATOM   631  C CG  . LEU A 1 104 ? -0.980  -2.586  -0.783  1.00 13.01 ? 83  LEU A CG  1 
ATOM   632  C CD1 . LEU A 1 104 ? -0.040  -2.443  -1.971  1.00 14.85 ? 83  LEU A CD1 1 
ATOM   633  C CD2 . LEU A 1 104 ? -0.292  -3.325  0.344   1.00 14.96 ? 83  LEU A CD2 1 
ATOM   634  N N   . CYS A 1 105 ? -4.313  -1.574  -2.179  1.00 9.16  ? 84  CYS A N   1 
ATOM   635  C CA  . CYS A 1 105 ? -5.638  -2.180  -2.249  1.00 9.68  ? 84  CYS A CA  1 
ATOM   636  C C   . CYS A 1 105 ? -5.548  -3.576  -2.838  1.00 9.23  ? 84  CYS A C   1 
ATOM   637  O O   . CYS A 1 105 ? -4.595  -3.892  -3.549  1.00 10.50 ? 84  CYS A O   1 
ATOM   638  C CB  . CYS A 1 105 ? -6.562  -1.357  -3.144  1.00 8.73  ? 84  CYS A CB  1 
ATOM   639  S SG  . CYS A 1 105 ? -6.894  0.332   -2.564  1.00 11.83 ? 84  CYS A SG  1 
ATOM   640  N N   . GLY A 1 106 ? -6.533  -4.417  -2.521  1.00 9.00  ? 85  GLY A N   1 
ATOM   641  C CA  . GLY A 1 106 ? -6.667  -5.714  -3.165  1.00 9.36  ? 85  GLY A CA  1 
ATOM   642  C C   . GLY A 1 106 ? -7.911  -5.707  -4.028  1.00 9.05  ? 85  GLY A C   1 
ATOM   643  O O   . GLY A 1 106 ? -8.996  -5.335  -3.564  1.00 10.99 ? 85  GLY A O   1 
ATOM   644  N N   . SER A 1 107 ? -7.764  -6.111  -5.286  1.00 8.52  ? 86  SER A N   1 
ATOM   645  C CA  . SER A 1 107 ? -8.867  -6.007  -6.238  1.00 9.60  ? 86  SER A CA  1 
ATOM   646  C C   . SER A 1 107 ? -9.078  -7.304  -7.014  1.00 8.94  ? 86  SER A C   1 
ATOM   647  O O   . SER A 1 107 ? -8.169  -8.144  -7.131  1.00 9.00  ? 86  SER A O   1 
ATOM   648  C CB  . SER A 1 107 ? -8.607  -4.874  -7.243  1.00 11.61 ? 86  SER A CB  1 
ATOM   649  O OG  . SER A 1 107 ? -8.326  -3.659  -6.578  1.00 12.37 ? 86  SER A OG  1 
ATOM   650  N N   . ASN A 1 108 ? -10.287 -7.471  -7.544  1.00 11.30 ? 87  ASN A N   1 
ATOM   651  C CA  . ASN A 1 108 ? -10.517 -8.466  -8.585  1.00 11.55 ? 87  ASN A CA  1 
ATOM   652  C C   . ASN A 1 108 ? -11.103 -7.734  -9.799  1.00 11.46 ? 87  ASN A C   1 
ATOM   653  O O   . ASN A 1 108 ? -10.964 -6.516  -9.900  1.00 12.62 ? 87  ASN A O   1 
ATOM   654  C CB  . ASN A 1 108 ? -11.376 -9.644  -8.085  1.00 11.09 ? 87  ASN A CB  1 
ATOM   655  C CG  . ASN A 1 108 ? -12.748 -9.216  -7.619  1.00 13.37 ? 87  ASN A CG  1 
ATOM   656  O OD1 . ASN A 1 108 ? -13.224 -8.141  -7.968  1.00 12.38 ? 87  ASN A OD1 1 
ATOM   657  N ND2 . ASN A 1 108 ? -13.401 -10.066 -6.837  1.00 14.50 ? 87  ASN A ND2 1 
ATOM   658  N N   . ASP A 1 109 ? -11.737 -8.444  -10.723 1.00 10.95 ? 88  ASP A N   1 
ATOM   659  C CA  . ASP A 1 109 ? -12.213 -7.804  -11.944 1.00 11.34 ? 88  ASP A CA  1 
ATOM   660  C C   . ASP A 1 109 ? -13.378 -6.859  -11.669 1.00 13.00 ? 88  ASP A C   1 
ATOM   661  O O   . ASP A 1 109 ? -13.676 -5.990  -12.493 1.00 16.49 ? 88  ASP A O   1 
ATOM   662  C CB  . ASP A 1 109 ? -12.622 -8.858  -12.968 1.00 11.76 ? 88  ASP A CB  1 
ATOM   663  C CG  . ASP A 1 109 ? -13.735 -9.740  -12.465 1.00 15.86 ? 88  ASP A CG  1 
ATOM   664  O OD1 . ASP A 1 109 ? -13.461 -10.597 -11.608 1.00 16.74 ? 88  ASP A OD1 1 
ATOM   665  O OD2 . ASP A 1 109 ? -14.886 -9.553  -12.918 1.00 21.25 ? 88  ASP A OD2 1 
ATOM   666  N N   . ASP A 1 110 ? -14.010 -7.019  -10.511 1.00 14.57 ? 89  ASP A N   1 
ATOM   667  C CA  . ASP A 1 110 ? -15.290 -6.391  -10.205 1.00 20.73 ? 89  ASP A CA  1 
ATOM   668  C C   . ASP A 1 110 ? -15.231 -5.381  -9.053  1.00 18.92 ? 89  ASP A C   1 
ATOM   669  O O   . ASP A 1 110 ? -16.078 -4.497  -8.960  1.00 21.10 ? 89  ASP A O   1 
ATOM   670  C CB  . ASP A 1 110 ? -16.300 -7.503  -9.869  1.00 24.39 ? 89  ASP A CB  1 
ATOM   671  C CG  . ASP A 1 110 ? -17.627 -6.974  -9.371  1.00 31.43 ? 89  ASP A CG  1 
ATOM   672  O OD1 . ASP A 1 110 ? -18.353 -6.348  -10.171 1.00 35.71 ? 89  ASP A OD1 1 
ATOM   673  O OD2 . ASP A 1 110 ? -17.949 -7.204  -8.186  1.00 35.81 ? 89  ASP A OD2 1 
ATOM   674  N N   . LYS A 1 111 ? -14.228 -5.505  -8.187  1.00 13.65 ? 90  LYS A N   1 
ATOM   675  C CA  . LYS A 1 111 ? -14.290 -4.886  -6.865  1.00 14.13 ? 90  LYS A CA  1 
ATOM   676  C C   . LYS A 1 111 ? -12.905 -4.500  -6.363  1.00 12.32 ? 90  LYS A C   1 
ATOM   677  O O   . LYS A 1 111 ? -11.921 -5.194  -6.642  1.00 11.98 ? 90  LYS A O   1 
ATOM   678  C CB  . LYS A 1 111 ? -14.919 -5.890  -5.890  1.00 18.01 ? 90  LYS A CB  1 
ATOM   679  C CG  . LYS A 1 111 ? -15.287 -5.361  -4.518  1.00 18.74 ? 90  LYS A CG  1 
ATOM   680  C CD  . LYS A 1 111 ? -16.045 -6.431  -3.737  1.00 20.71 ? 90  LYS A CD  1 
ATOM   681  C CE  . LYS A 1 111 ? -16.796 -5.849  -2.544  1.00 28.34 ? 90  LYS A CE  1 
ATOM   682  N NZ  . LYS A 1 111 ? -15.901 -5.293  -1.490  1.00 25.72 ? 90  LYS A NZ  1 
ATOM   683  N N   . VAL A 1 112 ? -12.846 -3.402  -5.609  1.00 11.89 ? 91  VAL A N   1 
ATOM   684  C CA  . VAL A 1 112 ? -11.608 -2.892  -5.031  1.00 11.42 ? 91  VAL A CA  1 
ATOM   685  C C   . VAL A 1 112 ? -11.782 -2.765  -3.518  1.00 10.94 ? 91  VAL A C   1 
ATOM   686  O O   . VAL A 1 112 ? -12.765 -2.190  -3.043  1.00 12.48 ? 91  VAL A O   1 
ATOM   687  C CB  . VAL A 1 112 ? -11.247 -1.508  -5.599  1.00 11.37 ? 91  VAL A CB  1 
ATOM   688  C CG1 . VAL A 1 112 ? -10.030 -0.941  -4.874  1.00 12.37 ? 91  VAL A CG1 1 
ATOM   689  C CG2 . VAL A 1 112 ? -11.005 -1.586  -7.100  1.00 12.45 ? 91  VAL A CG2 1 
ATOM   690  N N   . GLU A 1 113 ? -10.843 -3.321  -2.754  1.00 9.95  ? 92  GLU A N   1 
ATOM   691  C CA  . GLU A 1 113 ? -10.903 -3.250  -1.293  1.00 10.02 ? 92  GLU A CA  1 
ATOM   692  C C   . GLU A 1 113 ? -9.608  -2.687  -0.719  1.00 9.16  ? 92  GLU A C   1 
ATOM   693  O O   . GLU A 1 113 ? -8.523  -2.993  -1.217  1.00 10.57 ? 92  GLU A O   1 
ATOM   694  C CB  . GLU A 1 113 ? -11.161 -4.644  -0.712  1.00 10.93 ? 92  GLU A CB  1 
ATOM   695  C CG  . GLU A 1 113 ? -12.524 -5.180  -1.097  1.00 12.86 ? 92  GLU A CG  1 
ATOM   696  C CD  . GLU A 1 113 ? -12.823 -6.575  -0.581  1.00 12.46 ? 92  GLU A CD  1 
ATOM   697  O OE1 . GLU A 1 113 ? -11.889 -7.336  -0.229  1.00 12.15 ? 92  GLU A OE1 1 
ATOM   698  O OE2 . GLU A 1 113 ? -14.021 -6.909  -0.528  1.00 14.27 ? 92  GLU A OE2 1 
ATOM   699  N N   . PHE A 1 114 ? -9.710  -1.876  0.330   1.00 9.06  ? 93  PHE A N   1 
ATOM   700  C CA  . PHE A 1 114 ? -8.522  -1.418  1.048   1.00 9.22  ? 93  PHE A CA  1 
ATOM   701  C C   . PHE A 1 114 ? -7.822  -2.586  1.732   1.00 9.02  ? 93  PHE A C   1 
ATOM   702  O O   . PHE A 1 114 ? -8.479  -3.495  2.273   1.00 10.01 ? 93  PHE A O   1 
ATOM   703  C CB  . PHE A 1 114 ? -8.895  -0.430  2.153   1.00 9.35  ? 93  PHE A CB  1 
ATOM   704  C CG  . PHE A 1 114 ? -9.335  0.911   1.656   1.00 9.34  ? 93  PHE A CG  1 
ATOM   705  C CD1 . PHE A 1 114 ? -8.397  1.882   1.335   1.00 10.85 ? 93  PHE A CD1 1 
ATOM   706  C CD2 . PHE A 1 114 ? -10.682 1.214   1.536   1.00 10.93 ? 93  PHE A CD2 1 
ATOM   707  C CE1 . PHE A 1 114 ? -8.798  3.134   0.879   1.00 11.49 ? 93  PHE A CE1 1 
ATOM   708  C CE2 . PHE A 1 114 ? -11.090 2.468   1.092   1.00 11.86 ? 93  PHE A CE2 1 
ATOM   709  C CZ  . PHE A 1 114 ? -10.144 3.426   0.766   1.00 10.77 ? 93  PHE A CZ  1 
ATOM   710  N N   . VAL A 1 115 ? -6.493  -2.549  1.744   1.00 8.47  ? 94  VAL A N   1 
ATOM   711  C CA  . VAL A 1 115 ? -5.755  -3.379  2.686   1.00 8.31  ? 94  VAL A CA  1 
ATOM   712  C C   . VAL A 1 115 ? -5.929  -2.742  4.058   1.00 10.30 ? 94  VAL A C   1 
ATOM   713  O O   . VAL A 1 115 ? -5.710  -1.540  4.229   1.00 12.10 ? 94  VAL A O   1 
ATOM   714  C CB  . VAL A 1 115 ? -4.276  -3.489  2.307   1.00 7.54  ? 94  VAL A CB  1 
ATOM   715  C CG1 . VAL A 1 115 ? -3.513  -4.231  3.401   1.00 10.87 ? 94  VAL A CG1 1 
ATOM   716  C CG2 . VAL A 1 115 ? -4.137  -4.218  0.976   1.00 9.65  ? 94  VAL A CG2 1 
ATOM   717  N N   . GLU A 1 116 ? -6.375  -3.534  5.028   1.00 9.34  ? 95  GLU A N   1 
ATOM   718  C CA  . GLU A 1 116 ? -6.752  -3.016  6.346   1.00 11.08 ? 95  GLU A CA  1 
ATOM   719  C C   . GLU A 1 116 ? -5.680  -3.305  7.377   1.00 9.49  ? 95  GLU A C   1 
ATOM   720  O O   . GLU A 1 116 ? -5.403  -4.473  7.658   1.00 11.04 ? 95  GLU A O   1 
ATOM   721  C CB  . GLU A 1 116 ? -8.065  -3.644  6.810   1.00 11.30 ? 95  GLU A CB  1 
ATOM   722  C CG  . GLU A 1 116 ? -9.231  -3.364  5.876   1.00 12.61 ? 95  GLU A CG  1 
ATOM   723  C CD  . GLU A 1 116 ? -10.475 -4.149  6.245   1.00 18.80 ? 95  GLU A CD  1 
ATOM   724  O OE1 . GLU A 1 116 ? -10.486 -4.776  7.327   1.00 22.36 ? 95  GLU A OE1 1 
ATOM   725  O OE2 . GLU A 1 116 ? -11.445 -4.141  5.460   1.00 17.23 ? 95  GLU A OE2 1 
ATOM   726  N N   . PRO A 1 117 ? -5.081  -2.256  7.962   1.00 9.74  ? 96  PRO A N   1 
ATOM   727  C CA  . PRO A 1 117 ? -4.140  -2.511  9.058   1.00 12.21 ? 96  PRO A CA  1 
ATOM   728  C C   . PRO A 1 117 ? -4.831  -3.141  10.258  1.00 11.89 ? 96  PRO A C   1 
ATOM   729  O O   . PRO A 1 117 ? -6.038  -2.957  10.449  1.00 11.74 ? 96  PRO A O   1 
ATOM   730  C CB  . PRO A 1 117 ? -3.639  -1.113  9.412   1.00 12.08 ? 96  PRO A CB  1 
ATOM   731  C CG  . PRO A 1 117 ? -3.792  -0.329  8.130   1.00 10.72 ? 96  PRO A CG  1 
ATOM   732  C CD  . PRO A 1 117 ? -5.077  -0.840  7.548   1.00 10.17 ? 96  PRO A CD  1 
ATOM   733  N N   . PRO A 1 118 ? -4.064  -3.875  11.077  1.00 11.76 ? 97  PRO A N   1 
ATOM   734  C CA  . PRO A 1 118 ? -4.648  -4.494  12.272  1.00 12.57 ? 97  PRO A CA  1 
ATOM   735  C C   . PRO A 1 118 ? -5.030  -3.450  13.313  1.00 14.67 ? 97  PRO A C   1 
ATOM   736  O O   . PRO A 1 118 ? -4.599  -2.294  13.237  1.00 14.36 ? 97  PRO A O   1 
ATOM   737  C CB  . PRO A 1 118 ? -3.519  -5.389  12.786  1.00 13.51 ? 97  PRO A CB  1 
ATOM   738  C CG  . PRO A 1 118 ? -2.261  -4.729  12.319  1.00 12.29 ? 97  PRO A CG  1 
ATOM   739  C CD  . PRO A 1 118 ? -2.616  -4.128  10.966  1.00 10.99 ? 97  PRO A CD  1 
ATOM   740  N N   . LYS A 1 119 ? -5.847  -3.866  14.274  1.00 16.53 ? 98  LYS A N   1 
ATOM   741  C CA  . LYS A 1 119 ? -6.292  -2.988  15.343  1.00 16.31 ? 98  LYS A CA  1 
ATOM   742  C C   . LYS A 1 119 ? -5.114  -2.337  16.050  1.00 17.23 ? 98  LYS A C   1 
ATOM   743  O O   . LYS A 1 119 ? -4.070  -2.961  16.251  1.00 17.15 ? 98  LYS A O   1 
ATOM   744  C CB  . LYS A 1 119 ? -7.136  -3.764  16.355  1.00 19.31 ? 98  LYS A CB  1 
ATOM   745  C CG  . LYS A 1 119 ? -7.566  -2.927  17.542  1.00 25.58 ? 98  LYS A CG  1 
ATOM   746  C CD  . LYS A 1 119 ? -8.599  -3.644  18.386  1.00 33.83 ? 98  LYS A CD  1 
ATOM   747  C CE  . LYS A 1 119 ? -9.151  -2.715  19.459  1.00 38.11 ? 98  LYS A CE  1 
ATOM   748  N NZ  . LYS A 1 119 ? -10.387 -3.262  20.083  1.00 46.23 ? 98  LYS A NZ  1 
ATOM   749  N N   . ASP A 1 120 ? -5.291  -1.069  16.406  1.00 18.23 ? 99  ASP A N   1 
ATOM   750  C CA  . ASP A 1 120 ? -4.309  -0.327  17.178  1.00 18.45 ? 99  ASP A CA  1 
ATOM   751  C C   . ASP A 1 120 ? -3.024  -0.042  16.407  1.00 18.10 ? 99  ASP A C   1 
ATOM   752  O O   . ASP A 1 120 ? -1.977  0.212   17.000  1.00 21.09 ? 99  ASP A O   1 
ATOM   753  C CB  . ASP A 1 120 ? -4.006  -1.046  18.497  1.00 21.41 ? 99  ASP A CB  1 
ATOM   754  C CG  . ASP A 1 120 ? -5.199  -1.061  19.436  1.00 29.24 ? 99  ASP A CG  1 
ATOM   755  O OD1 . ASP A 1 120 ? -5.964  -0.072  19.437  1.00 31.40 ? 99  ASP A OD1 1 
ATOM   756  O OD2 . ASP A 1 120 ? -5.373  -2.054  20.172  1.00 33.31 ? 99  ASP A OD2 1 
ATOM   757  N N   . SER A 1 121 ? -3.106  -0.077  15.077  1.00 17.27 ? 100 SER A N   1 
ATOM   758  C CA  . SER A 1 121 ? -1.995  0.376   14.256  1.00 15.73 ? 100 SER A CA  1 
ATOM   759  C C   . SER A 1 121 ? -1.822  1.877   14.414  1.00 14.31 ? 100 SER A C   1 
ATOM   760  O O   . SER A 1 121 ? -2.784  2.598   14.681  1.00 17.72 ? 100 SER A O   1 
ATOM   761  C CB  . SER A 1 121 ? -2.248  0.067   12.779  1.00 14.21 ? 100 SER A CB  1 
ATOM   762  O OG  . SER A 1 121 ? -2.179  -1.325  12.532  1.00 13.74 ? 100 SER A OG  1 
ATOM   763  N N   . LYS A 1 122 ? -0.595  2.345   14.232  1.00 16.03 ? 101 LYS A N   1 
ATOM   764  C CA  . LYS A 1 122 ? -0.309  3.774   14.297  1.00 15.23 ? 101 LYS A CA  1 
ATOM   765  C C   . LYS A 1 122 ? 0.318   4.233   12.991  1.00 13.14 ? 101 LYS A C   1 
ATOM   766  O O   . LYS A 1 122 ? 1.049   3.484   12.353  1.00 16.01 ? 101 LYS A O   1 
ATOM   767  C CB  . LYS A 1 122 ? 0.659   4.069   15.445  1.00 21.57 ? 101 LYS A CB  1 
ATOM   768  C CG  . LYS A 1 122 ? 0.167   3.649   16.820  1.00 25.93 ? 101 LYS A CG  1 
ATOM   769  C CD  . LYS A 1 122 ? -1.095  4.400   17.207  1.00 28.84 ? 101 LYS A CD  1 
ATOM   770  C CE  . LYS A 1 122 ? -1.419  4.187   18.679  1.00 31.29 ? 101 LYS A CE  1 
ATOM   771  N NZ  . LYS A 1 122 ? -1.215  2.767   19.093  1.00 33.71 ? 101 LYS A NZ  1 
ATOM   772  N N   . ALA A 1 123 ? 0.030   5.471   12.593  1.00 14.97 ? 102 ALA A N   1 
ATOM   773  C CA  . ALA A 1 123 ? 0.679   6.055   11.426  1.00 15.81 ? 102 ALA A CA  1 
ATOM   774  C C   . ALA A 1 123 ? 2.195   5.947   11.553  1.00 15.09 ? 102 ALA A C   1 
ATOM   775  O O   . ALA A 1 123 ? 2.763   6.258   12.605  1.00 18.51 ? 102 ALA A O   1 
ATOM   776  C CB  . ALA A 1 123 ? 0.257   7.509   11.261  1.00 17.10 ? 102 ALA A CB  1 
ATOM   777  N N   . GLY A 1 124 ? 2.847   5.476   10.495  1.00 15.23 ? 103 GLY A N   1 
ATOM   778  C CA  . GLY A 1 124 ? 4.286   5.311   10.510  1.00 15.32 ? 103 GLY A CA  1 
ATOM   779  C C   . GLY A 1 124 ? 4.766   3.906   10.858  1.00 14.45 ? 103 GLY A C   1 
ATOM   780  O O   . GLY A 1 124 ? 5.949   3.604   10.669  1.00 16.74 ? 103 GLY A O   1 
ATOM   781  N N   . ASP A 1 125 ? 3.873   3.044   11.351  1.00 14.35 ? 104 ASP A N   1 
ATOM   782  C CA  . ASP A 1 125 ? 4.250   1.656   11.643  1.00 14.82 ? 104 ASP A CA  1 
ATOM   783  C C   . ASP A 1 125 ? 4.905   1.020   10.423  1.00 14.76 ? 104 ASP A C   1 
ATOM   784  O O   . ASP A 1 125 ? 4.365   1.108   9.322   1.00 13.74 ? 104 ASP A O   1 
ATOM   785  C CB  . ASP A 1 125 ? 3.022   0.803   11.980  1.00 14.71 ? 104 ASP A CB  1 
ATOM   786  C CG  . ASP A 1 125 ? 2.543   0.963   13.409  1.00 16.27 ? 104 ASP A CG  1 
ATOM   787  O OD1 . ASP A 1 125 ? 3.223   1.638   14.212  1.00 17.56 ? 104 ASP A OD1 1 
ATOM   788  O OD2 . ASP A 1 125 ? 1.476   0.393   13.727  1.00 16.97 ? 104 ASP A OD2 1 
ATOM   789  N N   . LYS A 1 126 ? 6.047   0.368   10.598  1.00 13.65 ? 105 LYS A N   1 
ATOM   790  C CA  . LYS A 1 126 ? 6.648   -0.353  9.492   1.00 14.06 ? 105 LYS A CA  1 
ATOM   791  C C   . LYS A 1 126 ? 5.814   -1.582  9.183   1.00 14.11 ? 105 LYS A C   1 
ATOM   792  O O   . LYS A 1 126 ? 5.367   -2.284  10.089  1.00 13.84 ? 105 LYS A O   1 
ATOM   793  C CB  . LYS A 1 126 ? 8.095   -0.758  9.783   1.00 16.15 ? 105 LYS A CB  1 
ATOM   794  C CG  . LYS A 1 126 ? 8.760   -1.433  8.590   1.00 18.21 ? 105 LYS A CG  1 
ATOM   795  C CD  . LYS A 1 126 ? 10.214  -1.775  8.855   1.00 22.11 ? 105 LYS A CD  1 
ATOM   796  C CE  . LYS A 1 126 ? 10.839  -2.433  7.635   1.00 23.50 ? 105 LYS A CE  1 
ATOM   797  N NZ  . LYS A 1 126 ? 10.757  -1.542  6.439   1.00 28.67 ? 105 LYS A NZ  1 
ATOM   798  N N   . VAL A 1 127 ? 5.604   -1.821  7.897   1.00 12.08 ? 106 VAL A N   1 
ATOM   799  C CA  . VAL A 1 127 ? 4.848   -2.958  7.417   1.00 11.57 ? 106 VAL A CA  1 
ATOM   800  C C   . VAL A 1 127 ? 5.798   -3.683  6.483   1.00 12.25 ? 106 VAL A C   1 
ATOM   801  O O   . VAL A 1 127 ? 6.495   -3.051  5.688   1.00 13.69 ? 106 VAL A O   1 
ATOM   802  C CB  . VAL A 1 127 ? 3.582   -2.486  6.672   1.00 10.94 ? 106 VAL A CB  1 
ATOM   803  C CG1 . VAL A 1 127 ? 2.852   -3.659  6.046   1.00 11.98 ? 106 VAL A CG1 1 
ATOM   804  C CG2 . VAL A 1 127 ? 2.675   -1.711  7.621   1.00 11.59 ? 106 VAL A CG2 1 
ATOM   805  N N   . PHE A 1 128 ? 5.879   -5.003  6.598   1.00 10.97 ? 107 PHE A N   1 
ATOM   806  C CA  . PHE A 1 128 ? 6.858   -5.738  5.799   1.00 11.80 ? 107 PHE A CA  1 
ATOM   807  C C   . PHE A 1 128 ? 6.453   -7.183  5.671   1.00 11.32 ? 107 PHE A C   1 
ATOM   808  O O   . PHE A 1 128 ? 5.702   -7.688  6.503   1.00 11.70 ? 107 PHE A O   1 
ATOM   809  C CB  . PHE A 1 128 ? 8.248   -5.658  6.442   1.00 13.00 ? 107 PHE A CB  1 
ATOM   810  C CG  . PHE A 1 128 ? 8.310   -6.250  7.833   1.00 14.84 ? 107 PHE A CG  1 
ATOM   811  C CD1 . PHE A 1 128 ? 8.735   -7.556  8.030   1.00 15.03 ? 107 PHE A CD1 1 
ATOM   812  C CD2 . PHE A 1 128 ? 7.930   -5.500  8.937   1.00 13.97 ? 107 PHE A CD2 1 
ATOM   813  C CE1 . PHE A 1 128 ? 8.775   -8.099  9.311   1.00 14.66 ? 107 PHE A CE1 1 
ATOM   814  C CE2 . PHE A 1 128 ? 7.972   -6.033  10.213  1.00 17.59 ? 107 PHE A CE2 1 
ATOM   815  C CZ  . PHE A 1 128 ? 8.396   -7.331  10.394  1.00 16.57 ? 107 PHE A CZ  1 
ATOM   816  N N   . PHE A 1 129 ? 6.959   -7.858  4.646   1.00 11.02 ? 108 PHE A N   1 
ATOM   817  C CA  . PHE A 1 129 ? 6.707   -9.293  4.506   1.00 12.12 ? 108 PHE A CA  1 
ATOM   818  C C   . PHE A 1 129 ? 7.663   -10.101 5.371   1.00 13.18 ? 108 PHE A C   1 
ATOM   819  O O   . PHE A 1 129 ? 8.823   -9.737  5.534   1.00 12.20 ? 108 PHE A O   1 
ATOM   820  C CB  . PHE A 1 129 ? 6.802   -9.738  3.041   1.00 11.52 ? 108 PHE A CB  1 
ATOM   821  C CG  . PHE A 1 129 ? 5.667   -9.232  2.189   1.00 9.93  ? 108 PHE A CG  1 
ATOM   822  C CD1 . PHE A 1 129 ? 4.434   -9.870  2.210   1.00 12.01 ? 108 PHE A CD1 1 
ATOM   823  C CD2 . PHE A 1 129 ? 5.830   -8.110  1.390   1.00 11.72 ? 108 PHE A CD2 1 
ATOM   824  C CE1 . PHE A 1 129 ? 3.380   -9.399  1.439   1.00 11.69 ? 108 PHE A CE1 1 
ATOM   825  C CE2 . PHE A 1 129 ? 4.775   -7.632  0.618   1.00 12.77 ? 108 PHE A CE2 1 
ATOM   826  C CZ  . PHE A 1 129 ? 3.555   -8.276  0.635   1.00 12.28 ? 108 PHE A CZ  1 
ATOM   827  N N   . GLU A 1 130 ? 7.147   -11.184 5.936   1.00 11.25 ? 109 GLU A N   1 
ATOM   828  C CA  . GLU A 1 130 ? 7.961   -12.084 6.746   1.00 13.39 ? 109 GLU A CA  1 
ATOM   829  C C   . GLU A 1 130 ? 9.264   -12.432 6.037   1.00 12.99 ? 109 GLU A C   1 
ATOM   830  O O   . GLU A 1 130 ? 9.264   -12.761 4.849   1.00 13.48 ? 109 GLU A O   1 
ATOM   831  C CB  . GLU A 1 130 ? 7.203   -13.376 6.994   1.00 12.62 ? 109 GLU A CB  1 
ATOM   832  C CG  . GLU A 1 130 ? 6.020   -13.261 7.907   1.00 13.44 ? 109 GLU A CG  1 
ATOM   833  C CD  . GLU A 1 130 ? 5.323   -14.590 8.042   1.00 13.99 ? 109 GLU A CD  1 
ATOM   834  O OE1 . GLU A 1 130 ? 5.009   -15.216 7.009   1.00 14.34 ? 109 GLU A OE1 1 
ATOM   835  O OE2 . GLU A 1 130 ? 5.125   -15.035 9.194   1.00 15.06 ? 109 GLU A OE2 1 
ATOM   836  N N   . GLY A 1 131 ? 10.368  -12.382 6.784   1.00 13.27 ? 110 GLY A N   1 
ATOM   837  C CA  . GLY A 1 131 ? 11.670  -12.695 6.220   1.00 15.99 ? 110 GLY A CA  1 
ATOM   838  C C   . GLY A 1 131 ? 12.297  -11.573 5.408   1.00 16.46 ? 110 GLY A C   1 
ATOM   839  O O   . GLY A 1 131 ? 13.441  -11.688 4.959   1.00 16.89 ? 110 GLY A O   1 
ATOM   840  N N   . PHE A 1 132 ? 11.555  -10.485 5.233   1.00 14.07 ? 111 PHE A N   1 
ATOM   841  C CA  . PHE A 1 132 ? 12.021  -9.342  4.445   1.00 14.44 ? 111 PHE A CA  1 
ATOM   842  C C   . PHE A 1 132 ? 11.877  -8.040  5.233   1.00 16.73 ? 111 PHE A C   1 
ATOM   843  O O   . PHE A 1 132 ? 11.534  -6.999  4.668   1.00 16.90 ? 111 PHE A O   1 
ATOM   844  C CB  . PHE A 1 132 ? 11.241  -9.246  3.121   1.00 14.89 ? 111 PHE A CB  1 
ATOM   845  C CG  . PHE A 1 132 ? 11.548  -10.348 2.147   1.00 15.32 ? 111 PHE A CG  1 
ATOM   846  C CD1 . PHE A 1 132 ? 12.692  -10.305 1.364   1.00 19.60 ? 111 PHE A CD1 1 
ATOM   847  C CD2 . PHE A 1 132 ? 10.685  -11.413 1.999   1.00 14.94 ? 111 PHE A CD2 1 
ATOM   848  C CE1 . PHE A 1 132 ? 12.973  -11.325 0.465   1.00 19.40 ? 111 PHE A CE1 1 
ATOM   849  C CE2 . PHE A 1 132 ? 10.957  -12.439 1.106   1.00 18.92 ? 111 PHE A CE2 1 
ATOM   850  C CZ  . PHE A 1 132 ? 12.106  -12.399 0.342   1.00 18.54 ? 111 PHE A CZ  1 
ATOM   851  N N   . GLY A 1 133 ? 12.145  -8.087  6.536   1.00 17.50 ? 112 GLY A N   1 
ATOM   852  C CA  . GLY A 1 133 ? 11.934  -6.932  7.386   1.00 18.46 ? 112 GLY A CA  1 
ATOM   853  C C   . GLY A 1 133 ? 13.157  -6.266  7.994   1.00 29.38 ? 112 GLY A C   1 
ATOM   854  O O   . GLY A 1 133 ? 13.075  -5.130  8.461   1.00 31.24 ? 112 GLY A O   1 
ATOM   855  N N   . ASP A 1 134 ? 14.291  -6.957  8.000   1.00 31.81 ? 113 ASP A N   1 
ATOM   856  C CA  . ASP A 1 134 ? 15.456  -6.457  8.729   1.00 35.19 ? 113 ASP A CA  1 
ATOM   857  C C   . ASP A 1 134 ? 16.447  -5.684  7.857   1.00 40.46 ? 113 ASP A C   1 
ATOM   858  O O   . ASP A 1 134 ? 17.644  -5.642  8.140   1.00 45.61 ? 113 ASP A O   1 
ATOM   859  C CB  . ASP A 1 134 ? 16.150  -7.583  9.506   1.00 38.17 ? 113 ASP A CB  1 
ATOM   860  C CG  . ASP A 1 134 ? 16.569  -8.738  8.619   1.00 35.71 ? 113 ASP A CG  1 
ATOM   861  O OD1 . ASP A 1 134 ? 16.234  -8.723  7.413   1.00 40.33 ? 113 ASP A OD1 1 
ATOM   862  O OD2 . ASP A 1 134 ? 17.227  -9.668  9.132   1.00 34.10 ? 113 ASP A OD2 1 
ATOM   863  N N   . GLU A 1 135 ? 15.939  -5.070  6.797   1.00 36.40 ? 114 GLU A N   1 
ATOM   864  C CA  . GLU A 1 135 ? 16.747  -4.159  6.002   1.00 36.27 ? 114 GLU A CA  1 
ATOM   865  C C   . GLU A 1 135 ? 15.975  -2.896  5.677   1.00 37.24 ? 114 GLU A C   1 
ATOM   866  O O   . GLU A 1 135 ? 14.771  -2.939  5.423   1.00 36.47 ? 114 GLU A O   1 
ATOM   867  C CB  . GLU A 1 135 ? 17.243  -4.829  4.722   1.00 36.30 ? 114 GLU A CB  1 
ATOM   868  C CG  . GLU A 1 135 ? 18.722  -5.153  4.764   1.00 36.73 ? 114 GLU A CG  1 
ATOM   869  C CD  . GLU A 1 135 ? 19.161  -6.033  3.621   1.00 42.09 ? 114 GLU A CD  1 
ATOM   870  O OE1 . GLU A 1 135 ? 18.575  -5.921  2.521   1.00 43.59 ? 114 GLU A OE1 1 
ATOM   871  O OE2 . GLU A 1 135 ? 20.092  -6.843  3.826   1.00 41.80 ? 114 GLU A OE2 1 
ATOM   872  N N   . ALA A 1 136 ? 16.676  -1.768  5.703   1.00 31.98 ? 115 ALA A N   1 
ATOM   873  C CA  . ALA A 1 136 ? 16.061  -0.492  5.394   1.00 33.48 ? 115 ALA A CA  1 
ATOM   874  C C   . ALA A 1 136 ? 15.618  -0.483  3.938   1.00 35.40 ? 115 ALA A C   1 
ATOM   875  O O   . ALA A 1 136 ? 16.302  -1.029  3.066   1.00 33.41 ? 115 ALA A O   1 
ATOM   876  C CB  . ALA A 1 136 ? 17.031  0.647   5.666   1.00 33.63 ? 115 ALA A CB  1 
ATOM   877  N N   . PRO A 1 137 ? 14.454  0.121   3.670   1.00 28.62 ? 116 PRO A N   1 
ATOM   878  C CA  . PRO A 1 137 ? 14.001  0.271   2.286   1.00 27.22 ? 116 PRO A CA  1 
ATOM   879  C C   . PRO A 1 137 ? 14.900  1.266   1.579   1.00 29.97 ? 116 PRO A C   1 
ATOM   880  O O   . PRO A 1 137 ? 15.576  2.047   2.247   1.00 29.77 ? 116 PRO A O   1 
ATOM   881  C CB  . PRO A 1 137 ? 12.605  0.882   2.436   1.00 22.96 ? 116 PRO A CB  1 
ATOM   882  C CG  . PRO A 1 137 ? 12.251  0.778   3.877   1.00 27.39 ? 116 PRO A CG  1 
ATOM   883  C CD  . PRO A 1 137 ? 13.533  0.744   4.632   1.00 29.15 ? 116 PRO A CD  1 
ATOM   884  N N   . MET A 1 138 ? 14.904  1.251   0.252   1.00 26.83 ? 117 MET A N   1 
ATOM   885  C CA  . MET A 1 138 ? 15.641  2.258   -0.500  1.00 28.18 ? 117 MET A CA  1 
ATOM   886  C C   . MET A 1 138 ? 15.020  3.629   -0.246  1.00 32.90 ? 117 MET A C   1 
ATOM   887  O O   . MET A 1 138 ? 13.808  3.740   -0.049  1.00 23.71 ? 117 MET A O   1 
ATOM   888  C CB  . MET A 1 138 ? 15.623  1.917   -1.992  1.00 30.33 ? 117 MET A CB  1 
ATOM   889  C CG  . MET A 1 138 ? 16.113  0.507   -2.279  1.00 30.39 ? 117 MET A CG  1 
ATOM   890  S SD  . MET A 1 138 ? 16.078  0.053   -4.022  1.00 39.57 ? 117 MET A SD  1 
ATOM   891  C CE  . MET A 1 138 ? 16.874  -1.554  -3.960  1.00 35.23 ? 117 MET A CE  1 
ATOM   892  N N   . LYS A 1 139 ? 15.847  4.670   -0.229  1.00 31.13 ? 118 LYS A N   1 
ATOM   893  C CA  . LYS A 1 139 ? 15.351  6.028   -0.012  1.00 28.38 ? 118 LYS A CA  1 
ATOM   894  C C   . LYS A 1 139 ? 14.324  6.388   -1.084  1.00 25.38 ? 118 LYS A C   1 
ATOM   895  O O   . LYS A 1 139 ? 13.298  7.014   -0.807  1.00 25.50 ? 118 LYS A O   1 
ATOM   896  C CB  . LYS A 1 139 ? 16.507  7.032   -0.024  1.00 31.12 ? 118 LYS A CB  1 
ATOM   897  C CG  . LYS A 1 139 ? 17.511  6.836   1.105   1.00 36.06 ? 118 LYS A CG  1 
ATOM   898  C CD  . LYS A 1 139 ? 16.884  7.128   2.462   1.00 39.08 ? 118 LYS A CD  1 
ATOM   899  C CE  . LYS A 1 139 ? 17.848  6.824   3.600   1.00 44.35 ? 118 LYS A CE  1 
ATOM   900  N NZ  . LYS A 1 139 ? 18.154  5.365   3.716   1.00 42.77 ? 118 LYS A NZ  1 
ATOM   901  N N   . GLN A 1 140 ? 14.620  5.987   -2.313  1.00 27.54 ? 119 GLN A N   1 
ATOM   902  C CA  . GLN A 1 140 ? 13.672  6.078   -3.411  1.00 23.83 ? 119 GLN A CA  1 
ATOM   903  C C   . GLN A 1 140 ? 14.026  4.981   -4.397  1.00 23.97 ? 119 GLN A C   1 
ATOM   904  O O   . GLN A 1 140 ? 15.192  4.812   -4.758  1.00 27.66 ? 119 GLN A O   1 
ATOM   905  C CB  . GLN A 1 140 ? 13.719  7.453   -4.083  1.00 27.65 ? 119 GLN A CB  1 
ATOM   906  C CG  . GLN A 1 140 ? 12.724  7.610   -5.228  1.00 25.05 ? 119 GLN A CG  1 
ATOM   907  C CD  . GLN A 1 140 ? 12.255  9.045   -5.409  1.00 32.31 ? 119 GLN A CD  1 
ATOM   908  O OE1 . GLN A 1 140 ? 11.802  9.691   -4.460  1.00 39.19 ? 119 GLN A OE1 1 
ATOM   909  N NE2 . GLN A 1 140 ? 12.359  9.551   -6.631  1.00 33.53 ? 119 GLN A NE2 1 
ATOM   910  N N   . LEU A 1 141 ? 13.027  4.205   -4.800  1.00 19.57 ? 120 LEU A N   1 
ATOM   911  C CA  . LEU A 1 141 ? 13.253  3.131   -5.753  1.00 21.65 ? 120 LEU A CA  1 
ATOM   912  C C   . LEU A 1 141 ? 13.761  3.693   -7.075  1.00 24.61 ? 120 LEU A C   1 
ATOM   913  O O   . LEU A 1 141 ? 13.256  4.703   -7.568  1.00 22.16 ? 120 LEU A O   1 
ATOM   914  C CB  . LEU A 1 141 ? 11.966  2.338   -5.982  1.00 24.86 ? 120 LEU A CB  1 
ATOM   915  C CG  . LEU A 1 141 ? 11.430  1.590   -4.762  1.00 20.83 ? 120 LEU A CG  1 
ATOM   916  C CD1 . LEU A 1 141 ? 10.015  1.109   -5.017  1.00 22.16 ? 120 LEU A CD1 1 
ATOM   917  C CD2 . LEU A 1 141 ? 12.329  0.418   -4.413  1.00 22.35 ? 120 LEU A CD2 1 
ATOM   918  N N   . ASN A 1 142 ? 14.777  3.042   -7.631  1.00 25.31 ? 121 ASN A N   1 
ATOM   919  C CA  . ASN A 1 142 ? 15.270  3.382   -8.957  1.00 26.33 ? 121 ASN A CA  1 
ATOM   920  C C   . ASN A 1 142 ? 14.267  2.905   -10.000 1.00 28.62 ? 121 ASN A C   1 
ATOM   921  O O   . ASN A 1 142 ? 14.087  1.703   -10.184 1.00 28.75 ? 121 ASN A O   1 
ATOM   922  C CB  . ASN A 1 142 ? 16.638  2.735   -9.186  1.00 28.64 ? 121 ASN A CB  1 
ATOM   923  C CG  . ASN A 1 142 ? 17.233  3.083   -10.538 1.00 30.22 ? 121 ASN A CG  1 
ATOM   924  O OD1 . ASN A 1 142 ? 16.627  3.798   -11.330 1.00 26.25 ? 121 ASN A OD1 1 
ATOM   925  N ND2 . ASN A 1 142 ? 18.436  2.584   -10.799 1.00 32.83 ? 121 ASN A ND2 1 
ATOM   926  N N   . PRO A 1 143 ? 13.607  3.850   -10.686 1.00 23.65 ? 122 PRO A N   1 
ATOM   927  C CA  . PRO A 1 143 ? 12.540  3.542   -11.644 1.00 28.73 ? 122 PRO A CA  1 
ATOM   928  C C   . PRO A 1 143 ? 12.997  2.604   -12.760 1.00 33.65 ? 122 PRO A C   1 
ATOM   929  O O   . PRO A 1 143 ? 12.205  1.797   -13.252 1.00 34.95 ? 122 PRO A O   1 
ATOM   930  C CB  . PRO A 1 143 ? 12.184  4.913   -12.224 1.00 31.55 ? 122 PRO A CB  1 
ATOM   931  C CG  . PRO A 1 143 ? 12.600  5.888   -11.177 1.00 31.78 ? 122 PRO A CG  1 
ATOM   932  C CD  . PRO A 1 143 ? 13.827  5.300   -10.549 1.00 29.91 ? 122 PRO A CD  1 
ATOM   933  N N   . LYS A 1 144 ? 14.263  2.709   -13.150 1.00 31.29 ? 123 LYS A N   1 
ATOM   934  C CA  . LYS A 1 144 ? 14.805  1.895   -14.231 1.00 32.95 ? 123 LYS A CA  1 
ATOM   935  C C   . LYS A 1 144 ? 14.943  0.427   -13.830 1.00 33.19 ? 123 LYS A C   1 
ATOM   936  O O   . LYS A 1 144 ? 15.016  -0.454  -14.689 1.00 35.64 ? 123 LYS A O   1 
ATOM   937  C CB  . LYS A 1 144 ? 16.165  2.442   -14.674 1.00 35.26 ? 123 LYS A CB  1 
ATOM   938  C CG  . LYS A 1 144 ? 16.175  3.937   -14.964 1.00 36.71 ? 123 LYS A CG  1 
ATOM   939  C CD  . LYS A 1 144 ? 16.301  4.219   -16.454 1.00 47.33 ? 123 LYS A CD  1 
ATOM   940  C CE  . LYS A 1 144 ? 17.374  5.265   -16.717 1.00 45.53 ? 123 LYS A CE  1 
ATOM   941  N NZ  . LYS A 1 144 ? 18.707  4.813   -16.220 1.00 43.43 ? 123 LYS A NZ  1 
ATOM   942  N N   . LYS A 1 145 ? 14.985  0.165   -12.528 1.00 28.12 ? 124 LYS A N   1 
ATOM   943  C CA  . LYS A 1 145 ? 15.125  -1.203  -12.035 1.00 27.31 ? 124 LYS A CA  1 
ATOM   944  C C   . LYS A 1 145 ? 13.773  -1.912  -11.920 1.00 24.12 ? 124 LYS A C   1 
ATOM   945  O O   . LYS A 1 145 ? 13.724  -3.137  -11.806 1.00 30.77 ? 124 LYS A O   1 
ATOM   946  C CB  . LYS A 1 145 ? 15.865  -1.242  -10.693 1.00 28.01 ? 124 LYS A CB  1 
ATOM   947  C CG  . LYS A 1 145 ? 17.324  -0.795  -10.770 1.00 34.92 ? 124 LYS A CG  1 
ATOM   948  C CD  . LYS A 1 145 ? 18.116  -1.264  -9.553  1.00 37.06 ? 124 LYS A CD  1 
ATOM   949  C CE  . LYS A 1 145 ? 19.516  -0.657  -9.519  1.00 42.84 ? 124 LYS A CE  1 
ATOM   950  N NZ  . LYS A 1 145 ? 19.522  0.728   -8.963  1.00 41.36 ? 124 LYS A NZ  1 
ATOM   951  N N   . LYS A 1 146 ? 12.693  -1.134  -11.951 1.00 26.84 ? 125 LYS A N   1 
ATOM   952  C CA  . LYS A 1 146 ? 11.333  -1.677  -11.935 1.00 27.38 ? 125 LYS A CA  1 
ATOM   953  C C   . LYS A 1 146 ? 11.114  -2.730  -10.846 1.00 18.89 ? 125 LYS A C   1 
ATOM   954  O O   . LYS A 1 146 ? 10.521  -3.780  -11.103 1.00 21.03 ? 125 LYS A O   1 
ATOM   955  C CB  . LYS A 1 146 ? 10.980  -2.274  -13.302 1.00 25.21 ? 125 LYS A CB  1 
ATOM   956  C CG  . LYS A 1 146 ? 10.991  -1.271  -14.453 1.00 30.22 ? 125 LYS A CG  1 
ATOM   957  C CD  . LYS A 1 146 ? 9.954   -0.181  -14.239 1.00 30.69 ? 125 LYS A CD  1 
ATOM   958  C CE  . LYS A 1 146 ? 10.005  0.866   -15.338 1.00 33.69 ? 125 LYS A CE  1 
ATOM   959  N NZ  . LYS A 1 146 ? 9.071   1.991   -15.056 1.00 41.89 ? 125 LYS A NZ  1 
ATOM   960  N N   . ILE A 1 147 ? 11.607  -2.460  -9.641  1.00 18.97 ? 126 ILE A N   1 
ATOM   961  C CA  . ILE A 1 147 ? 11.459  -3.400  -8.534  1.00 18.96 ? 126 ILE A CA  1 
ATOM   962  C C   . ILE A 1 147 ? 9.982   -3.621  -8.218  1.00 14.65 ? 126 ILE A C   1 
ATOM   963  O O   . ILE A 1 147 ? 9.529   -4.763  -8.070  1.00 13.84 ? 126 ILE A O   1 
ATOM   964  C CB  . ILE A 1 147 ? 12.199  -2.908  -7.279  1.00 20.72 ? 126 ILE A CB  1 
ATOM   965  C CG1 . ILE A 1 147 ? 13.712  -2.933  -7.515  1.00 25.94 ? 126 ILE A CG1 1 
ATOM   966  C CG2 . ILE A 1 147 ? 11.827  -3.751  -6.065  1.00 20.30 ? 126 ILE A CG2 1 
ATOM   967  C CD1 . ILE A 1 147 ? 14.518  -2.462  -6.322  1.00 33.26 ? 126 ILE A CD1 1 
ATOM   968  N N   . TRP A 1 148 ? 9.228   -2.533  -8.141  1.00 15.01 ? 127 TRP A N   1 
ATOM   969  C CA  . TRP A 1 148 ? 7.807   -2.638  -7.840  1.00 13.79 ? 127 TRP A CA  1 
ATOM   970  C C   . TRP A 1 148 ? 7.079   -3.452  -8.905  1.00 14.31 ? 127 TRP A C   1 
ATOM   971  O O   . TRP A 1 148 ? 6.273   -4.335  -8.597  1.00 13.96 ? 127 TRP A O   1 
ATOM   972  C CB  . TRP A 1 148 ? 7.164   -1.256  -7.705  1.00 14.05 ? 127 TRP A CB  1 
ATOM   973  C CG  . TRP A 1 148 ? 5.691   -1.349  -7.500  1.00 14.51 ? 127 TRP A CG  1 
ATOM   974  C CD1 . TRP A 1 148 ? 4.723   -1.189  -8.443  1.00 14.84 ? 127 TRP A CD1 1 
ATOM   975  C CD2 . TRP A 1 148 ? 5.016   -1.672  -6.280  1.00 11.44 ? 127 TRP A CD2 1 
ATOM   976  N NE1 . TRP A 1 148 ? 3.483   -1.379  -7.884  1.00 14.86 ? 127 TRP A NE1 1 
ATOM   977  C CE2 . TRP A 1 148 ? 3.634   -1.681  -6.557  1.00 12.62 ? 127 TRP A CE2 1 
ATOM   978  C CE3 . TRP A 1 148 ? 5.449   -1.956  -4.985  1.00 11.50 ? 127 TRP A CE3 1 
ATOM   979  C CZ2 . TRP A 1 148 ? 2.680   -1.955  -5.578  1.00 13.96 ? 127 TRP A CZ2 1 
ATOM   980  C CZ3 . TRP A 1 148 ? 4.500   -2.226  -4.014  1.00 13.54 ? 127 TRP A CZ3 1 
ATOM   981  C CH2 . TRP A 1 148 ? 3.133   -2.223  -4.319  1.00 12.79 ? 127 TRP A CH2 1 
ATOM   982  N N   . GLU A 1 149 ? 7.379   -3.162  -10.165 1.00 14.60 ? 128 GLU A N   1 
ATOM   983  C CA  . GLU A 1 149 ? 6.715   -3.832  -11.265 1.00 14.41 ? 128 GLU A CA  1 
ATOM   984  C C   . GLU A 1 149 ? 7.047   -5.327  -11.320 1.00 13.18 ? 128 GLU A C   1 
ATOM   985  O O   . GLU A 1 149 ? 6.174   -6.146  -11.595 1.00 15.08 ? 128 GLU A O   1 
ATOM   986  C CB  . GLU A 1 149 ? 7.049   -3.113  -12.581 1.00 18.80 ? 128 GLU A CB  1 
ATOM   987  C CG  . GLU A 1 149 ? 6.405   -1.723  -12.728 1.00 24.25 ? 128 GLU A CG  1 
ATOM   988  C CD  . GLU A 1 149 ? 7.155   -0.597  -12.002 1.00 25.83 ? 128 GLU A CD  1 
ATOM   989  O OE1 . GLU A 1 149 ? 8.202   -0.848  -11.361 1.00 22.60 ? 128 GLU A OE1 1 
ATOM   990  O OE2 . GLU A 1 149 ? 6.692   0.562   -12.088 1.00 32.58 ? 128 GLU A OE2 1 
ATOM   991  N N   . HIS A 1 150 ? 8.302   -5.681  -11.060 1.00 13.69 ? 129 HIS A N   1 
ATOM   992  C CA  . HIS A 1 150 ? 8.702   -7.086  -10.988 1.00 15.85 ? 129 HIS A CA  1 
ATOM   993  C C   . HIS A 1 150 ? 7.974   -7.848  -9.882  1.00 14.87 ? 129 HIS A C   1 
ATOM   994  O O   . HIS A 1 150 ? 7.625   -9.017  -10.049 1.00 16.75 ? 129 HIS A O   1 
ATOM   995  C CB  . HIS A 1 150 ? 10.212  -7.222  -10.745 1.00 18.88 ? 129 HIS A CB  1 
ATOM   996  C CG  . HIS A 1 150 ? 11.048  -7.060  -11.979 1.00 28.05 ? 129 HIS A CG  1 
ATOM   997  N ND1 . HIS A 1 150 ? 10.918  -7.879  -13.080 1.00 29.87 ? 129 HIS A ND1 1 
ATOM   998  C CD2 . HIS A 1 150 ? 12.041  -6.188  -12.273 1.00 29.32 ? 129 HIS A CD2 1 
ATOM   999  C CE1 . HIS A 1 150 ? 11.786  -7.507  -14.007 1.00 31.36 ? 129 HIS A CE1 1 
ATOM   1000 N NE2 . HIS A 1 150 ? 12.478  -6.484  -13.542 1.00 34.68 ? 129 HIS A NE2 1 
ATOM   1001 N N   . LEU A 1 151 ? 7.773   -7.184  -8.748  1.00 13.03 ? 130 LEU A N   1 
ATOM   1002 C CA  . LEU A 1 151 ? 7.225   -7.848  -7.569  1.00 12.70 ? 130 LEU A CA  1 
ATOM   1003 C C   . LEU A 1 151 ? 5.704   -7.884  -7.546  1.00 10.91 ? 130 LEU A C   1 
ATOM   1004 O O   . LEU A 1 151 ? 5.127   -8.830  -7.029  1.00 12.06 ? 130 LEU A O   1 
ATOM   1005 C CB  . LEU A 1 151 ? 7.742   -7.184  -6.293  1.00 12.64 ? 130 LEU A CB  1 
ATOM   1006 C CG  . LEU A 1 151 ? 9.230   -7.363  -6.013  1.00 16.40 ? 130 LEU A CG  1 
ATOM   1007 C CD1 . LEU A 1 151 ? 9.635   -6.518  -4.820  1.00 19.44 ? 130 LEU A CD1 1 
ATOM   1008 C CD2 . LEU A 1 151 ? 9.552   -8.830  -5.771  1.00 18.07 ? 130 LEU A CD2 1 
ATOM   1009 N N   . GLN A 1 152 ? 5.046   -6.873  -8.113  1.00 10.56 ? 131 GLN A N   1 
ATOM   1010 C CA  . GLN A 1 152 ? 3.600   -6.739  -7.903  1.00 10.87 ? 131 GLN A CA  1 
ATOM   1011 C C   . GLN A 1 152 ? 2.740   -7.944  -8.330  1.00 10.79 ? 131 GLN A C   1 
ATOM   1012 O O   . GLN A 1 152 ? 1.726   -8.210  -7.696  1.00 11.01 ? 131 GLN A O   1 
ATOM   1013 C CB  . GLN A 1 152 ? 3.052   -5.424  -8.477  1.00 10.35 ? 131 GLN A CB  1 
ATOM   1014 C CG  . GLN A 1 152 ? 3.147   -5.285  -9.984  1.00 11.30 ? 131 GLN A CG  1 
ATOM   1015 C CD  . GLN A 1 152 ? 2.581   -3.966  -10.474 1.00 12.76 ? 131 GLN A CD  1 
ATOM   1016 O OE1 . GLN A 1 152 ? 1.838   -3.278  -9.765  1.00 12.26 ? 131 GLN A OE1 1 
ATOM   1017 N NE2 . GLN A 1 152 ? 2.937   -3.599  -11.696 1.00 12.05 ? 131 GLN A NE2 1 
ATOM   1018 N N   . PRO A 1 153 ? 3.138   -8.692  -9.374  1.00 10.23 ? 132 PRO A N   1 
ATOM   1019 C CA  . PRO A 1 153 ? 2.296   -9.849  -9.717  1.00 10.89 ? 132 PRO A CA  1 
ATOM   1020 C C   . PRO A 1 153 ? 2.217   -10.894 -8.602  1.00 11.80 ? 132 PRO A C   1 
ATOM   1021 O O   . PRO A 1 153 ? 1.344   -11.775 -8.657  1.00 13.04 ? 132 PRO A O   1 
ATOM   1022 C CB  . PRO A 1 153 ? 3.013   -10.453 -10.927 1.00 13.08 ? 132 PRO A CB  1 
ATOM   1023 C CG  . PRO A 1 153 ? 3.741   -9.282  -11.537 1.00 11.68 ? 132 PRO A CG  1 
ATOM   1024 C CD  . PRO A 1 153 ? 4.230   -8.509  -10.347 1.00 12.03 ? 132 PRO A CD  1 
ATOM   1025 N N   . HIS A 1 154 ? 3.106   -10.796 -7.616  1.00 10.21 ? 133 HIS A N   1 
ATOM   1026 C CA  . HIS A 1 154 ? 3.218   -11.793 -6.557  1.00 9.11  ? 133 HIS A CA  1 
ATOM   1027 C C   . HIS A 1 154 ? 2.656   -11.335 -5.215  1.00 11.44 ? 133 HIS A C   1 
ATOM   1028 O O   . HIS A 1 154 ? 2.771   -12.052 -4.221  1.00 11.57 ? 133 HIS A O   1 
ATOM   1029 C CB  . HIS A 1 154 ? 4.687   -12.163 -6.397  1.00 12.68 ? 133 HIS A CB  1 
ATOM   1030 C CG  . HIS A 1 154 ? 5.343   -12.544 -7.687  1.00 14.17 ? 133 HIS A CG  1 
ATOM   1031 N ND1 . HIS A 1 154 ? 4.899   -13.594 -8.460  1.00 13.87 ? 133 HIS A ND1 1 
ATOM   1032 C CD2 . HIS A 1 154 ? 6.380   -11.990 -8.360  1.00 16.16 ? 133 HIS A CD2 1 
ATOM   1033 C CE1 . HIS A 1 154 ? 5.650   -13.687 -9.544  1.00 17.18 ? 133 HIS A CE1 1 
ATOM   1034 N NE2 . HIS A 1 154 ? 6.558   -12.729 -9.505  1.00 18.43 ? 133 HIS A NE2 1 
ATOM   1035 N N   . PHE A 1 155 ? 2.069   -10.139 -5.179  1.00 9.24  ? 134 PHE A N   1 
ATOM   1036 C CA  . PHE A 1 155 ? 1.374   -9.655  -3.986  1.00 10.02 ? 134 PHE A CA  1 
ATOM   1037 C C   . PHE A 1 155 ? -0.106  -9.987  -4.118  1.00 9.85  ? 134 PHE A C   1 
ATOM   1038 O O   . PHE A 1 155 ? -0.777  -9.507  -5.041  1.00 10.20 ? 134 PHE A O   1 
ATOM   1039 C CB  . PHE A 1 155 ? 1.498   -8.133  -3.843  1.00 10.05 ? 134 PHE A CB  1 
ATOM   1040 C CG  . PHE A 1 155 ? 2.908   -7.630  -3.696  1.00 10.00 ? 134 PHE A CG  1 
ATOM   1041 C CD1 . PHE A 1 155 ? 3.882   -8.387  -3.060  1.00 12.78 ? 134 PHE A CD1 1 
ATOM   1042 C CD2 . PHE A 1 155 ? 3.257   -6.381  -4.189  1.00 10.93 ? 134 PHE A CD2 1 
ATOM   1043 C CE1 . PHE A 1 155 ? 5.179   -7.895  -2.930  1.00 12.67 ? 134 PHE A CE1 1 
ATOM   1044 C CE2 . PHE A 1 155 ? 4.536   -5.892  -4.049  1.00 11.58 ? 134 PHE A CE2 1 
ATOM   1045 C CZ  . PHE A 1 155 ? 5.504   -6.650  -3.427  1.00 12.92 ? 134 PHE A CZ  1 
ATOM   1046 N N   . THR A 1 156 ? -0.619  -10.777 -3.182  1.00 9.82  ? 135 THR A N   1 
ATOM   1047 C CA  . THR A 1 156 ? -1.990  -11.241 -3.278  1.00 10.11 ? 135 THR A CA  1 
ATOM   1048 C C   . THR A 1 156 ? -2.588  -11.446 -1.882  1.00 9.13  ? 135 THR A C   1 
ATOM   1049 O O   . THR A 1 156 ? -2.055  -10.931 -0.902  1.00 9.23  ? 135 THR A O   1 
ATOM   1050 C CB  . THR A 1 156 ? -2.056  -12.507 -4.169  1.00 8.69  ? 135 THR A CB  1 
ATOM   1051 O OG1 . THR A 1 156 ? -3.420  -12.863 -4.430  1.00 9.16  ? 135 THR A OG1 1 
ATOM   1052 C CG2 . THR A 1 156 ? -1.307  -13.692 -3.535  1.00 11.85 ? 135 THR A CG2 1 
ATOM   1053 N N   . THR A 1 157 ? -3.709  -12.152 -1.797  1.00 9.13  ? 136 THR A N   1 
ATOM   1054 C CA  . THR A 1 157 ? -4.278  -12.512 -0.500  1.00 9.21  ? 136 THR A CA  1 
ATOM   1055 C C   . THR A 1 157 ? -4.556  -13.997 -0.503  1.00 10.77 ? 136 THR A C   1 
ATOM   1056 O O   . THR A 1 157 ? -4.844  -14.586 -1.547  1.00 11.05 ? 136 THR A O   1 
ATOM   1057 C CB  . THR A 1 157 ? -5.606  -11.778 -0.218  1.00 10.04 ? 136 THR A CB  1 
ATOM   1058 O OG1 . THR A 1 157 ? -6.524  -12.015 -1.295  1.00 9.24  ? 136 THR A OG1 1 
ATOM   1059 C CG2 . THR A 1 157 ? -5.377  -10.264 -0.022  1.00 9.56  ? 136 THR A CG2 1 
ATOM   1060 N N   . ASN A 1 158 ? -4.481  -14.596 0.675   1.00 10.20 ? 137 ASN A N   1 
ATOM   1061 C CA  . ASN A 1 158 ? -4.829  -16.004 0.824   1.00 11.53 ? 137 ASN A CA  1 
ATOM   1062 C C   . ASN A 1 158 ? -6.325  -16.147 1.096   1.00 11.02 ? 137 ASN A C   1 
ATOM   1063 O O   . ASN A 1 158 ? -7.058  -15.161 1.090   1.00 12.38 ? 137 ASN A O   1 
ATOM   1064 C CB  . ASN A 1 158 ? -3.963  -16.685 1.891   1.00 11.60 ? 137 ASN A CB  1 
ATOM   1065 C CG  . ASN A 1 158 ? -4.089  -16.049 3.267   1.00 10.22 ? 137 ASN A CG  1 
ATOM   1066 O OD1 . ASN A 1 158 ? -5.109  -15.438 3.593   1.00 12.05 ? 137 ASN A OD1 1 
ATOM   1067 N ND2 . ASN A 1 158 ? -3.059  -16.228 4.102   1.00 12.03 ? 137 ASN A ND2 1 
ATOM   1068 N N   . ASP A 1 159 ? -6.780  -17.376 1.338   1.00 13.93 ? 138 ASP A N   1 
ATOM   1069 C CA  . ASP A 1 159 ? -8.204  -17.631 1.560   1.00 14.70 ? 138 ASP A CA  1 
ATOM   1070 C C   . ASP A 1 159 ? -8.690  -17.018 2.861   1.00 12.56 ? 138 ASP A C   1 
ATOM   1071 O O   . ASP A 1 159 ? -9.878  -16.721 3.003   1.00 16.59 ? 138 ASP A O   1 
ATOM   1072 C CB  . ASP A 1 159 ? -8.504  -19.133 1.551   1.00 18.07 ? 138 ASP A CB  1 
ATOM   1073 C CG  . ASP A 1 159 ? -8.486  -19.717 0.162   1.00 20.95 ? 138 ASP A CG  1 
ATOM   1074 O OD1 . ASP A 1 159 ? -8.655  -18.952 -0.811  1.00 22.08 ? 138 ASP A OD1 1 
ATOM   1075 O OD2 . ASP A 1 159 ? -8.309  -20.949 0.045   1.00 24.30 ? 138 ASP A OD2 1 
ATOM   1076 N N   . GLY A 1 160 ? -7.765  -16.833 3.801   1.00 12.69 ? 139 GLY A N   1 
ATOM   1077 C CA  . GLY A 1 160 ? -8.047  -16.136 5.043   1.00 13.37 ? 139 GLY A CA  1 
ATOM   1078 C C   . GLY A 1 160 ? -8.023  -14.621 4.884   1.00 11.50 ? 139 GLY A C   1 
ATOM   1079 O O   . GLY A 1 160 ? -8.160  -13.899 5.877   1.00 13.43 ? 139 GLY A O   1 
ATOM   1080 N N   . LEU A 1 161 ? -7.861  -14.145 3.642   1.00 10.99 ? 140 LEU A N   1 
ATOM   1081 C CA  . LEU A 1 161 ? -7.926  -12.717 3.294   1.00 11.53 ? 140 LEU A CA  1 
ATOM   1082 C C   . LEU A 1 161 ? -6.732  -11.914 3.806   1.00 11.07 ? 140 LEU A C   1 
ATOM   1083 O O   . LEU A 1 161 ? -6.775  -10.689 3.856   1.00 12.51 ? 140 LEU A O   1 
ATOM   1084 C CB  . LEU A 1 161 ? -9.258  -12.100 3.741   1.00 11.80 ? 140 LEU A CB  1 
ATOM   1085 C CG  . LEU A 1 161 ? -10.485 -12.888 3.276   1.00 11.25 ? 140 LEU A CG  1 
ATOM   1086 C CD1 . LEU A 1 161 ? -11.749 -12.192 3.735   1.00 14.37 ? 140 LEU A CD1 1 
ATOM   1087 C CD2 . LEU A 1 161 ? -10.486 -13.098 1.758   1.00 14.92 ? 140 LEU A CD2 1 
ATOM   1088 N N   . GLU A 1 162 ? -5.649  -12.606 4.148   1.00 9.61  ? 141 GLU A N   1 
ATOM   1089 C CA  . GLU A 1 162 ? -4.408  -11.957 4.556   1.00 9.49  ? 141 GLU A CA  1 
ATOM   1090 C C   . GLU A 1 162 ? -3.541  -11.654 3.339   1.00 9.54  ? 141 GLU A C   1 
ATOM   1091 O O   . GLU A 1 162 ? -3.397  -12.497 2.447   1.00 10.52 ? 141 GLU A O   1 
ATOM   1092 C CB  . GLU A 1 162 ? -3.625  -12.876 5.496   1.00 11.20 ? 141 GLU A CB  1 
ATOM   1093 C CG  . GLU A 1 162 ? -4.410  -13.293 6.740   1.00 11.37 ? 141 GLU A CG  1 
ATOM   1094 C CD  . GLU A 1 162 ? -3.747  -14.411 7.519   1.00 15.10 ? 141 GLU A CD  1 
ATOM   1095 O OE1 . GLU A 1 162 ? -3.023  -15.234 6.907   1.00 14.97 ? 141 GLU A OE1 1 
ATOM   1096 O OE2 . GLU A 1 162 ? -3.961  -14.457 8.751   1.00 16.99 ? 141 GLU A OE2 1 
ATOM   1097 N N   . VAL A 1 163 ? -2.955  -10.458 3.309   1.00 9.07  ? 142 VAL A N   1 
ATOM   1098 C CA  . VAL A 1 163 ? -2.019  -10.108 2.251   1.00 10.94 ? 142 VAL A CA  1 
ATOM   1099 C C   . VAL A 1 163 ? -0.749  -10.958 2.389   1.00 10.95 ? 142 VAL A C   1 
ATOM   1100 O O   . VAL A 1 163 ? -0.208  -11.130 3.502   1.00 10.05 ? 142 VAL A O   1 
ATOM   1101 C CB  . VAL A 1 163 ? -1.683  -8.601  2.276   1.00 9.23  ? 142 VAL A CB  1 
ATOM   1102 C CG1 . VAL A 1 163 ? -0.620  -8.278  1.251   1.00 10.29 ? 142 VAL A CG1 1 
ATOM   1103 C CG2 . VAL A 1 163 ? -2.940  -7.759  2.012   1.00 10.22 ? 142 VAL A CG2 1 
ATOM   1104 N N   . ILE A 1 164 ? -0.301  -11.502 1.260   1.00 9.66  ? 143 ILE A N   1 
ATOM   1105 C CA  . ILE A 1 164 ? 0.878   -12.373 1.196   1.00 9.84  ? 143 ILE A CA  1 
ATOM   1106 C C   . ILE A 1 164 ? 1.720   -12.035 -0.033  1.00 10.95 ? 143 ILE A C   1 
ATOM   1107 O O   . ILE A 1 164 ? 1.237   -11.395 -0.996  1.00 9.98  ? 143 ILE A O   1 
ATOM   1108 C CB  . ILE A 1 164 ? 0.502   -13.877 1.109   1.00 9.48  ? 143 ILE A CB  1 
ATOM   1109 C CG1 . ILE A 1 164 ? -0.333  -14.142 -0.144  1.00 13.29 ? 143 ILE A CG1 1 
ATOM   1110 C CG2 . ILE A 1 164 ? -0.227  -14.340 2.359   1.00 12.18 ? 143 ILE A CG2 1 
ATOM   1111 C CD1 . ILE A 1 164 ? -0.513  -15.605 -0.459  1.00 13.77 ? 143 ILE A CD1 1 
ATOM   1112 N N   . PHE A 1 165 ? 2.980   -12.461 0.018   1.00 11.72 ? 144 PHE A N   1 
ATOM   1113 C CA  . PHE A 1 165 ? 3.931   -12.378 -1.092  1.00 11.62 ? 144 PHE A CA  1 
ATOM   1114 C C   . PHE A 1 165 ? 4.305   -13.796 -1.469  1.00 10.91 ? 144 PHE A C   1 
ATOM   1115 O O   . PHE A 1 165 ? 4.742   -14.577 -0.605  1.00 12.10 ? 144 PHE A O   1 
ATOM   1116 C CB  . PHE A 1 165 ? 5.182   -11.604 -0.673  1.00 11.74 ? 144 PHE A CB  1 
ATOM   1117 C CG  . PHE A 1 165 ? 6.358   -11.769 -1.616  1.00 12.89 ? 144 PHE A CG  1 
ATOM   1118 C CD1 . PHE A 1 165 ? 6.290   -11.322 -2.930  1.00 15.25 ? 144 PHE A CD1 1 
ATOM   1119 C CD2 . PHE A 1 165 ? 7.544   -12.335 -1.172  1.00 16.56 ? 144 PHE A CD2 1 
ATOM   1120 C CE1 . PHE A 1 165 ? 7.374   -11.470 -3.785  1.00 14.80 ? 144 PHE A CE1 1 
ATOM   1121 C CE2 . PHE A 1 165 ? 8.633   -12.477 -2.021  1.00 14.32 ? 144 PHE A CE2 1 
ATOM   1122 C CZ  . PHE A 1 165 ? 8.549   -12.041 -3.326  1.00 16.56 ? 144 PHE A CZ  1 
ATOM   1123 N N   . LYS A 1 166 ? 4.103   -14.139 -2.737  1.00 13.63 ? 145 LYS A N   1 
ATOM   1124 C CA  . LYS A 1 166 ? 4.459   -15.464 -3.230  1.00 13.24 ? 145 LYS A CA  1 
ATOM   1125 C C   . LYS A 1 166 ? 5.845   -15.424 -3.853  1.00 17.17 ? 145 LYS A C   1 
ATOM   1126 O O   . LYS A 1 166 ? 6.098   -14.662 -4.786  1.00 16.57 ? 145 LYS A O   1 
ATOM   1127 C CB  . LYS A 1 166 ? 3.427   -15.958 -4.240  1.00 15.45 ? 145 LYS A CB  1 
ATOM   1128 C CG  . LYS A 1 166 ? 2.010   -15.987 -3.674  1.00 16.94 ? 145 LYS A CG  1 
ATOM   1129 C CD  . LYS A 1 166 ? 1.057   -16.774 -4.549  1.00 23.95 ? 145 LYS A CD  1 
ATOM   1130 C CE  . LYS A 1 166 ? 1.063   -16.301 -5.982  1.00 27.08 ? 145 LYS A CE  1 
ATOM   1131 N NZ  . LYS A 1 166 ? 0.369   -17.292 -6.857  1.00 27.56 ? 145 LYS A NZ  1 
ATOM   1132 N N   . ASP A 1 167 ? 6.739   -16.249 -3.321  1.00 17.50 ? 146 ASP A N   1 
ATOM   1133 C CA  . ASP A 1 167 ? 8.131   -16.287 -3.748  1.00 24.52 ? 146 ASP A CA  1 
ATOM   1134 C C   . ASP A 1 167 ? 8.396   -17.650 -4.359  1.00 29.33 ? 146 ASP A C   1 
ATOM   1135 O O   . ASP A 1 167 ? 8.905   -18.544 -3.685  1.00 26.72 ? 146 ASP A O   1 
ATOM   1136 C CB  . ASP A 1 167 ? 9.041   -16.074 -2.540  1.00 25.17 ? 146 ASP A CB  1 
ATOM   1137 C CG  . ASP A 1 167 ? 10.478  -15.788 -2.928  1.00 26.87 ? 146 ASP A CG  1 
ATOM   1138 O OD1 . ASP A 1 167 ? 10.822  -15.956 -4.119  1.00 28.18 ? 146 ASP A OD1 1 
ATOM   1139 O OD2 . ASP A 1 167 ? 11.261  -15.396 -2.034  1.00 24.21 ? 146 ASP A OD2 1 
ATOM   1140 N N   . GLU A 1 168 ? 8.042   -17.812 -5.629  1.00 36.55 ? 147 GLU A N   1 
ATOM   1141 C CA  . GLU A 1 168 ? 8.104   -19.121 -6.276  1.00 41.20 ? 147 GLU A CA  1 
ATOM   1142 C C   . GLU A 1 168 ? 9.496   -19.759 -6.280  1.00 42.60 ? 147 GLU A C   1 
ATOM   1143 O O   . GLU A 1 168 ? 9.620   -20.984 -6.271  1.00 45.46 ? 147 GLU A O   1 
ATOM   1144 C CB  . GLU A 1 168 ? 7.530   -19.058 -7.696  1.00 38.87 ? 147 GLU A CB  1 
ATOM   1145 C CG  . GLU A 1 168 ? 7.607   -17.692 -8.355  1.00 39.25 ? 147 GLU A CG  1 
ATOM   1146 C CD  . GLU A 1 168 ? 6.902   -17.671 -9.698  1.00 45.56 ? 147 GLU A CD  1 
ATOM   1147 O OE1 . GLU A 1 168 ? 6.726   -18.758 -10.292 1.00 51.76 ? 147 GLU A OE1 1 
ATOM   1148 O OE2 . GLU A 1 168 ? 6.515   -16.575 -10.156 1.00 40.43 ? 147 GLU A OE2 1 
ATOM   1149 N N   . GLU A 1 169 ? 10.536  -18.931 -6.286  1.00 41.05 ? 148 GLU A N   1 
ATOM   1150 C CA  . GLU A 1 169 ? 11.904  -19.439 -6.285  1.00 44.56 ? 148 GLU A CA  1 
ATOM   1151 C C   . GLU A 1 169 ? 12.263  -20.125 -4.966  1.00 44.93 ? 148 GLU A C   1 
ATOM   1152 O O   . GLU A 1 169 ? 12.780  -21.245 -4.960  1.00 46.65 ? 148 GLU A O   1 
ATOM   1153 C CB  . GLU A 1 169 ? 12.900  -18.316 -6.582  1.00 45.35 ? 148 GLU A CB  1 
ATOM   1154 C CG  . GLU A 1 169 ? 14.351  -18.774 -6.639  1.00 50.13 ? 148 GLU A CG  1 
ATOM   1155 C CD  . GLU A 1 169 ? 14.614  -19.745 -7.778  1.00 55.33 ? 148 GLU A CD  1 
ATOM   1156 O OE1 . GLU A 1 169 ? 13.786  -19.807 -8.714  1.00 55.89 ? 148 GLU A OE1 1 
ATOM   1157 O OE2 . GLU A 1 169 ? 15.647  -20.446 -7.734  1.00 54.09 ? 148 GLU A OE2 1 
ATOM   1158 N N   . GLU A 1 170 ? 11.989  -19.452 -3.852  1.00 38.58 ? 149 GLU A N   1 
ATOM   1159 C CA  . GLU A 1 170 ? 12.332  -19.984 -2.533  1.00 38.40 ? 149 GLU A CA  1 
ATOM   1160 C C   . GLU A 1 170 ? 11.460  -21.173 -2.159  1.00 37.54 ? 149 GLU A C   1 
ATOM   1161 O O   . GLU A 1 170 ? 10.371  -21.010 -1.608  1.00 36.37 ? 149 GLU A O   1 
ATOM   1162 C CB  . GLU A 1 170 ? 12.227  -18.895 -1.464  1.00 36.40 ? 149 GLU A CB  1 
ATOM   1163 C CG  . GLU A 1 170 ? 13.219  -17.759 -1.646  1.00 40.73 ? 149 GLU A CG  1 
ATOM   1164 C CD  . GLU A 1 170 ? 14.662  -18.225 -1.572  1.00 47.04 ? 149 GLU A CD  1 
ATOM   1165 O OE1 . GLU A 1 170 ? 14.982  -19.045 -0.683  1.00 46.82 ? 149 GLU A OE1 1 
ATOM   1166 O OE2 . GLU A 1 170 ? 15.475  -17.773 -2.408  1.00 49.10 ? 149 GLU A OE2 1 
ATOM   1167 N N   . LYS A 1 171 ? 11.953  -22.373 -2.447  1.00 39.34 ? 150 LYS A N   1 
ATOM   1168 C CA  . LYS A 1 171 ? 11.187  -23.593 -2.219  1.00 40.36 ? 150 LYS A CA  1 
ATOM   1169 C C   . LYS A 1 171 ? 10.837  -23.822 -0.752  1.00 33.44 ? 150 LYS A C   1 
ATOM   1170 O O   . LYS A 1 171 ? 9.810   -24.423 -0.442  1.00 36.08 ? 150 LYS A O   1 
ATOM   1171 C CB  . LYS A 1 171 ? 11.936  -24.808 -2.773  1.00 40.52 ? 150 LYS A CB  1 
ATOM   1172 C CG  . LYS A 1 171 ? 12.063  -24.811 -4.285  1.00 44.52 ? 150 LYS A CG  1 
ATOM   1173 C CD  . LYS A 1 171 ? 10.750  -24.416 -4.942  1.00 42.96 ? 150 LYS A CD  1 
ATOM   1174 C CE  . LYS A 1 171 ? 10.468  -25.268 -6.170  1.00 47.55 ? 150 LYS A CE  1 
ATOM   1175 N NZ  . LYS A 1 171 ? 9.320   -24.744 -6.963  1.00 48.06 ? 150 LYS A NZ  1 
ATOM   1176 N N   . ASP A 1 172 ? 11.689  -23.342 0.148   1.00 36.84 ? 151 ASP A N   1 
ATOM   1177 C CA  . ASP A 1 172 ? 11.479  -23.554 1.578   1.00 35.99 ? 151 ASP A CA  1 
ATOM   1178 C C   . ASP A 1 172 ? 10.505  -22.553 2.203   1.00 35.83 ? 151 ASP A C   1 
ATOM   1179 O O   . ASP A 1 172 ? 9.884   -22.840 3.224   1.00 33.85 ? 151 ASP A O   1 
ATOM   1180 C CB  . ASP A 1 172 ? 12.813  -23.546 2.331   1.00 41.15 ? 151 ASP A CB  1 
ATOM   1181 C CG  . ASP A 1 172 ? 13.590  -24.839 2.154   1.00 48.15 ? 151 ASP A CG  1 
ATOM   1182 O OD1 . ASP A 1 172 ? 12.951  -25.904 2.012   1.00 47.16 ? 151 ASP A OD1 1 
ATOM   1183 O OD2 . ASP A 1 172 ? 14.838  -24.791 2.160   1.00 50.72 ? 151 ASP A OD2 1 
ATOM   1184 N N   . HIS A 1 173 ? 10.371  -21.382 1.587   1.00 34.49 ? 152 HIS A N   1 
ATOM   1185 C CA  . HIS A 1 173 ? 9.437   -20.372 2.081   1.00 32.69 ? 152 HIS A CA  1 
ATOM   1186 C C   . HIS A 1 173 ? 8.710   -19.704 0.927   1.00 27.26 ? 152 HIS A C   1 
ATOM   1187 O O   . HIS A 1 173 ? 8.989   -18.554 0.591   1.00 27.71 ? 152 HIS A O   1 
ATOM   1188 C CB  . HIS A 1 173 ? 10.165  -19.331 2.924   1.00 31.99 ? 152 HIS A CB  1 
ATOM   1189 C CG  . HIS A 1 173 ? 10.882  -19.912 4.101   1.00 33.59 ? 152 HIS A CG  1 
ATOM   1190 N ND1 . HIS A 1 173 ? 12.240  -20.150 4.100   1.00 37.23 ? 152 HIS A ND1 1 
ATOM   1191 C CD2 . HIS A 1 173 ? 10.427  -20.324 5.307   1.00 37.63 ? 152 HIS A CD2 1 
ATOM   1192 C CE1 . HIS A 1 173 ? 12.592  -20.673 5.261   1.00 35.84 ? 152 HIS A CE1 1 
ATOM   1193 N NE2 . HIS A 1 173 ? 11.512  -20.790 6.012   1.00 39.52 ? 152 HIS A NE2 1 
ATOM   1194 N N   . PRO A 1 174 ? 7.774   -20.434 0.312   1.00 24.81 ? 153 PRO A N   1 
ATOM   1195 C CA  . PRO A 1 174 ? 7.077   -20.001 -0.903  1.00 25.24 ? 153 PRO A CA  1 
ATOM   1196 C C   . PRO A 1 174 ? 6.054   -18.890 -0.656  1.00 20.79 ? 153 PRO A C   1 
ATOM   1197 O O   . PRO A 1 174 ? 5.656   -18.214 -1.611  1.00 21.43 ? 153 PRO A O   1 
ATOM   1198 C CB  . PRO A 1 174 ? 6.390   -21.280 -1.386  1.00 24.88 ? 153 PRO A CB  1 
ATOM   1199 C CG  . PRO A 1 174 ? 6.242   -22.123 -0.152  1.00 22.21 ? 153 PRO A CG  1 
ATOM   1200 C CD  . PRO A 1 174 ? 7.422   -21.811 0.705   1.00 24.37 ? 153 PRO A CD  1 
ATOM   1201 N N   . VAL A 1 175 ? 5.655   -18.697 0.599   1.00 18.53 ? 154 VAL A N   1 
ATOM   1202 C CA  . VAL A 1 175 ? 4.653   -17.684 0.952   1.00 15.70 ? 154 VAL A CA  1 
ATOM   1203 C C   . VAL A 1 175 ? 5.040   -16.910 2.210   1.00 16.55 ? 154 VAL A C   1 
ATOM   1204 O O   . VAL A 1 175 ? 5.297   -17.499 3.264   1.00 19.57 ? 154 VAL A O   1 
ATOM   1205 C CB  . VAL A 1 175 ? 3.262   -18.318 1.163   1.00 15.35 ? 154 VAL A CB  1 
ATOM   1206 C CG1 . VAL A 1 175 ? 2.258   -17.270 1.627   1.00 16.93 ? 154 VAL A CG1 1 
ATOM   1207 C CG2 . VAL A 1 175 ? 2.782   -18.996 -0.116  1.00 17.77 ? 154 VAL A CG2 1 
ATOM   1208 N N   . ARG A 1 176 ? 5.083   -15.585 2.092   1.00 14.01 ? 155 ARG A N   1 
ATOM   1209 C CA  . ARG A 1 176 ? 5.397   -14.725 3.224   1.00 13.37 ? 155 ARG A CA  1 
ATOM   1210 C C   . ARG A 1 176 ? 4.205   -13.841 3.512   1.00 13.11 ? 155 ARG A C   1 
ATOM   1211 O O   . ARG A 1 176 ? 3.690   -13.174 2.620   1.00 12.30 ? 155 ARG A O   1 
ATOM   1212 C CB  . ARG A 1 176 ? 6.601   -13.832 2.937   1.00 15.35 ? 155 ARG A CB  1 
ATOM   1213 C CG  . ARG A 1 176 ? 7.838   -14.553 2.439   1.00 12.67 ? 155 ARG A CG  1 
ATOM   1214 C CD  . ARG A 1 176 ? 8.422   -15.463 3.495   1.00 18.83 ? 155 ARG A CD  1 
ATOM   1215 N NE  . ARG A 1 176 ? 9.811   -15.787 3.182   1.00 20.57 ? 155 ARG A NE  1 
ATOM   1216 C CZ  . ARG A 1 176 ? 10.702  -16.180 4.088   1.00 25.11 ? 155 ARG A CZ  1 
ATOM   1217 N NH1 . ARG A 1 176 ? 10.348  -16.300 5.363   1.00 22.79 ? 155 ARG A NH1 1 
ATOM   1218 N NH2 . ARG A 1 176 ? 11.948  -16.449 3.721   1.00 26.17 ? 155 ARG A NH2 1 
ATOM   1219 N N   . LYS A 1 177 ? 3.763   -13.815 4.755   1.00 12.11 ? 156 LYS A N   1 
ATOM   1220 C CA  . LYS A 1 177 ? 2.652   -12.960 5.129   1.00 12.09 ? 156 LYS A CA  1 
ATOM   1221 C C   . LYS A 1 177 ? 3.097   -11.517 5.357   1.00 12.11 ? 156 LYS A C   1 
ATOM   1222 O O   . LYS A 1 177 ? 4.205   -11.251 5.849   1.00 11.77 ? 156 LYS A O   1 
ATOM   1223 C CB  . LYS A 1 177 ? 1.938   -13.529 6.358   1.00 12.88 ? 156 LYS A CB  1 
ATOM   1224 C CG  . LYS A 1 177 ? 1.389   -14.926 6.093   1.00 15.70 ? 156 LYS A CG  1 
ATOM   1225 C CD  . LYS A 1 177 ? 0.348   -15.337 7.098   1.00 23.92 ? 156 LYS A CD  1 
ATOM   1226 C CE  . LYS A 1 177 ? -0.158  -16.736 6.784   1.00 19.81 ? 156 LYS A CE  1 
ATOM   1227 N NZ  . LYS A 1 177 ? -1.175  -17.154 7.770   1.00 23.82 ? 156 LYS A NZ  1 
ATOM   1228 N N   . LEU A 1 178 ? 2.233   -10.577 4.979   1.00 10.05 ? 157 LEU A N   1 
ATOM   1229 C CA  . LEU A 1 178 ? 2.478   -9.182  5.308   1.00 11.16 ? 157 LEU A CA  1 
ATOM   1230 C C   . LEU A 1 178 ? 2.250   -8.998  6.800   1.00 11.77 ? 157 LEU A C   1 
ATOM   1231 O O   . LEU A 1 178 ? 1.261   -9.479  7.351   1.00 11.31 ? 157 LEU A O   1 
ATOM   1232 C CB  . LEU A 1 178 ? 1.541   -8.270  4.519   1.00 9.87  ? 157 LEU A CB  1 
ATOM   1233 C CG  . LEU A 1 178 ? 1.916   -6.789  4.558   1.00 10.56 ? 157 LEU A CG  1 
ATOM   1234 C CD1 . LEU A 1 178 ? 3.317   -6.566  3.998   1.00 11.51 ? 157 LEU A CD1 1 
ATOM   1235 C CD2 . LEU A 1 178 ? 0.882   -5.973  3.790   1.00 10.40 ? 157 LEU A CD2 1 
ATOM   1236 N N   . THR A 1 179 ? 3.161   -8.298  7.458   1.00 11.30 ? 158 THR A N   1 
ATOM   1237 C CA  . THR A 1 179 ? 3.104   -8.200  8.916   1.00 11.42 ? 158 THR A CA  1 
ATOM   1238 C C   . THR A 1 179 ? 3.690   -6.868  9.396   1.00 11.70 ? 158 THR A C   1 
ATOM   1239 O O   . THR A 1 179 ? 4.004   -5.977  8.592   1.00 11.71 ? 158 THR A O   1 
ATOM   1240 C CB  . THR A 1 179 ? 3.791   -9.434  9.607   1.00 12.74 ? 158 THR A CB  1 
ATOM   1241 O OG1 . THR A 1 179 ? 3.459   -9.463  10.999  1.00 12.67 ? 158 THR A OG1 1 
ATOM   1242 C CG2 . THR A 1 179 ? 5.303   -9.402  9.454   1.00 11.37 ? 158 THR A CG2 1 
ATOM   1243 N N   . ASN A 1 180 ? 3.794   -6.729  10.712  1.00 11.80 ? 159 ASN A N   1 
ATOM   1244 C CA  . ASN A 1 180 ? 4.378   -5.552  11.345  1.00 13.31 ? 159 ASN A CA  1 
ATOM   1245 C C   . ASN A 1 180 ? 5.268   -6.008  12.498  1.00 12.68 ? 159 ASN A C   1 
ATOM   1246 O O   . ASN A 1 180 ? 5.531   -7.201  12.648  1.00 15.09 ? 159 ASN A O   1 
ATOM   1247 C CB  . ASN A 1 180 ? 3.290   -4.588  11.844  1.00 14.24 ? 159 ASN A CB  1 
ATOM   1248 C CG  . ASN A 1 180 ? 2.338   -5.243  12.832  1.00 13.18 ? 159 ASN A CG  1 
ATOM   1249 O OD1 . ASN A 1 180 ? 2.608   -6.344  13.320  1.00 12.20 ? 159 ASN A OD1 1 
ATOM   1250 N ND2 . ASN A 1 180 ? 1.235   -4.579  13.144  1.00 12.76 ? 159 ASN A ND2 1 
ATOM   1251 N N   . ALA A 1 181 ? 5.705   -5.063  13.323  1.00 13.59 ? 160 ALA A N   1 
ATOM   1252 C CA  . ALA A 1 181 ? 6.613   -5.385  14.427  1.00 16.86 ? 160 ALA A CA  1 
ATOM   1253 C C   . ALA A 1 181 ? 5.956   -6.247  15.494  1.00 18.59 ? 160 ALA A C   1 
ATOM   1254 O O   . ALA A 1 181 ? 6.652   -6.870  16.307  1.00 17.70 ? 160 ALA A O   1 
ATOM   1255 C CB  . ALA A 1 181 ? 7.171   -4.105  15.037  1.00 19.60 ? 160 ALA A CB  1 
ATOM   1256 N N   . LYS A 1 182 ? 4.628   -6.293  15.495  1.00 14.92 ? 161 LYS A N   1 
ATOM   1257 C CA  . LYS A 1 182 ? 3.889   -7.094  16.466  1.00 14.12 ? 161 LYS A CA  1 
ATOM   1258 C C   . LYS A 1 182 ? 3.531   -8.470  15.919  1.00 15.76 ? 161 LYS A C   1 
ATOM   1259 O O   . LYS A 1 182 ? 2.886   -9.270  16.611  1.00 17.25 ? 161 LYS A O   1 
ATOM   1260 C CB  . LYS A 1 182 ? 2.612   -6.381  16.895  1.00 15.86 ? 161 LYS A CB  1 
ATOM   1261 C CG  . LYS A 1 182 ? 2.815   -5.060  17.622  1.00 16.63 ? 161 LYS A CG  1 
ATOM   1262 C CD  . LYS A 1 182 ? 1.469   -4.421  17.897  1.00 20.29 ? 161 LYS A CD  1 
ATOM   1263 C CE  . LYS A 1 182 ? 1.586   -2.993  18.392  1.00 23.13 ? 161 LYS A CE  1 
ATOM   1264 N NZ  . LYS A 1 182 ? 0.224   -2.421  18.585  1.00 25.77 ? 161 LYS A NZ  1 
ATOM   1265 N N   . GLY A 1 183 ? 3.946   -8.755  14.688  1.00 13.89 ? 162 GLY A N   1 
ATOM   1266 C CA  . GLY A 1 183 ? 3.643   -10.026 14.057  1.00 14.21 ? 162 GLY A CA  1 
ATOM   1267 C C   . GLY A 1 183 ? 2.176   -10.201 13.729  1.00 15.60 ? 162 GLY A C   1 
ATOM   1268 O O   . GLY A 1 183 ? 1.651   -11.315 13.762  1.00 14.04 ? 162 GLY A O   1 
ATOM   1269 N N   . GLU A 1 184 ? 1.508   -9.099  13.393  1.00 11.96 ? 163 GLU A N   1 
ATOM   1270 C CA  . GLU A 1 184 ? 0.081   -9.133  13.107  1.00 12.51 ? 163 GLU A CA  1 
ATOM   1271 C C   . GLU A 1 184 ? -0.173  -9.313  11.600  1.00 11.14 ? 163 GLU A C   1 
ATOM   1272 O O   . GLU A 1 184 ? 0.763   -9.585  10.837  1.00 11.85 ? 163 GLU A O   1 
ATOM   1273 C CB  . GLU A 1 184 ? -0.599  -7.885  13.681  1.00 13.68 ? 163 GLU A CB  1 
ATOM   1274 C CG  . GLU A 1 184 ? -0.526  -7.861  15.217  1.00 12.69 ? 163 GLU A CG  1 
ATOM   1275 C CD  . GLU A 1 184 ? -0.957  -6.541  15.830  1.00 18.60 ? 163 GLU A CD  1 
ATOM   1276 O OE1 . GLU A 1 184 ? -0.723  -5.484  15.212  1.00 14.50 ? 163 GLU A OE1 1 
ATOM   1277 O OE2 . GLU A 1 184 ? -1.521  -6.564  16.948  1.00 18.85 ? 163 GLU A OE2 1 
ATOM   1278 N N   . ARG A 1 185 ? -1.432  -9.184  11.184  1.00 12.39 ? 164 ARG A N   1 
ATOM   1279 C CA  . ARG A 1 185 ? -1.805  -9.448  9.799   1.00 10.21 ? 164 ARG A CA  1 
ATOM   1280 C C   . ARG A 1 185 ? -2.533  -8.264  9.192   1.00 10.91 ? 164 ARG A C   1 
ATOM   1281 O O   . ARG A 1 185 ? -3.092  -7.430  9.906   1.00 12.50 ? 164 ARG A O   1 
ATOM   1282 C CB  . ARG A 1 185 ? -2.687  -10.697 9.709   1.00 12.28 ? 164 ARG A CB  1 
ATOM   1283 C CG  . ARG A 1 185 ? -2.001  -11.958 10.228  1.00 11.45 ? 164 ARG A CG  1 
ATOM   1284 C CD  . ARG A 1 185 ? -0.923  -12.427 9.265   1.00 11.48 ? 164 ARG A CD  1 
ATOM   1285 N NE  . ARG A 1 185 ? -0.189  -13.572 9.806   1.00 12.71 ? 164 ARG A NE  1 
ATOM   1286 C CZ  . ARG A 1 185 ? 1.034   -13.505 10.320  1.00 14.15 ? 164 ARG A CZ  1 
ATOM   1287 N NH1 . ARG A 1 185 ? 1.682   -12.354 10.396  1.00 13.55 ? 164 ARG A NH1 1 
ATOM   1288 N NH2 . ARG A 1 185 ? 1.612   -14.616 10.770  1.00 14.08 ? 164 ARG A NH2 1 
ATOM   1289 N N   . PHE A 1 186 ? -2.520  -8.220  7.863   1.00 10.25 ? 165 PHE A N   1 
ATOM   1290 C CA  . PHE A 1 186 ? -3.108  -7.136  7.093   1.00 10.36 ? 165 PHE A CA  1 
ATOM   1291 C C   . PHE A 1 186 ? -4.085  -7.758  6.125   1.00 9.29  ? 165 PHE A C   1 
ATOM   1292 O O   . PHE A 1 186 ? -3.704  -8.608  5.326   1.00 11.73 ? 165 PHE A O   1 
ATOM   1293 C CB  . PHE A 1 186 ? -1.996  -6.392  6.363   1.00 9.79  ? 165 PHE A CB  1 
ATOM   1294 C CG  . PHE A 1 186 ? -1.153  -5.570  7.283   1.00 9.90  ? 165 PHE A CG  1 
ATOM   1295 C CD1 . PHE A 1 186 ? -1.345  -4.200  7.372   1.00 10.06 ? 165 PHE A CD1 1 
ATOM   1296 C CD2 . PHE A 1 186 ? -0.217  -6.167  8.119   1.00 12.13 ? 165 PHE A CD2 1 
ATOM   1297 C CE1 . PHE A 1 186 ? -0.610  -3.437  8.256   1.00 11.69 ? 165 PHE A CE1 1 
ATOM   1298 C CE2 . PHE A 1 186 ? 0.531   -5.403  9.006   1.00 11.18 ? 165 PHE A CE2 1 
ATOM   1299 C CZ  . PHE A 1 186 ? 0.340   -4.040  9.073   1.00 12.04 ? 165 PHE A CZ  1 
ATOM   1300 N N   . LYS A 1 187 ? -5.350  -7.365  6.202   1.00 10.85 ? 166 LYS A N   1 
ATOM   1301 C CA  . LYS A 1 187 ? -6.393  -8.104  5.503   1.00 10.61 ? 166 LYS A CA  1 
ATOM   1302 C C   . LYS A 1 187 ? -7.236  -7.253  4.573   1.00 11.89 ? 166 LYS A C   1 
ATOM   1303 O O   . LYS A 1 187 ? -7.222  -6.031  4.661   1.00 12.10 ? 166 LYS A O   1 
ATOM   1304 C CB  . LYS A 1 187 ? -7.331  -8.771  6.512   1.00 13.17 ? 166 LYS A CB  1 
ATOM   1305 C CG  . LYS A 1 187 ? -6.690  -9.870  7.338   1.00 17.04 ? 166 LYS A CG  1 
ATOM   1306 C CD  . LYS A 1 187 ? -7.712  -10.464 8.296   1.00 21.49 ? 166 LYS A CD  1 
ATOM   1307 C CE  . LYS A 1 187 ? -7.123  -11.580 9.133   1.00 31.32 ? 166 LYS A CE  1 
ATOM   1308 N NZ  . LYS A 1 187 ? -8.148  -12.103 10.077  1.00 34.25 ? 166 LYS A NZ  1 
ATOM   1309 N N   . VAL A 1 188 ? -7.969  -7.919  3.684   1.00 9.74  ? 167 VAL A N   1 
ATOM   1310 C CA  . VAL A 1 188 ? -9.022  -7.274  2.904   1.00 10.54 ? 167 VAL A CA  1 
ATOM   1311 C C   . VAL A 1 188 ? -10.371 -7.825  3.347   1.00 11.12 ? 167 VAL A C   1 
ATOM   1312 O O   . VAL A 1 188 ? -10.438 -8.856  4.025   1.00 10.97 ? 167 VAL A O   1 
ATOM   1313 C CB  . VAL A 1 188 ? -8.843  -7.491  1.390   1.00 10.13 ? 167 VAL A CB  1 
ATOM   1314 C CG1 . VAL A 1 188 ? -7.523  -6.877  0.908   1.00 11.51 ? 167 VAL A CG1 1 
ATOM   1315 C CG2 . VAL A 1 188 ? -8.919  -8.962  1.043   1.00 10.91 ? 167 VAL A CG2 1 
ATOM   1316 N N   . ALA A 1 189 ? -11.445 -7.142  2.967   1.00 11.66 ? 168 ALA A N   1 
ATOM   1317 C CA  . ALA A 1 189 ? -12.767 -7.475  3.486   1.00 12.21 ? 168 ALA A CA  1 
ATOM   1318 C C   . ALA A 1 189 ? -13.305 -8.802  2.964   1.00 12.88 ? 168 ALA A C   1 
ATOM   1319 O O   . ALA A 1 189 ? -14.034 -9.499  3.677   1.00 13.32 ? 168 ALA A O   1 
ATOM   1320 C CB  . ALA A 1 189 ? -13.752 -6.351  3.173   1.00 14.71 ? 168 ALA A CB  1 
ATOM   1321 N N   . SER A 1 190 ? -12.982 -9.155  1.719   1.00 11.71 ? 169 SER A N   1 
ATOM   1322 C CA  . SER A 1 190 ? -13.638 -10.313 1.111   1.00 12.91 ? 169 SER A CA  1 
ATOM   1323 C C   . SER A 1 190 ? -12.920 -11.004 -0.039  1.00 11.31 ? 169 SER A C   1 
ATOM   1324 O O   . SER A 1 190 ? -13.251 -12.134 -0.375  1.00 13.42 ? 169 SER A O   1 
ATOM   1325 C CB  . SER A 1 190 ? -15.041 -9.931  0.631   1.00 14.37 ? 169 SER A CB  1 
ATOM   1326 O OG  . SER A 1 190 ? -14.997 -9.297  -0.637  1.00 14.59 ? 169 SER A OG  1 
ATOM   1327 N N   . ILE A 1 191 ? -11.965 -10.329 -0.673  1.00 11.40 ? 170 ILE A N   1 
ATOM   1328 C CA  . ILE A 1 191 ? -11.385 -10.890 -1.887  1.00 12.16 ? 170 ILE A CA  1 
ATOM   1329 C C   . ILE A 1 191 ? -10.182 -11.797 -1.645  1.00 11.69 ? 170 ILE A C   1 
ATOM   1330 O O   . ILE A 1 191 ? -9.124  -11.332 -1.257  1.00 11.09 ? 170 ILE A O   1 
ATOM   1331 C CB  . ILE A 1 191 ? -10.977 -9.783  -2.874  1.00 10.60 ? 170 ILE A CB  1 
ATOM   1332 C CG1 . ILE A 1 191 ? -12.160 -8.858  -3.181  1.00 11.96 ? 170 ILE A CG1 1 
ATOM   1333 C CG2 . ILE A 1 191 ? -10.443 -10.399 -4.167  1.00 13.67 ? 170 ILE A CG2 1 
ATOM   1334 C CD1 . ILE A 1 191 ? -11.810 -7.667  -4.068  1.00 12.89 ? 170 ILE A CD1 1 
ATOM   1335 N N   . ALA A 1 192 ? -10.357 -13.097 -1.873  1.00 11.55 ? 171 ALA A N   1 
ATOM   1336 C CA  . ALA A 1 192 ? -9.235  -14.039 -1.864  1.00 11.77 ? 171 ALA A CA  1 
ATOM   1337 C C   . ALA A 1 192 ? -8.491  -14.007 -3.198  1.00 10.57 ? 171 ALA A C   1 
ATOM   1338 O O   . ALA A 1 192 ? -9.098  -13.726 -4.234  1.00 12.47 ? 171 ALA A O   1 
ATOM   1339 C CB  . ALA A 1 192 ? -9.730  -15.470 -1.564  1.00 14.48 ? 171 ALA A CB  1 
ATOM   1340 N N   . ASN A 1 193 ? -7.191  -14.301 -3.169  1.00 10.55 ? 172 ASN A N   1 
ATOM   1341 C CA  . ASN A 1 193 ? -6.373  -14.263 -4.380  1.00 11.73 ? 172 ASN A CA  1 
ATOM   1342 C C   . ASN A 1 193 ? -6.424  -12.885 -5.045  1.00 11.42 ? 172 ASN A C   1 
ATOM   1343 O O   . ASN A 1 193 ? -6.376  -12.769 -6.274  1.00 12.61 ? 172 ASN A O   1 
ATOM   1344 C CB  . ASN A 1 193 ? -6.831  -15.337 -5.372  1.00 13.71 ? 172 ASN A CB  1 
ATOM   1345 C CG  . ASN A 1 193 ? -6.873  -16.709 -4.754  1.00 20.41 ? 172 ASN A CG  1 
ATOM   1346 O OD1 . ASN A 1 193 ? -5.847  -17.237 -4.338  1.00 22.15 ? 172 ASN A OD1 1 
ATOM   1347 N ND2 . ASN A 1 193 ? -8.063  -17.296 -4.685  1.00 21.73 ? 172 ASN A ND2 1 
ATOM   1348 N N   . ALA A 1 194 ? -6.516  -11.837 -4.228  1.00 10.08 ? 173 ALA A N   1 
ATOM   1349 C CA  . ALA A 1 194 ? -6.673  -10.482 -4.749  1.00 9.62  ? 173 ALA A CA  1 
ATOM   1350 C C   . ALA A 1 194 ? -5.422  -10.010 -5.469  1.00 8.83  ? 173 ALA A C   1 
ATOM   1351 O O   . ALA A 1 194 ? -4.312  -10.462 -5.178  1.00 10.24 ? 173 ALA A O   1 
ATOM   1352 C CB  . ALA A 1 194 ? -7.003  -9.523  -3.617  1.00 9.87  ? 173 ALA A CB  1 
ATOM   1353 N N   . GLN A 1 195 ? -5.605  -9.072  -6.385  1.00 9.51  ? 174 GLN A N   1 
ATOM   1354 C CA  . GLN A 1 195 ? -4.468  -8.347  -6.919  1.00 8.51  ? 174 GLN A CA  1 
ATOM   1355 C C   . GLN A 1 195 ? -4.151  -7.215  -5.956  1.00 8.92  ? 174 GLN A C   1 
ATOM   1356 O O   . GLN A 1 195 ? -4.908  -6.254  -5.852  1.00 8.81  ? 174 GLN A O   1 
ATOM   1357 C CB  . GLN A 1 195 ? -4.796  -7.804  -8.301  1.00 8.14  ? 174 GLN A CB  1 
ATOM   1358 C CG  . GLN A 1 195 ? -3.719  -6.882  -8.834  1.00 9.47  ? 174 GLN A CG  1 
ATOM   1359 C CD  . GLN A 1 195 ? -3.883  -6.632  -10.302 1.00 10.20 ? 174 GLN A CD  1 
ATOM   1360 O OE1 . GLN A 1 195 ? -3.382  -7.401  -11.134 1.00 13.08 ? 174 GLN A OE1 1 
ATOM   1361 N NE2 . GLN A 1 195 ? -4.588  -5.568  -10.644 1.00 7.37  ? 174 GLN A NE2 1 
ATOM   1362 N N   . VAL A 1 196 ? -3.051  -7.352  -5.215  1.00 8.68  ? 175 VAL A N   1 
ATOM   1363 C CA  . VAL A 1 196 ? -2.689  -6.347  -4.219  1.00 9.15  ? 175 VAL A CA  1 
ATOM   1364 C C   . VAL A 1 196 ? -1.610  -5.416  -4.788  1.00 8.24  ? 175 VAL A C   1 
ATOM   1365 O O   . VAL A 1 196 ? -0.508  -5.856  -5.114  1.00 9.71  ? 175 VAL A O   1 
ATOM   1366 C CB  . VAL A 1 196 ? -2.216  -7.010  -2.908  1.00 8.16  ? 175 VAL A CB  1 
ATOM   1367 C CG1 . VAL A 1 196 ? -1.720  -5.953  -1.928  1.00 10.47 ? 175 VAL A CG1 1 
ATOM   1368 C CG2 . VAL A 1 196 ? -3.358  -7.840  -2.293  1.00 9.69  ? 175 VAL A CG2 1 
ATOM   1369 N N   . ARG A 1 197 ? -1.940  -4.130  -4.914  1.00 8.18  ? 176 ARG A N   1 
ATOM   1370 C CA  . ARG A 1 197 ? -1.013  -3.140  -5.469  1.00 8.88  ? 176 ARG A CA  1 
ATOM   1371 C C   . ARG A 1 197 ? -1.646  -1.776  -5.327  1.00 13.23 ? 176 ARG A C   1 
ATOM   1372 O O   . ARG A 1 197 ? -2.578  -1.609  -4.547  1.00 9.64  ? 176 ARG A O   1 
ATOM   1373 C CB  . ARG A 1 197 ? -0.682  -3.419  -6.946  1.00 9.90  ? 176 ARG A CB  1 
ATOM   1374 C CG  . ARG A 1 197 ? -1.887  -3.444  -7.860  1.00 9.15  ? 176 ARG A CG  1 
ATOM   1375 C CD  . ARG A 1 197 ? -1.469  -3.648  -9.317  1.00 9.77  ? 176 ARG A CD  1 
ATOM   1376 N NE  . ARG A 1 197 ? -0.972  -5.000  -9.565  1.00 9.08  ? 176 ARG A NE  1 
ATOM   1377 C CZ  . ARG A 1 197 ? -0.568  -5.442  -10.751 1.00 8.93  ? 176 ARG A CZ  1 
ATOM   1378 N NH1 . ARG A 1 197 ? -0.597  -4.638  -11.808 1.00 9.85  ? 176 ARG A NH1 1 
ATOM   1379 N NH2 . ARG A 1 197 ? -0.143  -6.694  -10.886 1.00 10.91 ? 176 ARG A NH2 1 
HETATM 1380 C C1  . GOL B 2 .   ? -7.276  1.667   -6.387  1.00 19.36 ? 201 GOL A C1  1 
HETATM 1381 O O1  . GOL B 2 .   ? -5.875  1.743   -6.528  1.00 21.03 ? 201 GOL A O1  1 
HETATM 1382 C C2  . GOL B 2 .   ? -7.942  1.414   -7.733  1.00 19.85 ? 201 GOL A C2  1 
HETATM 1383 O O2  . GOL B 2 .   ? -7.482  2.354   -8.681  1.00 23.26 ? 201 GOL A O2  1 
HETATM 1384 C C3  . GOL B 2 .   ? -7.652  0.000   -8.215  1.00 20.73 ? 201 GOL A C3  1 
HETATM 1385 O O3  . GOL B 2 .   ? -8.205  -0.174  -9.502  1.00 24.63 ? 201 GOL A O3  1 
HETATM 1386 H H11 . GOL B 2 .   ? -7.530  0.861   -5.698  1.00 23.24 ? 201 GOL A H11 1 
HETATM 1387 H H12 . GOL B 2 .   ? -7.651  2.600   -5.965  1.00 23.24 ? 201 GOL A H12 1 
HETATM 1388 H HO1 . GOL B 2 .   ? -5.472  1.971   -5.664  1.00 25.23 ? 201 GOL A HO1 1 
HETATM 1389 H H2  . GOL B 2 .   ? -9.020  1.520   -7.608  1.00 23.82 ? 201 GOL A H2  1 
HETATM 1390 H HO2 . GOL B 2 .   ? -6.518  2.240   -8.813  1.00 27.91 ? 201 GOL A HO2 1 
HETATM 1391 H H31 . GOL B 2 .   ? -6.576  -0.166  -8.250  1.00 24.88 ? 201 GOL A H31 1 
HETATM 1392 H H32 . GOL B 2 .   ? -8.087  -0.722  -7.525  1.00 24.88 ? 201 GOL A H32 1 
HETATM 1393 H HO3 . GOL B 2 .   ? -8.499  -1.103  -9.609  1.00 29.55 ? 201 GOL A HO3 1 
HETATM 1394 O O   . HOH C 3 .   ? -0.676  -7.107  -7.622  1.00 9.73  ? 301 HOH A O   1 
HETATM 1395 O O   . HOH C 3 .   ? -1.069  -10.409 6.357   1.00 10.93 ? 302 HOH A O   1 
HETATM 1396 O O   . HOH C 3 .   ? -4.646  0.360   2.479   1.00 9.90  ? 303 HOH A O   1 
HETATM 1397 O O   . HOH C 3 .   ? -11.017 -4.219  2.793   1.00 11.10 ? 304 HOH A O   1 
HETATM 1398 O O   . HOH C 3 .   ? -6.299  9.474   -2.271  1.00 10.55 ? 305 HOH A O   1 
HETATM 1399 O O   . HOH C 3 .   ? -5.630  -3.455  -6.385  1.00 10.31 ? 306 HOH A O   1 
HETATM 1400 O O   . HOH C 3 .   ? -5.422  -3.515  -9.128  1.00 11.32 ? 307 HOH A O   1 
HETATM 1401 O O   . HOH C 3 .   ? -4.879  19.916  -13.033 1.00 14.27 ? 308 HOH A O   1 
HETATM 1402 O O   . HOH C 3 .   ? -1.476  -9.248  -9.875  1.00 11.19 ? 309 HOH A O   1 
HETATM 1403 O O   . HOH C 3 .   ? -12.402 -2.099  1.666   1.00 12.45 ? 310 HOH A O   1 
HETATM 1404 O O   . HOH C 3 .   ? 4.417   -12.935 10.730  1.00 14.23 ? 311 HOH A O   1 
HETATM 1405 O O   . HOH C 3 .   ? -1.571  -10.612 -7.395  1.00 11.54 ? 312 HOH A O   1 
HETATM 1406 O O   . HOH C 3 .   ? -0.589  -1.832  -12.127 1.00 13.76 ? 313 HOH A O   1 
HETATM 1407 O O   . HOH C 3 .   ? -19.868 10.803  1.794   1.00 14.79 ? 314 HOH A O   1 
HETATM 1408 O O   . HOH C 3 .   ? -3.217  5.523   -4.095  1.00 11.81 ? 315 HOH A O   1 
HETATM 1409 O O   . HOH C 3 .   ? -14.398 16.979  -2.049  1.00 14.28 ? 316 HOH A O   1 
HETATM 1410 O O   . HOH C 3 .   ? 8.606   -1.592  4.721   1.00 14.93 ? 317 HOH A O   1 
HETATM 1411 O O   . HOH C 3 .   ? -15.599 13.001  -8.555  1.00 12.72 ? 318 HOH A O   1 
HETATM 1412 O O   . HOH C 3 .   ? -4.655  -0.778  -6.295  1.00 13.31 ? 319 HOH A O   1 
HETATM 1413 O O   . HOH C 3 .   ? -12.780 13.953  -7.997  1.00 15.70 ? 320 HOH A O   1 
HETATM 1414 O O   . HOH C 3 .   ? 0.543   -1.913  12.122  1.00 13.57 ? 321 HOH A O   1 
HETATM 1415 O O   . HOH C 3 .   ? 9.058   -6.673  3.013   1.00 13.83 ? 322 HOH A O   1 
HETATM 1416 O O   . HOH C 3 .   ? -5.385  18.821  -15.377 1.00 17.69 ? 323 HOH A O   1 
HETATM 1417 O O   . HOH C 3 .   ? 4.202   -17.065 10.380  1.00 19.96 ? 324 HOH A O   1 
HETATM 1418 O O   . HOH C 3 .   ? -12.328 6.290   -9.601  1.00 14.79 ? 325 HOH A O   1 
HETATM 1419 O O   . HOH C 3 .   ? -6.684  16.169  1.004   1.00 16.51 ? 326 HOH A O   1 
HETATM 1420 O O   . HOH C 3 .   ? 3.290   14.978  -0.404  1.00 19.41 ? 327 HOH A O   1 
HETATM 1421 O O   . HOH C 3 .   ? 1.154   -1.700  15.506  1.00 17.08 ? 328 HOH A O   1 
HETATM 1422 O O   . HOH C 3 .   ? -1.275  -2.960  15.952  1.00 19.04 ? 329 HOH A O   1 
HETATM 1423 O O   . HOH C 3 .   ? -11.337 -11.872 -10.720 1.00 20.15 ? 330 HOH A O   1 
HETATM 1424 O O   . HOH C 3 .   ? -14.905 -2.669  0.575   1.00 19.55 ? 331 HOH A O   1 
HETATM 1425 O O   . HOH C 3 .   ? -3.729  -9.299  13.010  1.00 17.91 ? 332 HOH A O   1 
HETATM 1426 O O   . HOH C 3 .   ? -15.193 -1.616  -5.963  1.00 17.27 ? 333 HOH A O   1 
HETATM 1427 O O   . HOH C 3 .   ? -4.973  3.389   -4.285  1.00 15.49 ? 334 HOH A O   1 
HETATM 1428 O O   . HOH C 3 .   ? 3.700   -2.842  14.987  1.00 16.95 ? 335 HOH A O   1 
HETATM 1429 O O   . HOH C 3 .   ? -18.886 12.995  3.391   1.00 17.68 ? 336 HOH A O   1 
HETATM 1430 O O   . HOH C 3 .   ? -5.742  -6.548  9.596   1.00 17.01 ? 337 HOH A O   1 
HETATM 1431 O O   . HOH C 3 .   ? -8.221  0.424   5.399   1.00 16.87 ? 338 HOH A O   1 
HETATM 1432 O O   . HOH C 3 .   ? -15.257 -2.489  -2.189  1.00 19.32 ? 339 HOH A O   1 
HETATM 1433 O O   . HOH C 3 .   ? -1.579  6.683   -6.016  1.00 20.48 ? 340 HOH A O   1 
HETATM 1434 O O   . HOH C 3 .   ? 3.737   11.859  7.369   1.00 20.61 ? 341 HOH A O   1 
HETATM 1435 O O   . HOH C 3 .   ? 9.402   -3.926  3.164   1.00 16.73 ? 342 HOH A O   1 
HETATM 1436 O O   . HOH C 3 .   ? -9.556  2.609   9.485   1.00 20.34 ? 343 HOH A O   1 
HETATM 1437 O O   . HOH C 3 .   ? 1.287   19.167  -6.050  1.00 22.49 ? 344 HOH A O   1 
HETATM 1438 O O   . HOH C 3 .   ? -11.879 19.545  -4.079  1.00 18.69 ? 345 HOH A O   1 
HETATM 1439 O O   . HOH C 3 .   ? -6.884  -6.579  14.016  1.00 23.03 ? 346 HOH A O   1 
HETATM 1440 O O   . HOH C 3 .   ? 0.796   8.007   -6.181  1.00 21.77 ? 347 HOH A O   1 
HETATM 1441 O O   . HOH C 3 .   ? -1.968  -15.777 9.948   1.00 19.14 ? 348 HOH A O   1 
HETATM 1442 O O   . HOH C 3 .   ? -0.255  -12.956 -7.085  1.00 20.19 ? 349 HOH A O   1 
HETATM 1443 O O   . HOH C 3 .   ? -2.419  1.470   -5.373  1.00 18.85 ? 350 HOH A O   1 
HETATM 1444 O O   . HOH C 3 .   ? -11.920 -16.777 1.185   1.00 24.58 ? 351 HOH A O   1 
HETATM 1445 O O   . HOH C 3 .   ? -0.091  23.113  -9.118  1.00 38.71 ? 352 HOH A O   1 
HETATM 1446 O O   . HOH C 3 .   ? -17.767 2.312   1.486   1.00 23.96 ? 353 HOH A O   1 
HETATM 1447 O O   . HOH C 3 .   ? 4.690   -1.389  16.895  1.00 27.50 ? 354 HOH A O   1 
HETATM 1448 O O   . HOH C 3 .   ? -12.587 15.290  -14.545 1.00 21.51 ? 355 HOH A O   1 
HETATM 1449 O O   . HOH C 3 .   ? -1.878  -0.301  -10.197 1.00 19.80 ? 356 HOH A O   1 
HETATM 1450 O O   . HOH C 3 .   ? -13.687 6.824   -12.191 1.00 22.54 ? 357 HOH A O   1 
HETATM 1451 O O   . HOH C 3 .   ? -17.872 1.369   -1.093  1.00 23.34 ? 358 HOH A O   1 
HETATM 1452 O O   . HOH C 3 .   ? -5.683  21.670  -6.743  1.00 20.92 ? 359 HOH A O   1 
HETATM 1453 O O   . HOH C 3 .   ? -10.718 4.422   -10.993 1.00 25.01 ? 360 HOH A O   1 
HETATM 1454 O O   . HOH C 3 .   ? 7.790   -15.122 10.500  1.00 16.72 ? 361 HOH A O   1 
HETATM 1455 O O   . HOH C 3 .   ? 12.654  -10.201 8.386   1.00 21.18 ? 362 HOH A O   1 
HETATM 1456 O O   . HOH C 3 .   ? -4.631  -8.000  15.231  1.00 23.13 ? 363 HOH A O   1 
HETATM 1457 O O   . HOH C 3 .   ? -8.043  -10.826 -8.470  1.00 20.44 ? 364 HOH A O   1 
HETATM 1458 O O   . HOH C 3 .   ? -0.950  -18.186 3.201   1.00 18.95 ? 365 HOH A O   1 
HETATM 1459 O O   . HOH C 3 .   ? -1.754  12.805  -14.920 1.00 24.80 ? 366 HOH A O   1 
HETATM 1460 O O   . HOH C 3 .   ? 5.658   5.920   -2.868  1.00 18.00 ? 367 HOH A O   1 
HETATM 1461 O O   . HOH C 3 .   ? -16.566 17.459  -10.083 1.00 22.41 ? 368 HOH A O   1 
HETATM 1462 O O   . HOH C 3 .   ? -2.532  17.356  1.044   1.00 24.16 ? 369 HOH A O   1 
HETATM 1463 O O   . HOH C 3 .   ? -5.198  4.682   -7.974  1.00 24.36 ? 370 HOH A O   1 
HETATM 1464 O O   . HOH C 3 .   ? -0.408  -18.972 -9.028  1.00 24.63 ? 371 HOH A O   1 
HETATM 1465 O O   . HOH C 3 .   ? -5.906  0.064   11.794  1.00 23.23 ? 372 HOH A O   1 
HETATM 1466 O O   . HOH C 3 .   ? 8.798   1.126   6.129   1.00 20.53 ? 373 HOH A O   1 
HETATM 1467 O O   . HOH C 3 .   ? 9.967   0.223   -8.869  1.00 28.68 ? 374 HOH A O   1 
HETATM 1468 O O   . HOH C 3 .   ? 11.575  -2.383  4.019   1.00 30.24 ? 375 HOH A O   1 
HETATM 1469 O O   . HOH C 3 .   ? 1.061   17.037  1.867   1.00 26.82 ? 376 HOH A O   1 
HETATM 1470 O O   . HOH C 3 .   ? 1.267   -0.608  -9.748  1.00 24.40 ? 377 HOH A O   1 
HETATM 1471 O O   . HOH C 3 .   ? -1.718  7.102   14.113  1.00 26.09 ? 378 HOH A O   1 
HETATM 1472 O O   . HOH C 3 .   ? -12.478 20.410  -1.492  1.00 22.26 ? 379 HOH A O   1 
HETATM 1473 O O   . HOH C 3 .   ? -5.162  -19.564 0.171   1.00 28.34 ? 380 HOH A O   1 
HETATM 1474 O O   . HOH C 3 .   ? -6.330  -7.739  11.472  1.00 29.95 ? 381 HOH A O   1 
HETATM 1475 O O   . HOH C 3 .   ? 18.767  4.092   -0.311  1.00 36.12 ? 382 HOH A O   1 
HETATM 1476 O O   . HOH C 3 .   ? 12.659  0.160   -8.819  1.00 25.33 ? 383 HOH A O   1 
HETATM 1477 O O   . HOH C 3 .   ? -11.118 -9.768  6.551   1.00 21.33 ? 384 HOH A O   1 
HETATM 1478 O O   . HOH C 3 .   ? 15.422  -13.167 6.588   1.00 30.13 ? 385 HOH A O   1 
HETATM 1479 O O   . HOH C 3 .   ? 1.973   -1.115  -13.169 1.00 22.77 ? 386 HOH A O   1 
HETATM 1480 O O   . HOH C 3 .   ? -7.627  0.198   15.804  1.00 24.98 ? 387 HOH A O   1 
HETATM 1481 O O   . HOH C 3 .   ? 10.426  4.836   -8.022  1.00 24.20 ? 388 HOH A O   1 
HETATM 1482 O O   . HOH C 3 .   ? -5.416  -18.774 4.348   1.00 20.55 ? 389 HOH A O   1 
HETATM 1483 O O   . HOH C 3 .   ? 5.136   8.094   -4.618  1.00 26.77 ? 390 HOH A O   1 
HETATM 1484 O O   . HOH C 3 .   ? 10.392  9.169   5.052   1.00 28.70 ? 391 HOH A O   1 
HETATM 1485 O O   . HOH C 3 .   ? -13.780 -0.746  3.581   1.00 28.99 ? 392 HOH A O   1 
HETATM 1486 O O   . HOH C 3 .   ? -3.936  -5.816  16.765  1.00 23.62 ? 393 HOH A O   1 
HETATM 1487 O O   . HOH C 3 .   ? 5.723   14.375  4.122   1.00 29.88 ? 394 HOH A O   1 
HETATM 1488 O O   . HOH C 3 .   ? 4.908   12.109  -13.212 1.00 23.67 ? 395 HOH A O   1 
HETATM 1489 O O   . HOH C 3 .   ? -16.091 -4.540  4.901   1.00 35.04 ? 396 HOH A O   1 
HETATM 1490 O O   . HOH C 3 .   ? -0.380  0.113   -8.160  1.00 24.94 ? 397 HOH A O   1 
HETATM 1491 O O   . HOH C 3 .   ? 12.248  5.302   2.125   1.00 31.34 ? 398 HOH A O   1 
HETATM 1492 O O   . HOH C 3 .   ? 8.232   -14.211 -6.426  1.00 24.33 ? 399 HOH A O   1 
HETATM 1493 O O   . HOH C 3 .   ? -2.503  -11.807 14.250  1.00 27.57 ? 400 HOH A O   1 
HETATM 1494 O O   . HOH C 3 .   ? -9.723  21.387  -4.030  1.00 23.84 ? 401 HOH A O   1 
HETATM 1495 O O   . HOH C 3 .   ? -12.422 -12.720 -6.349  1.00 23.04 ? 402 HOH A O   1 
HETATM 1496 O O   . HOH C 3 .   ? 4.275   16.390  -10.020 1.00 30.95 ? 403 HOH A O   1 
HETATM 1497 O O   . HOH C 3 .   ? -13.559 16.790  -9.995  1.00 25.83 ? 404 HOH A O   1 
HETATM 1498 O O   . HOH C 3 .   ? 2.977   0.976   16.847  1.00 23.03 ? 405 HOH A O   1 
HETATM 1499 O O   . HOH C 3 .   ? -15.739 -10.609 -2.754  1.00 29.40 ? 406 HOH A O   1 
HETATM 1500 O O   . HOH C 3 .   ? -10.446 23.421  -5.772  1.00 26.84 ? 407 HOH A O   1 
HETATM 1501 O O   . HOH C 3 .   ? 16.583  -2.050  0.327   1.00 28.48 ? 408 HOH A O   1 
HETATM 1502 O O   . HOH C 3 .   ? -5.175  19.475  -2.839  1.00 31.76 ? 409 HOH A O   1 
HETATM 1503 O O   . HOH C 3 .   ? 10.223  8.051   1.625   1.00 30.54 ? 410 HOH A O   1 
HETATM 1504 O O   . HOH C 3 .   ? -16.512 -0.615  -3.757  1.00 23.80 ? 411 HOH A O   1 
HETATM 1505 O O   . HOH C 3 .   ? 3.442   17.703  4.834   1.00 29.38 ? 412 HOH A O   1 
HETATM 1506 O O   . HOH C 3 .   ? 10.495  -16.324 0.585   1.00 28.18 ? 413 HOH A O   1 
HETATM 1507 O O   . HOH C 3 .   ? 7.230   -0.236  13.341  1.00 24.51 ? 414 HOH A O   1 
HETATM 1508 O O   . HOH C 3 .   ? 0.567   0.578   18.276  1.00 28.51 ? 415 HOH A O   1 
HETATM 1509 O O   . HOH C 3 .   ? -8.011  -14.959 8.359   1.00 26.36 ? 416 HOH A O   1 
HETATM 1510 O O   . HOH C 3 .   ? -11.677 14.139  7.305   1.00 25.32 ? 417 HOH A O   1 
HETATM 1511 O O   . HOH C 3 .   ? -14.558 -14.206 0.910   1.00 28.45 ? 418 HOH A O   1 
HETATM 1512 O O   . HOH C 3 .   ? 16.080  -5.122  -0.642  1.00 28.66 ? 419 HOH A O   1 
HETATM 1513 O O   . HOH C 3 .   ? -3.495  -16.633 -3.054  1.00 27.21 ? 420 HOH A O   1 
HETATM 1514 O O   . HOH C 3 .   ? -9.633  -12.800 -6.767  1.00 21.08 ? 421 HOH A O   1 
HETATM 1515 O O   . HOH C 3 .   ? 6.270   14.489  -9.763  1.00 24.94 ? 422 HOH A O   1 
HETATM 1516 O O   . HOH C 3 .   ? -5.580  1.594   14.176  1.00 25.39 ? 423 HOH A O   1 
HETATM 1517 O O   . HOH C 3 .   ? -2.848  19.654  -3.509  1.00 29.62 ? 424 HOH A O   1 
HETATM 1518 O O   . HOH C 3 .   ? 12.142  -4.392  5.264   1.00 29.70 ? 425 HOH A O   1 
HETATM 1519 O O   . HOH C 3 .   ? -5.353  18.409  -0.302  1.00 27.13 ? 426 HOH A O   1 
HETATM 1520 O O   . HOH C 3 .   ? -13.037 1.321   -13.364 1.00 33.61 ? 427 HOH A O   1 
HETATM 1521 O O   . HOH C 3 .   ? -14.253 8.735   -13.633 1.00 30.69 ? 428 HOH A O   1 
HETATM 1522 O O   . HOH C 3 .   ? 19.546  -1.650  5.820   1.00 32.18 ? 429 HOH A O   1 
HETATM 1523 O O   . HOH C 3 .   ? -0.102  18.946  -1.929  1.00 31.92 ? 430 HOH A O   1 
HETATM 1524 O O   . HOH C 3 .   ? 16.185  -8.471  1.882   1.00 28.07 ? 431 HOH A O   1 
HETATM 1525 O O   . HOH C 3 .   ? 15.368  -11.346 3.241   1.00 30.53 ? 432 HOH A O   1 
HETATM 1526 O O   . HOH C 3 .   ? -8.759  14.299  10.483  1.00 30.11 ? 433 HOH A O   1 
HETATM 1527 O O   . HOH C 3 .   ? -7.998  -13.428 -8.461  1.00 23.10 ? 434 HOH A O   1 
HETATM 1528 O O   . HOH C 3 .   ? 1.868   22.507  -8.450  1.00 26.29 ? 435 HOH A O   1 
HETATM 1529 O O   . HOH C 3 .   ? 15.709  -5.632  -4.073  1.00 28.72 ? 436 HOH A O   1 
HETATM 1530 O O   . HOH C 3 .   ? -12.676 -13.970 -3.534  1.00 27.02 ? 437 HOH A O   1 
HETATM 1531 O O   . HOH C 3 .   ? -13.877 -4.546  6.467   1.00 28.76 ? 438 HOH A O   1 
HETATM 1532 O O   . HOH C 3 .   ? 9.719   -1.619  13.318  1.00 28.70 ? 439 HOH A O   1 
HETATM 1533 O O   . HOH C 3 .   ? 3.225   6.686   -5.574  1.00 30.54 ? 440 HOH A O   1 
HETATM 1534 O O   . HOH C 3 .   ? -15.001 14.903  -16.046 1.00 30.84 ? 441 HOH A O   1 
HETATM 1535 O O   . HOH C 3 .   ? 4.039   15.735  -15.955 1.00 33.91 ? 442 HOH A O   1 
HETATM 1536 O O   . HOH C 3 .   ? 2.273   18.406  -10.210 1.00 26.32 ? 443 HOH A O   1 
HETATM 1537 O O   . HOH C 3 .   ? -21.459 9.284   6.854   1.00 26.32 ? 444 HOH A O   1 
HETATM 1538 O O   . HOH C 3 .   ? -16.141 1.288   3.192   1.00 32.41 ? 445 HOH A O   1 
HETATM 1539 O O   . HOH C 3 .   ? -16.311 -8.487  -14.820 1.00 31.94 ? 446 HOH A O   1 
HETATM 1540 O O   . HOH C 3 .   ? -3.062  21.420  -5.965  1.00 28.01 ? 447 HOH A O   1 
HETATM 1541 O O   . HOH C 3 .   ? -4.204  -0.974  -9.110  1.00 16.60 ? 448 HOH A O   1 
HETATM 1542 O O   . HOH C 3 .   ? -5.593  0.801   -10.862 1.00 23.11 ? 449 HOH A O   1 
HETATM 1543 O O   . HOH C 3 .   ? -13.572 5.608   7.229   1.00 30.09 ? 450 HOH A O   1 
HETATM 1544 O O   . HOH C 3 .   ? -12.992 22.958  -6.804  1.00 29.02 ? 451 HOH A O   1 
HETATM 1545 O O   . HOH C 3 .   ? -14.542 19.094  -8.112  1.00 25.24 ? 452 HOH A O   1 
HETATM 1546 O O   . HOH C 3 .   ? 16.077  -12.392 8.962   1.00 27.49 ? 453 HOH A O   1 
HETATM 1547 O O   . HOH C 3 .   ? -10.312 11.747  -13.855 1.00 20.16 ? 454 HOH A O   1 
HETATM 1548 O O   . HOH C 3 .   ? -3.114  -19.898 3.903   1.00 25.91 ? 455 HOH A O   1 
HETATM 1549 O O   . HOH C 3 .   ? 18.530  -11.381 9.383   1.00 32.59 ? 456 HOH A O   1 
HETATM 1550 O O   . HOH C 3 .   ? -5.574  24.435  -6.984  1.00 23.26 ? 457 HOH A O   1 
HETATM 1551 O O   . HOH C 3 .   ? -6.982  20.678  -4.435  1.00 24.64 ? 458 HOH A O   1 
HETATM 1552 O O   . HOH C 3 .   ? -1.572  -8.684  18.567  1.00 27.72 ? 459 HOH A O   1 
HETATM 1553 O O   . HOH C 3 .   ? -19.371 12.713  6.105   1.00 29.51 ? 460 HOH A O   1 
HETATM 1554 O O   . HOH C 3 .   ? -9.373  -0.240  8.183   1.00 24.14 ? 461 HOH A O   1 
HETATM 1555 O O   . HOH C 3 .   ? 5.110   15.561  1.656   1.00 31.31 ? 462 HOH A O   1 
HETATM 1556 O O   . HOH C 3 .   ? -16.242 -9.604  -5.742  1.00 28.48 ? 463 HOH A O   1 
HETATM 1557 O O   . HOH C 3 .   ? -7.703  -0.904  10.058  1.00 27.78 ? 464 HOH A O   1 
HETATM 1558 O O   . HOH C 3 .   ? -3.612  10.194  -12.949 1.00 26.61 ? 465 HOH A O   1 
HETATM 1559 O O   . HOH C 3 .   ? -13.652 20.135  -5.630  1.00 28.82 ? 466 HOH A O   1 
HETATM 1560 O O   . HOH C 3 .   ? 7.398   9.081   -2.828  1.00 27.39 ? 467 HOH A O   1 
HETATM 1561 O O   . HOH C 3 .   ? -4.734  5.468   -10.567 1.00 34.42 ? 468 HOH A O   1 
HETATM 1562 O O   . HOH C 3 .   ? -11.634 -7.633  7.670   1.00 33.41 ? 469 HOH A O   1 
HETATM 1563 O O   . HOH C 3 .   ? 2.804   13.565  9.364   1.00 32.26 ? 470 HOH A O   1 
HETATM 1564 O O   . HOH C 3 .   ? 6.707   6.287   -9.444  1.00 29.65 ? 471 HOH A O   1 
HETATM 1565 O O   . HOH C 3 .   ? -10.923 15.134  -16.360 1.00 35.35 ? 472 HOH A O   1 
HETATM 1566 O O   . HOH C 3 .   ? -7.673  7.739   -12.999 1.00 30.74 ? 473 HOH A O   1 
HETATM 1567 O O   . HOH C 3 .   ? 17.596  4.880   -3.037  1.00 33.23 ? 474 HOH A O   1 
HETATM 1568 O O   . HOH C 3 .   ? -2.714  -18.347 -1.084  1.00 33.80 ? 475 HOH A O   1 
HETATM 1569 O O   . HOH C 3 .   ? 8.675   2.789   8.799   1.00 30.97 ? 476 HOH A O   1 
HETATM 1570 O O   . HOH C 3 .   ? -1.737  10.291  12.893  1.00 35.86 ? 477 HOH A O   1 
HETATM 1571 O O   . HOH C 3 .   ? 8.284   -11.853 -11.526 1.00 33.73 ? 478 HOH A O   1 
HETATM 1572 O O   . HOH C 3 .   ? 2.167   8.435   14.321  1.00 32.40 ? 479 HOH A O   1 
HETATM 1573 O O   . HOH C 3 .   ? -12.721 10.785  -15.075 1.00 29.58 ? 480 HOH A O   1 
HETATM 1574 O O   . HOH C 3 .   ? -6.074  10.360  -14.400 1.00 34.51 ? 481 HOH A O   1 
HETATM 1575 O O   . HOH C 3 .   ? -10.262 6.150   12.380  1.00 31.13 ? 482 HOH A O   1 
HETATM 1576 O O   . HOH C 3 .   ? -9.427  -6.041  9.279   1.00 30.10 ? 483 HOH A O   1 
HETATM 1577 O O   . HOH C 3 .   ? 0.225   -21.875 -8.701  1.00 33.42 ? 484 HOH A O   1 
HETATM 1578 O O   . HOH C 3 .   ? -8.698  -19.872 -3.392  1.00 32.41 ? 485 HOH A O   1 
HETATM 1579 O O   . HOH C 3 .   ? -12.674 -0.934  -15.327 1.00 31.27 ? 486 HOH A O   1 
HETATM 1580 O O   . HOH C 3 .   ? -20.038 3.318   2.234   1.00 33.17 ? 487 HOH A O   1 
HETATM 1581 O O   . HOH C 3 .   ? 8.058   4.977   9.526   1.00 32.20 ? 488 HOH A O   1 
HETATM 1582 O O   . HOH C 3 .   ? 18.198  2.646   2.534   1.00 39.26 ? 489 HOH A O   1 
HETATM 1583 O O   . HOH C 3 .   ? -1.736  2.032   -11.847 1.00 30.69 ? 490 HOH A O   1 
HETATM 1584 O O   . HOH C 3 .   ? -11.657 -16.017 5.211   1.00 33.23 ? 491 HOH A O   1 
HETATM 1585 O O   . HOH C 3 .   ? 14.822  3.986   3.556   1.00 37.01 ? 492 HOH A O   1 
HETATM 1586 O O   . HOH C 3 .   ? -8.414  -4.065  11.492  1.00 30.23 ? 493 HOH A O   1 
HETATM 1587 O O   . HOH C 3 .   ? -6.262  14.430  11.510  1.00 33.73 ? 494 HOH A O   1 
HETATM 1588 O O   . HOH C 3 .   ? -15.440 -4.002  -13.594 1.00 33.37 ? 495 HOH A O   1 
HETATM 1589 O O   . HOH C 3 .   ? -1.299  5.029   -8.295  1.00 32.98 ? 496 HOH A O   1 
HETATM 1590 O O   . HOH C 3 .   ? -4.737  -11.992 12.688  1.00 31.27 ? 497 HOH A O   1 
HETATM 1591 O O   . HOH C 3 .   ? 10.006  -12.287 -7.228  1.00 35.60 ? 498 HOH A O   1 
HETATM 1592 O O   . HOH C 3 .   ? -5.201  -22.090 1.174   1.00 34.24 ? 499 HOH A O   1 
HETATM 1593 O O   . HOH C 3 .   ? -8.453  5.590   -11.928 1.00 35.25 ? 500 HOH A O   1 
HETATM 1594 O O   . HOH C 3 .   ? 11.439  4.098   6.028   1.00 34.78 ? 501 HOH A O   1 
HETATM 1595 O O   . HOH C 3 .   ? 0.199   3.010   -10.092 1.00 37.80 ? 502 HOH A O   1 
HETATM 1596 O O   . HOH C 3 .   ? 9.778   8.788   -1.975  1.00 32.61 ? 503 HOH A O   1 
HETATM 1597 O O   . HOH C 3 .   ? 4.828   4.991   -9.634  1.00 35.96 ? 504 HOH A O   1 
HETATM 1598 O O   . HOH C 3 .   ? -18.558 -10.194 -15.432 1.00 40.96 ? 505 HOH A O   1 
HETATM 1599 O O   . HOH C 3 .   ? -17.320 -2.289  -7.835  1.00 31.34 ? 506 HOH A O   1 
HETATM 1600 O O   . HOH C 3 .   ? -11.467 -18.433 -1.222  1.00 36.39 ? 507 HOH A O   1 
HETATM 1601 O O   . HOH C 3 .   ? 5.299   -2.151  12.804  1.00 15.26 ? 508 HOH A O   1 
HETATM 1602 O O   . HOH C 3 .   ? -15.909 -11.592 3.794   1.00 29.42 ? 509 HOH A O   1 
HETATM 1603 O O   . HOH C 3 .   ? 15.372  -7.608  4.745   1.00 30.88 ? 510 HOH A O   1 
HETATM 1604 O O   . HOH C 3 .   ? -5.309  18.558  4.042   1.00 25.67 ? 511 HOH A O   1 
HETATM 1605 O O   . HOH C 3 .   ? 6.068   -20.160 3.270   1.00 24.61 ? 512 HOH A O   1 
HETATM 1606 O O   . HOH C 3 .   ? -2.832  3.448   -7.288  1.00 31.37 ? 513 HOH A O   1 
HETATM 1607 O O   . HOH C 3 .   ? 6.792   10.372  -12.012 1.00 29.67 ? 514 HOH A O   1 
HETATM 1608 O O   . HOH C 3 .   ? 2.428   20.239  -8.327  1.00 37.94 ? 515 HOH A O   1 
HETATM 1609 O O   . HOH C 3 .   ? -16.148 3.105   5.694   1.00 36.58 ? 516 HOH A O   1 
HETATM 1610 O O   . HOH C 3 .   ? 2.940   5.409   -7.724  1.00 31.51 ? 517 HOH A O   1 
HETATM 1611 O O   . HOH C 3 .   ? -11.909 10.433  14.891  1.00 32.86 ? 518 HOH A O   1 
HETATM 1612 O O   . HOH C 3 .   ? -11.400 -17.413 7.991   1.00 42.55 ? 519 HOH A O   1 
HETATM 1613 O O   . HOH C 3 .   ? 11.899  -11.578 -4.396  1.00 29.33 ? 520 HOH A O   1 
HETATM 1614 O O   . HOH C 3 .   ? -10.688 21.709  -0.776  1.00 35.95 ? 521 HOH A O   1 
HETATM 1615 O O   . HOH C 3 .   ? -5.605  17.320  6.837   1.00 31.14 ? 522 HOH A O   1 
HETATM 1616 O O   . HOH C 3 .   ? 4.177   11.869  11.922  1.00 38.65 ? 523 HOH A O   1 
HETATM 1617 O O   . HOH C 3 .   ? 20.743  5.491   -0.209  1.00 37.35 ? 524 HOH A O   1 
HETATM 1618 O O   . HOH C 3 .   ? -8.667  0.733   11.190  1.00 33.03 ? 525 HOH A O   1 
HETATM 1619 O O   . HOH C 3 .   ? -3.738  -8.623  19.996  1.00 34.11 ? 526 HOH A O   1 
HETATM 1620 O O   . HOH C 3 .   ? -7.984  3.403   -10.836 1.00 35.21 ? 527 HOH A O   1 
HETATM 1621 O O   . HOH C 3 .   ? 0.288   1.855   -13.491 1.00 34.71 ? 528 HOH A O   1 
HETATM 1622 O O   . HOH C 3 .   ? 0.643   6.437   -8.566  1.00 34.92 ? 529 HOH A O   1 
HETATM 1623 O O   . HOH C 3 .   ? -5.766  -10.206 11.866  1.00 31.70 ? 530 HOH A O   1 
HETATM 1624 O O   . HOH C 3 .   ? 3.418   -17.667 7.319   1.00 29.54 ? 531 HOH A O   1 
HETATM 1625 O O   . HOH C 3 .   ? -0.508  19.093  3.501   1.00 33.88 ? 532 HOH A O   1 
HETATM 1626 O O   . HOH C 3 .   ? 4.533   5.026   14.455  1.00 35.26 ? 533 HOH A O   1 
HETATM 1627 O O   . HOH C 3 .   ? -15.798 5.824   -13.750 1.00 34.40 ? 534 HOH A O   1 
HETATM 1628 O O   . HOH C 3 .   ? -2.940  -18.453 10.275  1.00 37.26 ? 535 HOH A O   1 
HETATM 1629 O O   . HOH C 3 .   ? -8.450  -7.764  18.080  1.00 39.04 ? 536 HOH A O   1 
HETATM 1630 O O   . HOH C 3 .   ? 5.275   2.854   14.644  1.00 31.35 ? 537 HOH A O   1 
HETATM 1631 O O   . HOH C 3 .   ? -10.049 2.405   11.937  1.00 33.46 ? 538 HOH A O   1 
HETATM 1632 O O   . HOH C 3 .   ? -7.501  -17.539 8.392   1.00 34.18 ? 539 HOH A O   1 
HETATM 1633 O O   . HOH C 3 .   ? -15.445 -2.335  -11.477 1.00 33.12 ? 540 HOH A O   1 
HETATM 1634 O O   . HOH C 3 .   ? -0.082  15.806  10.752  1.00 35.65 ? 541 HOH A O   1 
HETATM 1635 O O   . HOH C 3 .   ? -0.469  -13.007 13.413  1.00 21.13 ? 542 HOH A O   1 
HETATM 1636 O O   . HOH C 3 .   ? 1.180   -19.499 4.281   1.00 30.02 ? 543 HOH A O   1 
HETATM 1637 O O   . HOH C 3 .   ? -14.389 3.878   -14.819 1.00 35.46 ? 544 HOH A O   1 
HETATM 1638 O O   . HOH C 3 .   ? 10.763  11.522  8.769   1.00 34.97 ? 545 HOH A O   1 
HETATM 1639 O O   . HOH C 3 .   ? -16.099 -3.953  -15.861 1.00 31.82 ? 546 HOH A O   1 
HETATM 1640 O O   . HOH C 3 .   ? -22.266 4.479   2.007   1.00 33.17 ? 547 HOH A O   1 
HETATM 1641 O O   . HOH C 3 .   ? -7.922  12.518  -15.627 1.00 34.78 ? 548 HOH A O   1 
HETATM 1642 O O   . HOH C 3 .   ? -8.405  -14.154 10.740  1.00 39.50 ? 549 HOH A O   1 
HETATM 1643 O O   . HOH C 3 .   ? -7.651  -20.419 5.005   1.00 32.31 ? 550 HOH A O   1 
HETATM 1644 O O   . HOH C 3 .   ? 16.599  1.377   -5.923  1.00 34.25 ? 551 HOH A O   1 
HETATM 1645 O O   . HOH C 3 .   ? 13.692  -15.682 1.542   1.00 33.60 ? 552 HOH A O   1 
HETATM 1646 O O   . HOH C 3 .   ? -9.776  -3.250  13.734  1.00 37.07 ? 553 HOH A O   1 
HETATM 1647 O O   . HOH C 3 .   ? -15.173 -12.776 -2.724  1.00 34.95 ? 554 HOH A O   1 
HETATM 1648 O O   . HOH C 3 .   ? -17.140 0.149   -9.063  1.00 32.27 ? 555 HOH A O   1 
HETATM 1649 O O   . HOH C 3 .   ? 14.085  -15.076 -0.873  1.00 39.63 ? 556 HOH A O   1 
HETATM 1650 O O   . HOH C 3 .   ? 8.254   2.965   -17.640 1.00 38.11 ? 557 HOH A O   1 
HETATM 1651 O O   . HOH C 3 .   ? 3.686   5.515   16.983  1.00 37.86 ? 558 HOH A O   1 
HETATM 1652 O O   . HOH C 3 .   ? -10.514 -3.974  9.804   1.00 30.95 ? 559 HOH A O   1 
HETATM 1653 O O   . HOH C 3 .   ? -2.425  17.915  8.084   1.00 37.77 ? 560 HOH A O   1 
HETATM 1654 O O   . HOH C 3 .   ? -5.780  -6.701  18.800  1.00 35.48 ? 561 HOH A O   1 
HETATM 1655 O O   . HOH C 3 .   ? 11.145  -10.805 -10.783 1.00 39.91 ? 562 HOH A O   1 
HETATM 1656 O O   . HOH C 3 .   ? -2.421  -19.300 6.906   1.00 35.47 ? 563 HOH A O   1 
HETATM 1657 O O   . HOH C 3 .   ? -5.062  -17.685 6.943   1.00 32.12 ? 564 HOH A O   1 
HETATM 1658 O O   . HOH C 3 .   ? -12.131 3.364   8.298   1.00 29.41 ? 565 HOH A O   1 
HETATM 1659 O O   . HOH C 3 .   ? -2.042  -3.990  19.642  1.00 34.24 ? 566 HOH A O   1 
HETATM 1660 O O   . HOH C 3 .   ? 7.713   1.920   12.888  1.00 29.46 ? 567 HOH A O   1 
# 
loop_
_pdbx_poly_seq_scheme.asym_id 
_pdbx_poly_seq_scheme.entity_id 
_pdbx_poly_seq_scheme.seq_id 
_pdbx_poly_seq_scheme.mon_id 
_pdbx_poly_seq_scheme.ndb_seq_num 
_pdbx_poly_seq_scheme.pdb_seq_num 
_pdbx_poly_seq_scheme.auth_seq_num 
_pdbx_poly_seq_scheme.pdb_mon_id 
_pdbx_poly_seq_scheme.auth_mon_id 
_pdbx_poly_seq_scheme.pdb_strand_id 
_pdbx_poly_seq_scheme.pdb_ins_code 
_pdbx_poly_seq_scheme.hetero 
A 1 1   MET 1   -20 ?   ?   ?   A . n 
A 1 2   GLY 2   -19 ?   ?   ?   A . n 
A 1 3   SER 3   -18 ?   ?   ?   A . n 
A 1 4   SER 4   -17 ?   ?   ?   A . n 
A 1 5   HIS 5   -16 ?   ?   ?   A . n 
A 1 6   HIS 6   -15 ?   ?   ?   A . n 
A 1 7   HIS 7   -14 ?   ?   ?   A . n 
A 1 8   HIS 8   -13 ?   ?   ?   A . n 
A 1 9   HIS 9   -12 ?   ?   ?   A . n 
A 1 10  HIS 10  -11 ?   ?   ?   A . n 
A 1 11  SER 11  -10 ?   ?   ?   A . n 
A 1 12  SER 12  -9  ?   ?   ?   A . n 
A 1 13  GLY 13  -8  ?   ?   ?   A . n 
A 1 14  LEU 14  -7  ?   ?   ?   A . n 
A 1 15  VAL 15  -6  ?   ?   ?   A . n 
A 1 16  PRO 16  -5  ?   ?   ?   A . n 
A 1 17  ARG 17  -4  ?   ?   ?   A . n 
A 1 18  GLY 18  -3  ?   ?   ?   A . n 
A 1 19  SER 19  -2  ?   ?   ?   A . n 
A 1 20  HIS 20  -1  ?   ?   ?   A . n 
A 1 21  MET 21  0   ?   ?   ?   A . n 
A 1 22  PRO 22  1   ?   ?   ?   A . n 
A 1 23  GLU 23  2   ?   ?   ?   A . n 
A 1 24  LYS 24  3   3   LYS LYS A . n 
A 1 25  PRO 25  4   4   PRO PRO A . n 
A 1 26  LYS 26  5   5   LYS LYS A . n 
A 1 27  PRO 27  6   6   PRO PRO A . n 
A 1 28  SER 28  7   7   SER SER A . n 
A 1 29  ALA 29  8   8   ALA ALA A . n 
A 1 30  ILE 30  9   9   ILE ILE A . n 
A 1 31  ASP 31  10  10  ASP ASP A . n 
A 1 32  PHE 32  11  11  PHE PHE A . n 
A 1 33  ARG 33  12  12  ARG ARG A . n 
A 1 34  VAL 34  13  13  VAL VAL A . n 
A 1 35  GLY 35  14  14  GLY GLY A . n 
A 1 36  PHE 36  15  15  PHE PHE A . n 
A 1 37  ILE 37  16  16  ILE ILE A . n 
A 1 38  GLN 38  17  17  GLN GLN A . n 
A 1 39  LYS 39  18  18  LYS LYS A . n 
A 1 40  ALA 40  19  19  ALA ALA A . n 
A 1 41  ILE 41  20  20  ILE ILE A . n 
A 1 42  LYS 42  21  21  LYS LYS A . n 
A 1 43  HIS 43  22  22  HIS HIS A . n 
A 1 44  PRO 44  23  23  PRO PRO A . n 
A 1 45  ASP 45  24  24  ASP ASP A . n 
A 1 46  ALA 46  25  25  ALA ALA A . n 
A 1 47  ASP 47  26  26  ASP ASP A . n 
A 1 48  SER 48  27  27  SER SER A . n 
A 1 49  LEU 49  28  28  LEU LEU A . n 
A 1 50  TYR 50  29  29  TYR TYR A . n 
A 1 51  VAL 51  30  30  VAL VAL A . n 
A 1 52  SER 52  31  31  SER SER A . n 
A 1 53  THR 53  32  32  THR THR A . n 
A 1 54  ILE 54  33  33  ILE ILE A . n 
A 1 55  ASP 55  34  34  ASP ASP A . n 
A 1 56  VAL 56  35  35  VAL VAL A . n 
A 1 57  GLY 57  36  36  GLY GLY A . n 
A 1 58  ASP 58  37  37  ASP ASP A . n 
A 1 59  GLU 59  38  38  GLU GLU A . n 
A 1 60  GLU 60  39  39  GLU GLU A . n 
A 1 61  GLY 61  40  40  GLY GLY A . n 
A 1 62  PRO 62  41  41  PRO PRO A . n 
A 1 63  ARG 63  42  42  ARG ARG A . n 
A 1 64  THR 64  43  43  THR THR A . n 
A 1 65  VAL 65  44  44  VAL VAL A . n 
A 1 66  CYS 66  45  45  CYS CYS A . n 
A 1 67  SER 67  46  46  SER SER A . n 
A 1 68  GLY 68  47  47  GLY GLY A . n 
A 1 69  LEU 69  48  48  LEU LEU A . n 
A 1 70  VAL 70  49  49  VAL VAL A . n 
A 1 71  LYS 71  50  50  LYS LYS A . n 
A 1 72  HIS 72  51  51  HIS HIS A . n 
A 1 73  PHE 73  52  52  PHE PHE A . n 
A 1 74  PRO 74  53  53  PRO PRO A . n 
A 1 75  LEU 75  54  54  LEU LEU A . n 
A 1 76  ASP 76  55  55  ASP ASP A . n 
A 1 77  ALA 77  56  56  ALA ALA A . n 
A 1 78  MET 78  57  57  MET MET A . n 
A 1 79  GLN 79  58  58  GLN GLN A . n 
A 1 80  GLU 80  59  59  GLU GLU A . n 
A 1 81  ARG 81  60  60  ARG ARG A . n 
A 1 82  TYR 82  61  61  TYR TYR A . n 
A 1 83  VAL 83  62  62  VAL VAL A . n 
A 1 84  VAL 84  63  63  VAL VAL A . n 
A 1 85  VAL 85  64  64  VAL VAL A . n 
A 1 86  VAL 86  65  65  VAL VAL A . n 
A 1 87  CYS 87  66  66  CYS CYS A . n 
A 1 88  ASN 88  67  67  ASN ASN A . n 
A 1 89  LEU 89  68  68  LEU LEU A . n 
A 1 90  LYS 90  69  69  LYS LYS A . n 
A 1 91  PRO 91  70  70  PRO PRO A . n 
A 1 92  VAL 92  71  71  VAL VAL A . n 
A 1 93  ASN 93  72  72  ASN ASN A . n 
A 1 94  MET 94  73  73  MET MET A . n 
A 1 95  ARG 95  74  74  ARG ARG A . n 
A 1 96  GLY 96  75  75  GLY GLY A . n 
A 1 97  ILE 97  76  76  ILE ILE A . n 
A 1 98  LYS 98  77  77  LYS LYS A . n 
A 1 99  SER 99  78  78  SER SER A . n 
A 1 100 THR 100 79  79  THR THR A . n 
A 1 101 ALA 101 80  80  ALA ALA A . n 
A 1 102 MET 102 81  81  MET MET A . n 
A 1 103 VAL 103 82  82  VAL VAL A . n 
A 1 104 LEU 104 83  83  LEU LEU A . n 
A 1 105 CYS 105 84  84  CYS CYS A . n 
A 1 106 GLY 106 85  85  GLY GLY A . n 
A 1 107 SER 107 86  86  SER SER A . n 
A 1 108 ASN 108 87  87  ASN ASN A . n 
A 1 109 ASP 109 88  88  ASP ASP A . n 
A 1 110 ASP 110 89  89  ASP ASP A . n 
A 1 111 LYS 111 90  90  LYS LYS A . n 
A 1 112 VAL 112 91  91  VAL VAL A . n 
A 1 113 GLU 113 92  92  GLU GLU A . n 
A 1 114 PHE 114 93  93  PHE PHE A . n 
A 1 115 VAL 115 94  94  VAL VAL A . n 
A 1 116 GLU 116 95  95  GLU GLU A . n 
A 1 117 PRO 117 96  96  PRO PRO A . n 
A 1 118 PRO 118 97  97  PRO PRO A . n 
A 1 119 LYS 119 98  98  LYS LYS A . n 
A 1 120 ASP 120 99  99  ASP ASP A . n 
A 1 121 SER 121 100 100 SER SER A . n 
A 1 122 LYS 122 101 101 LYS LYS A . n 
A 1 123 ALA 123 102 102 ALA ALA A . n 
A 1 124 GLY 124 103 103 GLY GLY A . n 
A 1 125 ASP 125 104 104 ASP ASP A . n 
A 1 126 LYS 126 105 105 LYS LYS A . n 
A 1 127 VAL 127 106 106 VAL VAL A . n 
A 1 128 PHE 128 107 107 PHE PHE A . n 
A 1 129 PHE 129 108 108 PHE PHE A . n 
A 1 130 GLU 130 109 109 GLU GLU A . n 
A 1 131 GLY 131 110 110 GLY GLY A . n 
A 1 132 PHE 132 111 111 PHE PHE A . n 
A 1 133 GLY 133 112 112 GLY GLY A . n 
A 1 134 ASP 134 113 113 ASP ASP A . n 
A 1 135 GLU 135 114 114 GLU GLU A . n 
A 1 136 ALA 136 115 115 ALA ALA A . n 
A 1 137 PRO 137 116 116 PRO PRO A . n 
A 1 138 MET 138 117 117 MET MET A . n 
A 1 139 LYS 139 118 118 LYS LYS A . n 
A 1 140 GLN 140 119 119 GLN GLN A . n 
A 1 141 LEU 141 120 120 LEU LEU A . n 
A 1 142 ASN 142 121 121 ASN ASN A . n 
A 1 143 PRO 143 122 122 PRO PRO A . n 
A 1 144 LYS 144 123 123 LYS LYS A . n 
A 1 145 LYS 145 124 124 LYS LYS A . n 
A 1 146 LYS 146 125 125 LYS LYS A . n 
A 1 147 ILE 147 126 126 ILE ILE A . n 
A 1 148 TRP 148 127 127 TRP TRP A . n 
A 1 149 GLU 149 128 128 GLU GLU A . n 
A 1 150 HIS 150 129 129 HIS HIS A . n 
A 1 151 LEU 151 130 130 LEU LEU A . n 
A 1 152 GLN 152 131 131 GLN GLN A . n 
A 1 153 PRO 153 132 132 PRO PRO A . n 
A 1 154 HIS 154 133 133 HIS HIS A . n 
A 1 155 PHE 155 134 134 PHE PHE A . n 
A 1 156 THR 156 135 135 THR THR A . n 
A 1 157 THR 157 136 136 THR THR A . n 
A 1 158 ASN 158 137 137 ASN ASN A . n 
A 1 159 ASP 159 138 138 ASP ASP A . n 
A 1 160 GLY 160 139 139 GLY GLY A . n 
A 1 161 LEU 161 140 140 LEU LEU A . n 
A 1 162 GLU 162 141 141 GLU GLU A . n 
A 1 163 VAL 163 142 142 VAL VAL A . n 
A 1 164 ILE 164 143 143 ILE ILE A . n 
A 1 165 PHE 165 144 144 PHE PHE A . n 
A 1 166 LYS 166 145 145 LYS LYS A . n 
A 1 167 ASP 167 146 146 ASP ASP A . n 
A 1 168 GLU 168 147 147 GLU GLU A . n 
A 1 169 GLU 169 148 148 GLU GLU A . n 
A 1 170 GLU 170 149 149 GLU GLU A . n 
A 1 171 LYS 171 150 150 LYS LYS A . n 
A 1 172 ASP 172 151 151 ASP ASP A . n 
A 1 173 HIS 173 152 152 HIS HIS A . n 
A 1 174 PRO 174 153 153 PRO PRO A . n 
A 1 175 VAL 175 154 154 VAL VAL A . n 
A 1 176 ARG 176 155 155 ARG ARG A . n 
A 1 177 LYS 177 156 156 LYS LYS A . n 
A 1 178 LEU 178 157 157 LEU LEU A . n 
A 1 179 THR 179 158 158 THR THR A . n 
A 1 180 ASN 180 159 159 ASN ASN A . n 
A 1 181 ALA 181 160 160 ALA ALA A . n 
A 1 182 LYS 182 161 161 LYS LYS A . n 
A 1 183 GLY 183 162 162 GLY GLY A . n 
A 1 184 GLU 184 163 163 GLU GLU A . n 
A 1 185 ARG 185 164 164 ARG ARG A . n 
A 1 186 PHE 186 165 165 PHE PHE A . n 
A 1 187 LYS 187 166 166 LYS LYS A . n 
A 1 188 VAL 188 167 167 VAL VAL A . n 
A 1 189 ALA 189 168 168 ALA ALA A . n 
A 1 190 SER 190 169 169 SER SER A . n 
A 1 191 ILE 191 170 170 ILE ILE A . n 
A 1 192 ALA 192 171 171 ALA ALA A . n 
A 1 193 ASN 193 172 172 ASN ASN A . n 
A 1 194 ALA 194 173 173 ALA ALA A . n 
A 1 195 GLN 195 174 174 GLN GLN A . n 
A 1 196 VAL 196 175 175 VAL VAL A . n 
A 1 197 ARG 197 176 176 ARG ARG A . n 
# 
loop_
_pdbx_nonpoly_scheme.asym_id 
_pdbx_nonpoly_scheme.entity_id 
_pdbx_nonpoly_scheme.mon_id 
_pdbx_nonpoly_scheme.ndb_seq_num 
_pdbx_nonpoly_scheme.pdb_seq_num 
_pdbx_nonpoly_scheme.auth_seq_num 
_pdbx_nonpoly_scheme.pdb_mon_id 
_pdbx_nonpoly_scheme.auth_mon_id 
_pdbx_nonpoly_scheme.pdb_strand_id 
_pdbx_nonpoly_scheme.pdb_ins_code 
B 2 GOL 1   201 1   GOL GOL A . 
C 3 HOH 1   301 1   HOH HOH A . 
C 3 HOH 2   302 2   HOH HOH A . 
C 3 HOH 3   303 3   HOH HOH A . 
C 3 HOH 4   304 4   HOH HOH A . 
C 3 HOH 5   305 5   HOH HOH A . 
C 3 HOH 6   306 6   HOH HOH A . 
C 3 HOH 7   307 7   HOH HOH A . 
C 3 HOH 8   308 8   HOH HOH A . 
C 3 HOH 9   309 9   HOH HOH A . 
C 3 HOH 10  310 10  HOH HOH A . 
C 3 HOH 11  311 11  HOH HOH A . 
C 3 HOH 12  312 12  HOH HOH A . 
C 3 HOH 13  313 13  HOH HOH A . 
C 3 HOH 14  314 14  HOH HOH A . 
C 3 HOH 15  315 15  HOH HOH A . 
C 3 HOH 16  316 16  HOH HOH A . 
C 3 HOH 17  317 17  HOH HOH A . 
C 3 HOH 18  318 18  HOH HOH A . 
C 3 HOH 19  319 19  HOH HOH A . 
C 3 HOH 20  320 20  HOH HOH A . 
C 3 HOH 21  321 21  HOH HOH A . 
C 3 HOH 22  322 23  HOH HOH A . 
C 3 HOH 23  323 24  HOH HOH A . 
C 3 HOH 24  324 25  HOH HOH A . 
C 3 HOH 25  325 26  HOH HOH A . 
C 3 HOH 26  326 27  HOH HOH A . 
C 3 HOH 27  327 28  HOH HOH A . 
C 3 HOH 28  328 29  HOH HOH A . 
C 3 HOH 29  329 30  HOH HOH A . 
C 3 HOH 30  330 31  HOH HOH A . 
C 3 HOH 31  331 32  HOH HOH A . 
C 3 HOH 32  332 33  HOH HOH A . 
C 3 HOH 33  333 34  HOH HOH A . 
C 3 HOH 34  334 35  HOH HOH A . 
C 3 HOH 35  335 36  HOH HOH A . 
C 3 HOH 36  336 37  HOH HOH A . 
C 3 HOH 37  337 38  HOH HOH A . 
C 3 HOH 38  338 39  HOH HOH A . 
C 3 HOH 39  339 40  HOH HOH A . 
C 3 HOH 40  340 41  HOH HOH A . 
C 3 HOH 41  341 42  HOH HOH A . 
C 3 HOH 42  342 43  HOH HOH A . 
C 3 HOH 43  343 44  HOH HOH A . 
C 3 HOH 44  344 45  HOH HOH A . 
C 3 HOH 45  345 46  HOH HOH A . 
C 3 HOH 46  346 47  HOH HOH A . 
C 3 HOH 47  347 48  HOH HOH A . 
C 3 HOH 48  348 49  HOH HOH A . 
C 3 HOH 49  349 50  HOH HOH A . 
C 3 HOH 50  350 51  HOH HOH A . 
C 3 HOH 51  351 52  HOH HOH A . 
C 3 HOH 52  352 53  HOH HOH A . 
C 3 HOH 53  353 54  HOH HOH A . 
C 3 HOH 54  354 55  HOH HOH A . 
C 3 HOH 55  355 56  HOH HOH A . 
C 3 HOH 56  356 57  HOH HOH A . 
C 3 HOH 57  357 58  HOH HOH A . 
C 3 HOH 58  358 59  HOH HOH A . 
C 3 HOH 59  359 60  HOH HOH A . 
C 3 HOH 60  360 61  HOH HOH A . 
C 3 HOH 61  361 62  HOH HOH A . 
C 3 HOH 62  362 63  HOH HOH A . 
C 3 HOH 63  363 65  HOH HOH A . 
C 3 HOH 64  364 66  HOH HOH A . 
C 3 HOH 65  365 67  HOH HOH A . 
C 3 HOH 66  366 68  HOH HOH A . 
C 3 HOH 67  367 70  HOH HOH A . 
C 3 HOH 68  368 71  HOH HOH A . 
C 3 HOH 69  369 72  HOH HOH A . 
C 3 HOH 70  370 73  HOH HOH A . 
C 3 HOH 71  371 74  HOH HOH A . 
C 3 HOH 72  372 75  HOH HOH A . 
C 3 HOH 73  373 76  HOH HOH A . 
C 3 HOH 74  374 77  HOH HOH A . 
C 3 HOH 75  375 78  HOH HOH A . 
C 3 HOH 76  376 79  HOH HOH A . 
C 3 HOH 77  377 80  HOH HOH A . 
C 3 HOH 78  378 81  HOH HOH A . 
C 3 HOH 79  379 83  HOH HOH A . 
C 3 HOH 80  380 84  HOH HOH A . 
C 3 HOH 81  381 85  HOH HOH A . 
C 3 HOH 82  382 86  HOH HOH A . 
C 3 HOH 83  383 87  HOH HOH A . 
C 3 HOH 84  384 88  HOH HOH A . 
C 3 HOH 85  385 89  HOH HOH A . 
C 3 HOH 86  386 90  HOH HOH A . 
C 3 HOH 87  387 91  HOH HOH A . 
C 3 HOH 88  388 92  HOH HOH A . 
C 3 HOH 89  389 93  HOH HOH A . 
C 3 HOH 90  390 94  HOH HOH A . 
C 3 HOH 91  391 95  HOH HOH A . 
C 3 HOH 92  392 96  HOH HOH A . 
C 3 HOH 93  393 97  HOH HOH A . 
C 3 HOH 94  394 98  HOH HOH A . 
C 3 HOH 95  395 99  HOH HOH A . 
C 3 HOH 96  396 100 HOH HOH A . 
C 3 HOH 97  397 101 HOH HOH A . 
C 3 HOH 98  398 102 HOH HOH A . 
C 3 HOH 99  399 103 HOH HOH A . 
C 3 HOH 100 400 104 HOH HOH A . 
C 3 HOH 101 401 105 HOH HOH A . 
C 3 HOH 102 402 106 HOH HOH A . 
C 3 HOH 103 403 107 HOH HOH A . 
C 3 HOH 104 404 108 HOH HOH A . 
C 3 HOH 105 405 109 HOH HOH A . 
C 3 HOH 106 406 110 HOH HOH A . 
C 3 HOH 107 407 111 HOH HOH A . 
C 3 HOH 108 408 112 HOH HOH A . 
C 3 HOH 109 409 113 HOH HOH A . 
C 3 HOH 110 410 114 HOH HOH A . 
C 3 HOH 111 411 115 HOH HOH A . 
C 3 HOH 112 412 116 HOH HOH A . 
C 3 HOH 113 413 117 HOH HOH A . 
C 3 HOH 114 414 118 HOH HOH A . 
C 3 HOH 115 415 119 HOH HOH A . 
C 3 HOH 116 416 120 HOH HOH A . 
C 3 HOH 117 417 121 HOH HOH A . 
C 3 HOH 118 418 122 HOH HOH A . 
C 3 HOH 119 419 123 HOH HOH A . 
C 3 HOH 120 420 124 HOH HOH A . 
C 3 HOH 121 421 125 HOH HOH A . 
C 3 HOH 122 422 126 HOH HOH A . 
C 3 HOH 123 423 127 HOH HOH A . 
C 3 HOH 124 424 128 HOH HOH A . 
C 3 HOH 125 425 129 HOH HOH A . 
C 3 HOH 126 426 130 HOH HOH A . 
C 3 HOH 127 427 131 HOH HOH A . 
C 3 HOH 128 428 132 HOH HOH A . 
C 3 HOH 129 429 133 HOH HOH A . 
C 3 HOH 130 430 134 HOH HOH A . 
C 3 HOH 131 431 135 HOH HOH A . 
C 3 HOH 132 432 136 HOH HOH A . 
C 3 HOH 133 433 137 HOH HOH A . 
C 3 HOH 134 434 138 HOH HOH A . 
C 3 HOH 135 435 139 HOH HOH A . 
C 3 HOH 136 436 140 HOH HOH A . 
C 3 HOH 137 437 141 HOH HOH A . 
C 3 HOH 138 438 142 HOH HOH A . 
C 3 HOH 139 439 143 HOH HOH A . 
C 3 HOH 140 440 144 HOH HOH A . 
C 3 HOH 141 441 145 HOH HOH A . 
C 3 HOH 142 442 146 HOH HOH A . 
C 3 HOH 143 443 147 HOH HOH A . 
C 3 HOH 144 444 148 HOH HOH A . 
C 3 HOH 145 445 149 HOH HOH A . 
C 3 HOH 146 446 150 HOH HOH A . 
C 3 HOH 147 447 151 HOH HOH A . 
C 3 HOH 148 448 152 HOH HOH A . 
C 3 HOH 149 449 153 HOH HOH A . 
C 3 HOH 150 450 154 HOH HOH A . 
C 3 HOH 151 451 155 HOH HOH A . 
C 3 HOH 152 452 156 HOH HOH A . 
C 3 HOH 153 453 157 HOH HOH A . 
C 3 HOH 154 454 158 HOH HOH A . 
C 3 HOH 155 455 159 HOH HOH A . 
C 3 HOH 156 456 160 HOH HOH A . 
C 3 HOH 157 457 161 HOH HOH A . 
C 3 HOH 158 458 162 HOH HOH A . 
C 3 HOH 159 459 163 HOH HOH A . 
C 3 HOH 160 460 164 HOH HOH A . 
C 3 HOH 161 461 165 HOH HOH A . 
C 3 HOH 162 462 166 HOH HOH A . 
C 3 HOH 163 463 167 HOH HOH A . 
C 3 HOH 164 464 168 HOH HOH A . 
C 3 HOH 165 465 169 HOH HOH A . 
C 3 HOH 166 466 170 HOH HOH A . 
C 3 HOH 167 467 171 HOH HOH A . 
C 3 HOH 168 468 172 HOH HOH A . 
C 3 HOH 169 469 173 HOH HOH A . 
C 3 HOH 170 470 174 HOH HOH A . 
C 3 HOH 171 471 175 HOH HOH A . 
C 3 HOH 172 472 176 HOH HOH A . 
C 3 HOH 173 473 177 HOH HOH A . 
C 3 HOH 174 474 178 HOH HOH A . 
C 3 HOH 175 475 179 HOH HOH A . 
C 3 HOH 176 476 180 HOH HOH A . 
C 3 HOH 177 477 181 HOH HOH A . 
C 3 HOH 178 478 182 HOH HOH A . 
C 3 HOH 179 479 183 HOH HOH A . 
C 3 HOH 180 480 184 HOH HOH A . 
C 3 HOH 181 481 185 HOH HOH A . 
C 3 HOH 182 482 186 HOH HOH A . 
C 3 HOH 183 483 187 HOH HOH A . 
C 3 HOH 184 484 188 HOH HOH A . 
C 3 HOH 185 485 189 HOH HOH A . 
C 3 HOH 186 486 190 HOH HOH A . 
C 3 HOH 187 487 191 HOH HOH A . 
C 3 HOH 188 488 192 HOH HOH A . 
C 3 HOH 189 489 193 HOH HOH A . 
C 3 HOH 190 490 194 HOH HOH A . 
C 3 HOH 191 491 195 HOH HOH A . 
C 3 HOH 192 492 196 HOH HOH A . 
C 3 HOH 193 493 197 HOH HOH A . 
C 3 HOH 194 494 198 HOH HOH A . 
C 3 HOH 195 495 199 HOH HOH A . 
C 3 HOH 196 496 200 HOH HOH A . 
C 3 HOH 197 497 201 HOH HOH A . 
C 3 HOH 198 498 202 HOH HOH A . 
C 3 HOH 199 499 203 HOH HOH A . 
C 3 HOH 200 500 204 HOH HOH A . 
C 3 HOH 201 501 205 HOH HOH A . 
C 3 HOH 202 502 206 HOH HOH A . 
C 3 HOH 203 503 207 HOH HOH A . 
C 3 HOH 204 504 208 HOH HOH A . 
C 3 HOH 205 505 209 HOH HOH A . 
C 3 HOH 206 506 210 HOH HOH A . 
C 3 HOH 207 507 211 HOH HOH A . 
C 3 HOH 208 508 213 HOH HOH A . 
C 3 HOH 209 509 214 HOH HOH A . 
C 3 HOH 210 510 215 HOH HOH A . 
C 3 HOH 211 511 216 HOH HOH A . 
C 3 HOH 212 512 217 HOH HOH A . 
C 3 HOH 213 513 218 HOH HOH A . 
C 3 HOH 214 514 219 HOH HOH A . 
C 3 HOH 215 515 220 HOH HOH A . 
C 3 HOH 216 516 221 HOH HOH A . 
C 3 HOH 217 517 222 HOH HOH A . 
C 3 HOH 218 518 223 HOH HOH A . 
C 3 HOH 219 519 224 HOH HOH A . 
C 3 HOH 220 520 225 HOH HOH A . 
C 3 HOH 221 521 226 HOH HOH A . 
C 3 HOH 222 522 227 HOH HOH A . 
C 3 HOH 223 523 228 HOH HOH A . 
C 3 HOH 224 524 229 HOH HOH A . 
C 3 HOH 225 525 230 HOH HOH A . 
C 3 HOH 226 526 231 HOH HOH A . 
C 3 HOH 227 527 232 HOH HOH A . 
C 3 HOH 228 528 233 HOH HOH A . 
C 3 HOH 229 529 234 HOH HOH A . 
C 3 HOH 230 530 235 HOH HOH A . 
C 3 HOH 231 531 236 HOH HOH A . 
C 3 HOH 232 532 237 HOH HOH A . 
C 3 HOH 233 533 238 HOH HOH A . 
C 3 HOH 234 534 239 HOH HOH A . 
C 3 HOH 235 535 240 HOH HOH A . 
C 3 HOH 236 536 241 HOH HOH A . 
C 3 HOH 237 537 242 HOH HOH A . 
C 3 HOH 238 538 243 HOH HOH A . 
C 3 HOH 239 539 244 HOH HOH A . 
C 3 HOH 240 540 245 HOH HOH A . 
C 3 HOH 241 541 246 HOH HOH A . 
C 3 HOH 242 542 247 HOH HOH A . 
C 3 HOH 243 543 248 HOH HOH A . 
C 3 HOH 244 544 249 HOH HOH A . 
C 3 HOH 245 545 250 HOH HOH A . 
C 3 HOH 246 546 251 HOH HOH A . 
C 3 HOH 247 547 252 HOH HOH A . 
C 3 HOH 248 548 253 HOH HOH A . 
C 3 HOH 249 549 254 HOH HOH A . 
C 3 HOH 250 550 255 HOH HOH A . 
C 3 HOH 251 551 256 HOH HOH A . 
C 3 HOH 252 552 257 HOH HOH A . 
C 3 HOH 253 553 258 HOH HOH A . 
C 3 HOH 254 554 259 HOH HOH A . 
C 3 HOH 255 555 260 HOH HOH A . 
C 3 HOH 256 556 261 HOH HOH A . 
C 3 HOH 257 557 262 HOH HOH A . 
C 3 HOH 258 558 263 HOH HOH A . 
C 3 HOH 259 559 264 HOH HOH A . 
C 3 HOH 260 560 265 HOH HOH A . 
C 3 HOH 261 561 266 HOH HOH A . 
C 3 HOH 262 562 267 HOH HOH A . 
C 3 HOH 263 563 268 HOH HOH A . 
C 3 HOH 264 564 269 HOH HOH A . 
C 3 HOH 265 565 270 HOH HOH A . 
C 3 HOH 266 566 271 HOH HOH A . 
C 3 HOH 267 567 272 HOH HOH A . 
# 
_pdbx_struct_assembly.id                   1 
_pdbx_struct_assembly.details              author_and_software_defined_assembly 
_pdbx_struct_assembly.method_details       PISA 
_pdbx_struct_assembly.oligomeric_details   monomeric 
_pdbx_struct_assembly.oligomeric_count     1 
# 
_pdbx_struct_assembly_gen.assembly_id       1 
_pdbx_struct_assembly_gen.oper_expression   1 
_pdbx_struct_assembly_gen.asym_id_list      A,B,C 
# 
_pdbx_struct_oper_list.id                   1 
_pdbx_struct_oper_list.type                 'identity operation' 
_pdbx_struct_oper_list.name                 1_555 
_pdbx_struct_oper_list.symmetry_operation   x,y,z 
_pdbx_struct_oper_list.matrix[1][1]         1.0000000000 
_pdbx_struct_oper_list.matrix[1][2]         0.0000000000 
_pdbx_struct_oper_list.matrix[1][3]         0.0000000000 
_pdbx_struct_oper_list.vector[1]            0.0000000000 
_pdbx_struct_oper_list.matrix[2][1]         0.0000000000 
_pdbx_struct_oper_list.matrix[2][2]         1.0000000000 
_pdbx_struct_oper_list.matrix[2][3]         0.0000000000 
_pdbx_struct_oper_list.vector[2]            0.0000000000 
_pdbx_struct_oper_list.matrix[3][1]         0.0000000000 
_pdbx_struct_oper_list.matrix[3][2]         0.0000000000 
_pdbx_struct_oper_list.matrix[3][3]         1.0000000000 
_pdbx_struct_oper_list.vector[3]            0.0000000000 
# 
loop_
_pdbx_audit_revision_history.ordinal 
_pdbx_audit_revision_history.data_content_type 
_pdbx_audit_revision_history.major_revision 
_pdbx_audit_revision_history.minor_revision 
_pdbx_audit_revision_history.revision_date 
1 'Structure model' 1 0 2015-02-18 
2 'Structure model' 1 1 2015-03-11 
3 'Structure model' 1 2 2023-09-20 
# 
_pdbx_audit_revision_details.ordinal             1 
_pdbx_audit_revision_details.revision_ordinal    1 
_pdbx_audit_revision_details.data_content_type   'Structure model' 
_pdbx_audit_revision_details.provider            repository 
_pdbx_audit_revision_details.type                'Initial release' 
_pdbx_audit_revision_details.description         ? 
_pdbx_audit_revision_details.details             ? 
# 
loop_
_pdbx_audit_revision_group.ordinal 
_pdbx_audit_revision_group.revision_ordinal 
_pdbx_audit_revision_group.data_content_type 
_pdbx_audit_revision_group.group 
1 2 'Structure model' 'Database references'    
2 3 'Structure model' 'Data collection'        
3 3 'Structure model' 'Database references'    
4 3 'Structure model' 'Derived calculations'   
5 3 'Structure model' 'Refinement description' 
# 
loop_
_pdbx_audit_revision_category.ordinal 
_pdbx_audit_revision_category.revision_ordinal 
_pdbx_audit_revision_category.data_content_type 
_pdbx_audit_revision_category.category 
1 3 'Structure model' chem_comp_atom                
2 3 'Structure model' chem_comp_bond                
3 3 'Structure model' database_2                    
4 3 'Structure model' pdbx_initial_refinement_model 
5 3 'Structure model' struct_ref_seq_dif            
6 3 'Structure model' struct_site                   
# 
loop_
_pdbx_audit_revision_item.ordinal 
_pdbx_audit_revision_item.revision_ordinal 
_pdbx_audit_revision_item.data_content_type 
_pdbx_audit_revision_item.item 
1 3 'Structure model' '_database_2.pdbx_DOI'                
2 3 'Structure model' '_database_2.pdbx_database_accession' 
3 3 'Structure model' '_struct_ref_seq_dif.details'         
4 3 'Structure model' '_struct_site.pdbx_auth_asym_id'      
5 3 'Structure model' '_struct_site.pdbx_auth_comp_id'      
6 3 'Structure model' '_struct_site.pdbx_auth_seq_id'       
# 
loop_
_software.name 
_software.classification 
_software.version 
_software.citation_id 
_software.pdbx_ordinal 
DNA    'data collection' .                             ? 1 
PHASER phasing           .                             ? 2 
PHENIX refinement        '(phenix.refine: 1.8.4_1496)' ? 3 
XDS    'data reduction'  .                             ? 4 
SCALA  'data scaling'    .                             ? 5 
# 
loop_
_pdbx_validate_close_contact.id 
_pdbx_validate_close_contact.PDB_model_num 
_pdbx_validate_close_contact.auth_atom_id_1 
_pdbx_validate_close_contact.auth_asym_id_1 
_pdbx_validate_close_contact.auth_comp_id_1 
_pdbx_validate_close_contact.auth_seq_id_1 
_pdbx_validate_close_contact.PDB_ins_code_1 
_pdbx_validate_close_contact.label_alt_id_1 
_pdbx_validate_close_contact.auth_atom_id_2 
_pdbx_validate_close_contact.auth_asym_id_2 
_pdbx_validate_close_contact.auth_comp_id_2 
_pdbx_validate_close_contact.auth_seq_id_2 
_pdbx_validate_close_contact.PDB_ins_code_2 
_pdbx_validate_close_contact.label_alt_id_2 
_pdbx_validate_close_contact.dist 
1 1 O   A HOH 352 ? ? O A HOH 435 ? ? 2.16 
2 1 OD2 A ASP 113 ? ? O A HOH 456 ? ? 2.17 
3 1 NZ  A LYS 166 ? ? O A HOH 549 ? ? 2.17 
# 
loop_
_pdbx_validate_torsion.id 
_pdbx_validate_torsion.PDB_model_num 
_pdbx_validate_torsion.auth_comp_id 
_pdbx_validate_torsion.auth_asym_id 
_pdbx_validate_torsion.auth_seq_id 
_pdbx_validate_torsion.PDB_ins_code 
_pdbx_validate_torsion.label_alt_id 
_pdbx_validate_torsion.phi 
_pdbx_validate_torsion.psi 
1 1 ASN A 87  ? ? -123.21 -161.48 
2 1 SER A 169 ? ? -157.33 -18.89  
# 
loop_
_pdbx_unobs_or_zero_occ_residues.id 
_pdbx_unobs_or_zero_occ_residues.PDB_model_num 
_pdbx_unobs_or_zero_occ_residues.polymer_flag 
_pdbx_unobs_or_zero_occ_residues.occupancy_flag 
_pdbx_unobs_or_zero_occ_residues.auth_asym_id 
_pdbx_unobs_or_zero_occ_residues.auth_comp_id 
_pdbx_unobs_or_zero_occ_residues.auth_seq_id 
_pdbx_unobs_or_zero_occ_residues.PDB_ins_code 
_pdbx_unobs_or_zero_occ_residues.label_asym_id 
_pdbx_unobs_or_zero_occ_residues.label_comp_id 
_pdbx_unobs_or_zero_occ_residues.label_seq_id 
1  1 Y 1 A MET -20 ? A MET 1  
2  1 Y 1 A GLY -19 ? A GLY 2  
3  1 Y 1 A SER -18 ? A SER 3  
4  1 Y 1 A SER -17 ? A SER 4  
5  1 Y 1 A HIS -16 ? A HIS 5  
6  1 Y 1 A HIS -15 ? A HIS 6  
7  1 Y 1 A HIS -14 ? A HIS 7  
8  1 Y 1 A HIS -13 ? A HIS 8  
9  1 Y 1 A HIS -12 ? A HIS 9  
10 1 Y 1 A HIS -11 ? A HIS 10 
11 1 Y 1 A SER -10 ? A SER 11 
12 1 Y 1 A SER -9  ? A SER 12 
13 1 Y 1 A GLY -8  ? A GLY 13 
14 1 Y 1 A LEU -7  ? A LEU 14 
15 1 Y 1 A VAL -6  ? A VAL 15 
16 1 Y 1 A PRO -5  ? A PRO 16 
17 1 Y 1 A ARG -4  ? A ARG 17 
18 1 Y 1 A GLY -3  ? A GLY 18 
19 1 Y 1 A SER -2  ? A SER 19 
20 1 Y 1 A HIS -1  ? A HIS 20 
21 1 Y 1 A MET 0   ? A MET 21 
22 1 Y 1 A PRO 1   ? A PRO 22 
23 1 Y 1 A GLU 2   ? A GLU 23 
# 
loop_
_chem_comp_atom.comp_id 
_chem_comp_atom.atom_id 
_chem_comp_atom.type_symbol 
_chem_comp_atom.pdbx_aromatic_flag 
_chem_comp_atom.pdbx_stereo_config 
_chem_comp_atom.pdbx_ordinal 
ALA N    N N N 1   
ALA CA   C N S 2   
ALA C    C N N 3   
ALA O    O N N 4   
ALA CB   C N N 5   
ALA OXT  O N N 6   
ALA H    H N N 7   
ALA H2   H N N 8   
ALA HA   H N N 9   
ALA HB1  H N N 10  
ALA HB2  H N N 11  
ALA HB3  H N N 12  
ALA HXT  H N N 13  
ARG N    N N N 14  
ARG CA   C N S 15  
ARG C    C N N 16  
ARG O    O N N 17  
ARG CB   C N N 18  
ARG CG   C N N 19  
ARG CD   C N N 20  
ARG NE   N N N 21  
ARG CZ   C N N 22  
ARG NH1  N N N 23  
ARG NH2  N N N 24  
ARG OXT  O N N 25  
ARG H    H N N 26  
ARG H2   H N N 27  
ARG HA   H N N 28  
ARG HB2  H N N 29  
ARG HB3  H N N 30  
ARG HG2  H N N 31  
ARG HG3  H N N 32  
ARG HD2  H N N 33  
ARG HD3  H N N 34  
ARG HE   H N N 35  
ARG HH11 H N N 36  
ARG HH12 H N N 37  
ARG HH21 H N N 38  
ARG HH22 H N N 39  
ARG HXT  H N N 40  
ASN N    N N N 41  
ASN CA   C N S 42  
ASN C    C N N 43  
ASN O    O N N 44  
ASN CB   C N N 45  
ASN CG   C N N 46  
ASN OD1  O N N 47  
ASN ND2  N N N 48  
ASN OXT  O N N 49  
ASN H    H N N 50  
ASN H2   H N N 51  
ASN HA   H N N 52  
ASN HB2  H N N 53  
ASN HB3  H N N 54  
ASN HD21 H N N 55  
ASN HD22 H N N 56  
ASN HXT  H N N 57  
ASP N    N N N 58  
ASP CA   C N S 59  
ASP C    C N N 60  
ASP O    O N N 61  
ASP CB   C N N 62  
ASP CG   C N N 63  
ASP OD1  O N N 64  
ASP OD2  O N N 65  
ASP OXT  O N N 66  
ASP H    H N N 67  
ASP H2   H N N 68  
ASP HA   H N N 69  
ASP HB2  H N N 70  
ASP HB3  H N N 71  
ASP HD2  H N N 72  
ASP HXT  H N N 73  
CYS N    N N N 74  
CYS CA   C N R 75  
CYS C    C N N 76  
CYS O    O N N 77  
CYS CB   C N N 78  
CYS SG   S N N 79  
CYS OXT  O N N 80  
CYS H    H N N 81  
CYS H2   H N N 82  
CYS HA   H N N 83  
CYS HB2  H N N 84  
CYS HB3  H N N 85  
CYS HG   H N N 86  
CYS HXT  H N N 87  
GLN N    N N N 88  
GLN CA   C N S 89  
GLN C    C N N 90  
GLN O    O N N 91  
GLN CB   C N N 92  
GLN CG   C N N 93  
GLN CD   C N N 94  
GLN OE1  O N N 95  
GLN NE2  N N N 96  
GLN OXT  O N N 97  
GLN H    H N N 98  
GLN H2   H N N 99  
GLN HA   H N N 100 
GLN HB2  H N N 101 
GLN HB3  H N N 102 
GLN HG2  H N N 103 
GLN HG3  H N N 104 
GLN HE21 H N N 105 
GLN HE22 H N N 106 
GLN HXT  H N N 107 
GLU N    N N N 108 
GLU CA   C N S 109 
GLU C    C N N 110 
GLU O    O N N 111 
GLU CB   C N N 112 
GLU CG   C N N 113 
GLU CD   C N N 114 
GLU OE1  O N N 115 
GLU OE2  O N N 116 
GLU OXT  O N N 117 
GLU H    H N N 118 
GLU H2   H N N 119 
GLU HA   H N N 120 
GLU HB2  H N N 121 
GLU HB3  H N N 122 
GLU HG2  H N N 123 
GLU HG3  H N N 124 
GLU HE2  H N N 125 
GLU HXT  H N N 126 
GLY N    N N N 127 
GLY CA   C N N 128 
GLY C    C N N 129 
GLY O    O N N 130 
GLY OXT  O N N 131 
GLY H    H N N 132 
GLY H2   H N N 133 
GLY HA2  H N N 134 
GLY HA3  H N N 135 
GLY HXT  H N N 136 
GOL C1   C N N 137 
GOL O1   O N N 138 
GOL C2   C N N 139 
GOL O2   O N N 140 
GOL C3   C N N 141 
GOL O3   O N N 142 
GOL H11  H N N 143 
GOL H12  H N N 144 
GOL HO1  H N N 145 
GOL H2   H N N 146 
GOL HO2  H N N 147 
GOL H31  H N N 148 
GOL H32  H N N 149 
GOL HO3  H N N 150 
HIS N    N N N 151 
HIS CA   C N S 152 
HIS C    C N N 153 
HIS O    O N N 154 
HIS CB   C N N 155 
HIS CG   C Y N 156 
HIS ND1  N Y N 157 
HIS CD2  C Y N 158 
HIS CE1  C Y N 159 
HIS NE2  N Y N 160 
HIS OXT  O N N 161 
HIS H    H N N 162 
HIS H2   H N N 163 
HIS HA   H N N 164 
HIS HB2  H N N 165 
HIS HB3  H N N 166 
HIS HD1  H N N 167 
HIS HD2  H N N 168 
HIS HE1  H N N 169 
HIS HE2  H N N 170 
HIS HXT  H N N 171 
HOH O    O N N 172 
HOH H1   H N N 173 
HOH H2   H N N 174 
ILE N    N N N 175 
ILE CA   C N S 176 
ILE C    C N N 177 
ILE O    O N N 178 
ILE CB   C N S 179 
ILE CG1  C N N 180 
ILE CG2  C N N 181 
ILE CD1  C N N 182 
ILE OXT  O N N 183 
ILE H    H N N 184 
ILE H2   H N N 185 
ILE HA   H N N 186 
ILE HB   H N N 187 
ILE HG12 H N N 188 
ILE HG13 H N N 189 
ILE HG21 H N N 190 
ILE HG22 H N N 191 
ILE HG23 H N N 192 
ILE HD11 H N N 193 
ILE HD12 H N N 194 
ILE HD13 H N N 195 
ILE HXT  H N N 196 
LEU N    N N N 197 
LEU CA   C N S 198 
LEU C    C N N 199 
LEU O    O N N 200 
LEU CB   C N N 201 
LEU CG   C N N 202 
LEU CD1  C N N 203 
LEU CD2  C N N 204 
LEU OXT  O N N 205 
LEU H    H N N 206 
LEU H2   H N N 207 
LEU HA   H N N 208 
LEU HB2  H N N 209 
LEU HB3  H N N 210 
LEU HG   H N N 211 
LEU HD11 H N N 212 
LEU HD12 H N N 213 
LEU HD13 H N N 214 
LEU HD21 H N N 215 
LEU HD22 H N N 216 
LEU HD23 H N N 217 
LEU HXT  H N N 218 
LYS N    N N N 219 
LYS CA   C N S 220 
LYS C    C N N 221 
LYS O    O N N 222 
LYS CB   C N N 223 
LYS CG   C N N 224 
LYS CD   C N N 225 
LYS CE   C N N 226 
LYS NZ   N N N 227 
LYS OXT  O N N 228 
LYS H    H N N 229 
LYS H2   H N N 230 
LYS HA   H N N 231 
LYS HB2  H N N 232 
LYS HB3  H N N 233 
LYS HG2  H N N 234 
LYS HG3  H N N 235 
LYS HD2  H N N 236 
LYS HD3  H N N 237 
LYS HE2  H N N 238 
LYS HE3  H N N 239 
LYS HZ1  H N N 240 
LYS HZ2  H N N 241 
LYS HZ3  H N N 242 
LYS HXT  H N N 243 
MET N    N N N 244 
MET CA   C N S 245 
MET C    C N N 246 
MET O    O N N 247 
MET CB   C N N 248 
MET CG   C N N 249 
MET SD   S N N 250 
MET CE   C N N 251 
MET OXT  O N N 252 
MET H    H N N 253 
MET H2   H N N 254 
MET HA   H N N 255 
MET HB2  H N N 256 
MET HB3  H N N 257 
MET HG2  H N N 258 
MET HG3  H N N 259 
MET HE1  H N N 260 
MET HE2  H N N 261 
MET HE3  H N N 262 
MET HXT  H N N 263 
PHE N    N N N 264 
PHE CA   C N S 265 
PHE C    C N N 266 
PHE O    O N N 267 
PHE CB   C N N 268 
PHE CG   C Y N 269 
PHE CD1  C Y N 270 
PHE CD2  C Y N 271 
PHE CE1  C Y N 272 
PHE CE2  C Y N 273 
PHE CZ   C Y N 274 
PHE OXT  O N N 275 
PHE H    H N N 276 
PHE H2   H N N 277 
PHE HA   H N N 278 
PHE HB2  H N N 279 
PHE HB3  H N N 280 
PHE HD1  H N N 281 
PHE HD2  H N N 282 
PHE HE1  H N N 283 
PHE HE2  H N N 284 
PHE HZ   H N N 285 
PHE HXT  H N N 286 
PRO N    N N N 287 
PRO CA   C N S 288 
PRO C    C N N 289 
PRO O    O N N 290 
PRO CB   C N N 291 
PRO CG   C N N 292 
PRO CD   C N N 293 
PRO OXT  O N N 294 
PRO H    H N N 295 
PRO HA   H N N 296 
PRO HB2  H N N 297 
PRO HB3  H N N 298 
PRO HG2  H N N 299 
PRO HG3  H N N 300 
PRO HD2  H N N 301 
PRO HD3  H N N 302 
PRO HXT  H N N 303 
SER N    N N N 304 
SER CA   C N S 305 
SER C    C N N 306 
SER O    O N N 307 
SER CB   C N N 308 
SER OG   O N N 309 
SER OXT  O N N 310 
SER H    H N N 311 
SER H2   H N N 312 
SER HA   H N N 313 
SER HB2  H N N 314 
SER HB3  H N N 315 
SER HG   H N N 316 
SER HXT  H N N 317 
THR N    N N N 318 
THR CA   C N S 319 
THR C    C N N 320 
THR O    O N N 321 
THR CB   C N R 322 
THR OG1  O N N 323 
THR CG2  C N N 324 
THR OXT  O N N 325 
THR H    H N N 326 
THR H2   H N N 327 
THR HA   H N N 328 
THR HB   H N N 329 
THR HG1  H N N 330 
THR HG21 H N N 331 
THR HG22 H N N 332 
THR HG23 H N N 333 
THR HXT  H N N 334 
TRP N    N N N 335 
TRP CA   C N S 336 
TRP C    C N N 337 
TRP O    O N N 338 
TRP CB   C N N 339 
TRP CG   C Y N 340 
TRP CD1  C Y N 341 
TRP CD2  C Y N 342 
TRP NE1  N Y N 343 
TRP CE2  C Y N 344 
TRP CE3  C Y N 345 
TRP CZ2  C Y N 346 
TRP CZ3  C Y N 347 
TRP CH2  C Y N 348 
TRP OXT  O N N 349 
TRP H    H N N 350 
TRP H2   H N N 351 
TRP HA   H N N 352 
TRP HB2  H N N 353 
TRP HB3  H N N 354 
TRP HD1  H N N 355 
TRP HE1  H N N 356 
TRP HE3  H N N 357 
TRP HZ2  H N N 358 
TRP HZ3  H N N 359 
TRP HH2  H N N 360 
TRP HXT  H N N 361 
TYR N    N N N 362 
TYR CA   C N S 363 
TYR C    C N N 364 
TYR O    O N N 365 
TYR CB   C N N 366 
TYR CG   C Y N 367 
TYR CD1  C Y N 368 
TYR CD2  C Y N 369 
TYR CE1  C Y N 370 
TYR CE2  C Y N 371 
TYR CZ   C Y N 372 
TYR OH   O N N 373 
TYR OXT  O N N 374 
TYR H    H N N 375 
TYR H2   H N N 376 
TYR HA   H N N 377 
TYR HB2  H N N 378 
TYR HB3  H N N 379 
TYR HD1  H N N 380 
TYR HD2  H N N 381 
TYR HE1  H N N 382 
TYR HE2  H N N 383 
TYR HH   H N N 384 
TYR HXT  H N N 385 
VAL N    N N N 386 
VAL CA   C N S 387 
VAL C    C N N 388 
VAL O    O N N 389 
VAL CB   C N N 390 
VAL CG1  C N N 391 
VAL CG2  C N N 392 
VAL OXT  O N N 393 
VAL H    H N N 394 
VAL H2   H N N 395 
VAL HA   H N N 396 
VAL HB   H N N 397 
VAL HG11 H N N 398 
VAL HG12 H N N 399 
VAL HG13 H N N 400 
VAL HG21 H N N 401 
VAL HG22 H N N 402 
VAL HG23 H N N 403 
VAL HXT  H N N 404 
# 
loop_
_chem_comp_bond.comp_id 
_chem_comp_bond.atom_id_1 
_chem_comp_bond.atom_id_2 
_chem_comp_bond.value_order 
_chem_comp_bond.pdbx_aromatic_flag 
_chem_comp_bond.pdbx_stereo_config 
_chem_comp_bond.pdbx_ordinal 
ALA N   CA   sing N N 1   
ALA N   H    sing N N 2   
ALA N   H2   sing N N 3   
ALA CA  C    sing N N 4   
ALA CA  CB   sing N N 5   
ALA CA  HA   sing N N 6   
ALA C   O    doub N N 7   
ALA C   OXT  sing N N 8   
ALA CB  HB1  sing N N 9   
ALA CB  HB2  sing N N 10  
ALA CB  HB3  sing N N 11  
ALA OXT HXT  sing N N 12  
ARG N   CA   sing N N 13  
ARG N   H    sing N N 14  
ARG N   H2   sing N N 15  
ARG CA  C    sing N N 16  
ARG CA  CB   sing N N 17  
ARG CA  HA   sing N N 18  
ARG C   O    doub N N 19  
ARG C   OXT  sing N N 20  
ARG CB  CG   sing N N 21  
ARG CB  HB2  sing N N 22  
ARG CB  HB3  sing N N 23  
ARG CG  CD   sing N N 24  
ARG CG  HG2  sing N N 25  
ARG CG  HG3  sing N N 26  
ARG CD  NE   sing N N 27  
ARG CD  HD2  sing N N 28  
ARG CD  HD3  sing N N 29  
ARG NE  CZ   sing N N 30  
ARG NE  HE   sing N N 31  
ARG CZ  NH1  sing N N 32  
ARG CZ  NH2  doub N N 33  
ARG NH1 HH11 sing N N 34  
ARG NH1 HH12 sing N N 35  
ARG NH2 HH21 sing N N 36  
ARG NH2 HH22 sing N N 37  
ARG OXT HXT  sing N N 38  
ASN N   CA   sing N N 39  
ASN N   H    sing N N 40  
ASN N   H2   sing N N 41  
ASN CA  C    sing N N 42  
ASN CA  CB   sing N N 43  
ASN CA  HA   sing N N 44  
ASN C   O    doub N N 45  
ASN C   OXT  sing N N 46  
ASN CB  CG   sing N N 47  
ASN CB  HB2  sing N N 48  
ASN CB  HB3  sing N N 49  
ASN CG  OD1  doub N N 50  
ASN CG  ND2  sing N N 51  
ASN ND2 HD21 sing N N 52  
ASN ND2 HD22 sing N N 53  
ASN OXT HXT  sing N N 54  
ASP N   CA   sing N N 55  
ASP N   H    sing N N 56  
ASP N   H2   sing N N 57  
ASP CA  C    sing N N 58  
ASP CA  CB   sing N N 59  
ASP CA  HA   sing N N 60  
ASP C   O    doub N N 61  
ASP C   OXT  sing N N 62  
ASP CB  CG   sing N N 63  
ASP CB  HB2  sing N N 64  
ASP CB  HB3  sing N N 65  
ASP CG  OD1  doub N N 66  
ASP CG  OD2  sing N N 67  
ASP OD2 HD2  sing N N 68  
ASP OXT HXT  sing N N 69  
CYS N   CA   sing N N 70  
CYS N   H    sing N N 71  
CYS N   H2   sing N N 72  
CYS CA  C    sing N N 73  
CYS CA  CB   sing N N 74  
CYS CA  HA   sing N N 75  
CYS C   O    doub N N 76  
CYS C   OXT  sing N N 77  
CYS CB  SG   sing N N 78  
CYS CB  HB2  sing N N 79  
CYS CB  HB3  sing N N 80  
CYS SG  HG   sing N N 81  
CYS OXT HXT  sing N N 82  
GLN N   CA   sing N N 83  
GLN N   H    sing N N 84  
GLN N   H2   sing N N 85  
GLN CA  C    sing N N 86  
GLN CA  CB   sing N N 87  
GLN CA  HA   sing N N 88  
GLN C   O    doub N N 89  
GLN C   OXT  sing N N 90  
GLN CB  CG   sing N N 91  
GLN CB  HB2  sing N N 92  
GLN CB  HB3  sing N N 93  
GLN CG  CD   sing N N 94  
GLN CG  HG2  sing N N 95  
GLN CG  HG3  sing N N 96  
GLN CD  OE1  doub N N 97  
GLN CD  NE2  sing N N 98  
GLN NE2 HE21 sing N N 99  
GLN NE2 HE22 sing N N 100 
GLN OXT HXT  sing N N 101 
GLU N   CA   sing N N 102 
GLU N   H    sing N N 103 
GLU N   H2   sing N N 104 
GLU CA  C    sing N N 105 
GLU CA  CB   sing N N 106 
GLU CA  HA   sing N N 107 
GLU C   O    doub N N 108 
GLU C   OXT  sing N N 109 
GLU CB  CG   sing N N 110 
GLU CB  HB2  sing N N 111 
GLU CB  HB3  sing N N 112 
GLU CG  CD   sing N N 113 
GLU CG  HG2  sing N N 114 
GLU CG  HG3  sing N N 115 
GLU CD  OE1  doub N N 116 
GLU CD  OE2  sing N N 117 
GLU OE2 HE2  sing N N 118 
GLU OXT HXT  sing N N 119 
GLY N   CA   sing N N 120 
GLY N   H    sing N N 121 
GLY N   H2   sing N N 122 
GLY CA  C    sing N N 123 
GLY CA  HA2  sing N N 124 
GLY CA  HA3  sing N N 125 
GLY C   O    doub N N 126 
GLY C   OXT  sing N N 127 
GLY OXT HXT  sing N N 128 
GOL C1  O1   sing N N 129 
GOL C1  C2   sing N N 130 
GOL C1  H11  sing N N 131 
GOL C1  H12  sing N N 132 
GOL O1  HO1  sing N N 133 
GOL C2  O2   sing N N 134 
GOL C2  C3   sing N N 135 
GOL C2  H2   sing N N 136 
GOL O2  HO2  sing N N 137 
GOL C3  O3   sing N N 138 
GOL C3  H31  sing N N 139 
GOL C3  H32  sing N N 140 
GOL O3  HO3  sing N N 141 
HIS N   CA   sing N N 142 
HIS N   H    sing N N 143 
HIS N   H2   sing N N 144 
HIS CA  C    sing N N 145 
HIS CA  CB   sing N N 146 
HIS CA  HA   sing N N 147 
HIS C   O    doub N N 148 
HIS C   OXT  sing N N 149 
HIS CB  CG   sing N N 150 
HIS CB  HB2  sing N N 151 
HIS CB  HB3  sing N N 152 
HIS CG  ND1  sing Y N 153 
HIS CG  CD2  doub Y N 154 
HIS ND1 CE1  doub Y N 155 
HIS ND1 HD1  sing N N 156 
HIS CD2 NE2  sing Y N 157 
HIS CD2 HD2  sing N N 158 
HIS CE1 NE2  sing Y N 159 
HIS CE1 HE1  sing N N 160 
HIS NE2 HE2  sing N N 161 
HIS OXT HXT  sing N N 162 
HOH O   H1   sing N N 163 
HOH O   H2   sing N N 164 
ILE N   CA   sing N N 165 
ILE N   H    sing N N 166 
ILE N   H2   sing N N 167 
ILE CA  C    sing N N 168 
ILE CA  CB   sing N N 169 
ILE CA  HA   sing N N 170 
ILE C   O    doub N N 171 
ILE C   OXT  sing N N 172 
ILE CB  CG1  sing N N 173 
ILE CB  CG2  sing N N 174 
ILE CB  HB   sing N N 175 
ILE CG1 CD1  sing N N 176 
ILE CG1 HG12 sing N N 177 
ILE CG1 HG13 sing N N 178 
ILE CG2 HG21 sing N N 179 
ILE CG2 HG22 sing N N 180 
ILE CG2 HG23 sing N N 181 
ILE CD1 HD11 sing N N 182 
ILE CD1 HD12 sing N N 183 
ILE CD1 HD13 sing N N 184 
ILE OXT HXT  sing N N 185 
LEU N   CA   sing N N 186 
LEU N   H    sing N N 187 
LEU N   H2   sing N N 188 
LEU CA  C    sing N N 189 
LEU CA  CB   sing N N 190 
LEU CA  HA   sing N N 191 
LEU C   O    doub N N 192 
LEU C   OXT  sing N N 193 
LEU CB  CG   sing N N 194 
LEU CB  HB2  sing N N 195 
LEU CB  HB3  sing N N 196 
LEU CG  CD1  sing N N 197 
LEU CG  CD2  sing N N 198 
LEU CG  HG   sing N N 199 
LEU CD1 HD11 sing N N 200 
LEU CD1 HD12 sing N N 201 
LEU CD1 HD13 sing N N 202 
LEU CD2 HD21 sing N N 203 
LEU CD2 HD22 sing N N 204 
LEU CD2 HD23 sing N N 205 
LEU OXT HXT  sing N N 206 
LYS N   CA   sing N N 207 
LYS N   H    sing N N 208 
LYS N   H2   sing N N 209 
LYS CA  C    sing N N 210 
LYS CA  CB   sing N N 211 
LYS CA  HA   sing N N 212 
LYS C   O    doub N N 213 
LYS C   OXT  sing N N 214 
LYS CB  CG   sing N N 215 
LYS CB  HB2  sing N N 216 
LYS CB  HB3  sing N N 217 
LYS CG  CD   sing N N 218 
LYS CG  HG2  sing N N 219 
LYS CG  HG3  sing N N 220 
LYS CD  CE   sing N N 221 
LYS CD  HD2  sing N N 222 
LYS CD  HD3  sing N N 223 
LYS CE  NZ   sing N N 224 
LYS CE  HE2  sing N N 225 
LYS CE  HE3  sing N N 226 
LYS NZ  HZ1  sing N N 227 
LYS NZ  HZ2  sing N N 228 
LYS NZ  HZ3  sing N N 229 
LYS OXT HXT  sing N N 230 
MET N   CA   sing N N 231 
MET N   H    sing N N 232 
MET N   H2   sing N N 233 
MET CA  C    sing N N 234 
MET CA  CB   sing N N 235 
MET CA  HA   sing N N 236 
MET C   O    doub N N 237 
MET C   OXT  sing N N 238 
MET CB  CG   sing N N 239 
MET CB  HB2  sing N N 240 
MET CB  HB3  sing N N 241 
MET CG  SD   sing N N 242 
MET CG  HG2  sing N N 243 
MET CG  HG3  sing N N 244 
MET SD  CE   sing N N 245 
MET CE  HE1  sing N N 246 
MET CE  HE2  sing N N 247 
MET CE  HE3  sing N N 248 
MET OXT HXT  sing N N 249 
PHE N   CA   sing N N 250 
PHE N   H    sing N N 251 
PHE N   H2   sing N N 252 
PHE CA  C    sing N N 253 
PHE CA  CB   sing N N 254 
PHE CA  HA   sing N N 255 
PHE C   O    doub N N 256 
PHE C   OXT  sing N N 257 
PHE CB  CG   sing N N 258 
PHE CB  HB2  sing N N 259 
PHE CB  HB3  sing N N 260 
PHE CG  CD1  doub Y N 261 
PHE CG  CD2  sing Y N 262 
PHE CD1 CE1  sing Y N 263 
PHE CD1 HD1  sing N N 264 
PHE CD2 CE2  doub Y N 265 
PHE CD2 HD2  sing N N 266 
PHE CE1 CZ   doub Y N 267 
PHE CE1 HE1  sing N N 268 
PHE CE2 CZ   sing Y N 269 
PHE CE2 HE2  sing N N 270 
PHE CZ  HZ   sing N N 271 
PHE OXT HXT  sing N N 272 
PRO N   CA   sing N N 273 
PRO N   CD   sing N N 274 
PRO N   H    sing N N 275 
PRO CA  C    sing N N 276 
PRO CA  CB   sing N N 277 
PRO CA  HA   sing N N 278 
PRO C   O    doub N N 279 
PRO C   OXT  sing N N 280 
PRO CB  CG   sing N N 281 
PRO CB  HB2  sing N N 282 
PRO CB  HB3  sing N N 283 
PRO CG  CD   sing N N 284 
PRO CG  HG2  sing N N 285 
PRO CG  HG3  sing N N 286 
PRO CD  HD2  sing N N 287 
PRO CD  HD3  sing N N 288 
PRO OXT HXT  sing N N 289 
SER N   CA   sing N N 290 
SER N   H    sing N N 291 
SER N   H2   sing N N 292 
SER CA  C    sing N N 293 
SER CA  CB   sing N N 294 
SER CA  HA   sing N N 295 
SER C   O    doub N N 296 
SER C   OXT  sing N N 297 
SER CB  OG   sing N N 298 
SER CB  HB2  sing N N 299 
SER CB  HB3  sing N N 300 
SER OG  HG   sing N N 301 
SER OXT HXT  sing N N 302 
THR N   CA   sing N N 303 
THR N   H    sing N N 304 
THR N   H2   sing N N 305 
THR CA  C    sing N N 306 
THR CA  CB   sing N N 307 
THR CA  HA   sing N N 308 
THR C   O    doub N N 309 
THR C   OXT  sing N N 310 
THR CB  OG1  sing N N 311 
THR CB  CG2  sing N N 312 
THR CB  HB   sing N N 313 
THR OG1 HG1  sing N N 314 
THR CG2 HG21 sing N N 315 
THR CG2 HG22 sing N N 316 
THR CG2 HG23 sing N N 317 
THR OXT HXT  sing N N 318 
TRP N   CA   sing N N 319 
TRP N   H    sing N N 320 
TRP N   H2   sing N N 321 
TRP CA  C    sing N N 322 
TRP CA  CB   sing N N 323 
TRP CA  HA   sing N N 324 
TRP C   O    doub N N 325 
TRP C   OXT  sing N N 326 
TRP CB  CG   sing N N 327 
TRP CB  HB2  sing N N 328 
TRP CB  HB3  sing N N 329 
TRP CG  CD1  doub Y N 330 
TRP CG  CD2  sing Y N 331 
TRP CD1 NE1  sing Y N 332 
TRP CD1 HD1  sing N N 333 
TRP CD2 CE2  doub Y N 334 
TRP CD2 CE3  sing Y N 335 
TRP NE1 CE2  sing Y N 336 
TRP NE1 HE1  sing N N 337 
TRP CE2 CZ2  sing Y N 338 
TRP CE3 CZ3  doub Y N 339 
TRP CE3 HE3  sing N N 340 
TRP CZ2 CH2  doub Y N 341 
TRP CZ2 HZ2  sing N N 342 
TRP CZ3 CH2  sing Y N 343 
TRP CZ3 HZ3  sing N N 344 
TRP CH2 HH2  sing N N 345 
TRP OXT HXT  sing N N 346 
TYR N   CA   sing N N 347 
TYR N   H    sing N N 348 
TYR N   H2   sing N N 349 
TYR CA  C    sing N N 350 
TYR CA  CB   sing N N 351 
TYR CA  HA   sing N N 352 
TYR C   O    doub N N 353 
TYR C   OXT  sing N N 354 
TYR CB  CG   sing N N 355 
TYR CB  HB2  sing N N 356 
TYR CB  HB3  sing N N 357 
TYR CG  CD1  doub Y N 358 
TYR CG  CD2  sing Y N 359 
TYR CD1 CE1  sing Y N 360 
TYR CD1 HD1  sing N N 361 
TYR CD2 CE2  doub Y N 362 
TYR CD2 HD2  sing N N 363 
TYR CE1 CZ   doub Y N 364 
TYR CE1 HE1  sing N N 365 
TYR CE2 CZ   sing Y N 366 
TYR CE2 HE2  sing N N 367 
TYR CZ  OH   sing N N 368 
TYR OH  HH   sing N N 369 
TYR OXT HXT  sing N N 370 
VAL N   CA   sing N N 371 
VAL N   H    sing N N 372 
VAL N   H2   sing N N 373 
VAL CA  C    sing N N 374 
VAL CA  CB   sing N N 375 
VAL CA  HA   sing N N 376 
VAL C   O    doub N N 377 
VAL C   OXT  sing N N 378 
VAL CB  CG1  sing N N 379 
VAL CB  CG2  sing N N 380 
VAL CB  HB   sing N N 381 
VAL CG1 HG11 sing N N 382 
VAL CG1 HG12 sing N N 383 
VAL CG1 HG13 sing N N 384 
VAL CG2 HG21 sing N N 385 
VAL CG2 HG22 sing N N 386 
VAL CG2 HG23 sing N N 387 
VAL OXT HXT  sing N N 388 
# 
loop_
_pdbx_entity_nonpoly.entity_id 
_pdbx_entity_nonpoly.name 
_pdbx_entity_nonpoly.comp_id 
2 GLYCEROL GOL 
3 water    HOH 
# 
_pdbx_initial_refinement_model.id               1 
_pdbx_initial_refinement_model.entity_id_list   ? 
_pdbx_initial_refinement_model.type             'experimental model' 
_pdbx_initial_refinement_model.source_name      PDB 
_pdbx_initial_refinement_model.accession_code   1FL0 
_pdbx_initial_refinement_model.details          ? 
# 
